data_3VZV
# 
_entry.id   3VZV 
# 
_audit_conform.dict_name       mmcif_pdbx.dic 
_audit_conform.dict_version    5.388 
_audit_conform.dict_location   http://mmcif.pdb.org/dictionaries/ascii/mmcif_pdbx.dic 
# 
loop_
_database_2.database_id 
_database_2.database_code 
_database_2.pdbx_database_accession 
_database_2.pdbx_DOI 
PDB   3VZV         pdb_00003vzv 10.2210/pdb3vzv/pdb 
RCSB  RCSB095708   ?            ?                   
WWPDB D_1000095708 ?            ?                   
# 
loop_
_pdbx_audit_revision_history.ordinal 
_pdbx_audit_revision_history.data_content_type 
_pdbx_audit_revision_history.major_revision 
_pdbx_audit_revision_history.minor_revision 
_pdbx_audit_revision_history.revision_date 
1 'Structure model' 1 0 2013-02-06 
2 'Structure model' 1 1 2024-03-20 
# 
_pdbx_audit_revision_details.ordinal             1 
_pdbx_audit_revision_details.revision_ordinal    1 
_pdbx_audit_revision_details.data_content_type   'Structure model' 
_pdbx_audit_revision_details.provider            repository 
_pdbx_audit_revision_details.type                'Initial release' 
_pdbx_audit_revision_details.description         ? 
_pdbx_audit_revision_details.details             ? 
# 
loop_
_pdbx_audit_revision_group.ordinal 
_pdbx_audit_revision_group.revision_ordinal 
_pdbx_audit_revision_group.data_content_type 
_pdbx_audit_revision_group.group 
1 2 'Structure model' 'Data collection'      
2 2 'Structure model' 'Database references'  
3 2 'Structure model' 'Derived calculations' 
# 
loop_
_pdbx_audit_revision_category.ordinal 
_pdbx_audit_revision_category.revision_ordinal 
_pdbx_audit_revision_category.data_content_type 
_pdbx_audit_revision_category.category 
1 2 'Structure model' chem_comp_atom     
2 2 'Structure model' chem_comp_bond     
3 2 'Structure model' database_2         
4 2 'Structure model' struct_ref_seq_dif 
5 2 'Structure model' struct_site        
# 
loop_
_pdbx_audit_revision_item.ordinal 
_pdbx_audit_revision_item.revision_ordinal 
_pdbx_audit_revision_item.data_content_type 
_pdbx_audit_revision_item.item 
1 2 'Structure model' '_database_2.pdbx_DOI'                
2 2 'Structure model' '_database_2.pdbx_database_accession' 
3 2 'Structure model' '_struct_ref_seq_dif.details'         
4 2 'Structure model' '_struct_site.pdbx_auth_asym_id'      
5 2 'Structure model' '_struct_site.pdbx_auth_comp_id'      
6 2 'Structure model' '_struct_site.pdbx_auth_seq_id'       
# 
_pdbx_database_status.status_code                     REL 
_pdbx_database_status.entry_id                        3VZV 
_pdbx_database_status.recvd_initial_deposition_date   2012-10-16 
_pdbx_database_status.deposit_site                    PDBJ 
_pdbx_database_status.process_site                    PDBJ 
_pdbx_database_status.methods_development_category    ? 
_pdbx_database_status.status_code_sf                  REL 
_pdbx_database_status.status_code_mr                  ? 
_pdbx_database_status.SG_entry                        ? 
_pdbx_database_status.status_code_cs                  ? 
_pdbx_database_status.pdb_format_compatible           Y 
_pdbx_database_status.status_code_nmr_data            ? 
# 
loop_
_audit_author.name 
_audit_author.pdbx_ordinal 
'Shimizu, H.'  1 
'Katakura, S.' 2 
'Miyazaki, M.' 3 
'Naito, H.'    4 
'Sugimoto, Y.' 5 
'Kawato, H.'   6 
'Okayama, T.'  7 
'Soga, T.'     8 
# 
_citation.id                        primary 
_citation.title                     
'Lead optimization of novel p53-MDM2 interaction inhibitors possessing dihydroimidazothiazole scaffold' 
_citation.journal_abbrev            Bioorg.Med.Chem.Lett. 
_citation.journal_volume            23 
_citation.page_first                728 
_citation.page_last                 732 
_citation.year                      2013 
_citation.journal_id_ASTM           BMCLE8 
_citation.country                   UK 
_citation.journal_id_ISSN           0960-894X 
_citation.journal_id_CSD            1127 
_citation.book_publisher            ? 
_citation.pdbx_database_id_PubMed   23266121 
_citation.pdbx_database_id_DOI      10.1016/j.bmcl.2012.11.091 
# 
loop_
_citation_author.citation_id 
_citation_author.name 
_citation_author.ordinal 
_citation_author.identifier_ORCID 
primary 'Miyazaki, M.' 1  ? 
primary 'Naito, H.'    2  ? 
primary 'Sugimoto, Y.' 3  ? 
primary 'Kawato, H.'   4  ? 
primary 'Okayama, T.'  5  ? 
primary 'Shimizu, H.'  6  ? 
primary 'Miyazaki, M.' 7  ? 
primary 'Kitagawa, M.' 8  ? 
primary 'Seki, T.'     9  ? 
primary 'Fukutake, S.' 10 ? 
primary 'Aonuma, M.'   11 ? 
primary 'Soga, T.'     12 ? 
# 
loop_
_entity.id 
_entity.type 
_entity.src_method 
_entity.pdbx_description 
_entity.formula_weight 
_entity.pdbx_number_of_molecules 
_entity.pdbx_ec 
_entity.pdbx_mutation 
_entity.pdbx_fragment 
_entity.details 
1 polymer     man 'E3 ubiquitin-protein ligase Mdm2' 10204.974 2 6.3.2.- L33E 'SWIB domain, UNP residues 25-109' ? 
2 non-polymer syn 
;1-{[(5R,6S)-5,6-bis(4-chlorophenyl)-6-methyl-3-(propan-2-yl)-5,6-dihydroimidazo[2,1-b][1,3]thiazol-2-yl]carbonyl}-N,N-dimethyl-L-prolinamide
;
571.561   2 ?       ?    ?                                  ? 
# 
_entity_name_com.entity_id   1 
_entity_name_com.name        'Double minute 2 protein, Hdm2, Oncoprotein Mdm2, p53-binding protein Mdm2' 
# 
_entity_poly.entity_id                      1 
_entity_poly.type                           'polypeptide(L)' 
_entity_poly.nstd_linkage                   no 
_entity_poly.nstd_monomer                   no 
_entity_poly.pdbx_seq_one_letter_code       
;GSETLVRPKPELLKLLKSVGAQKDTYTMKEVLFYLGQYIMTKRLYDEKQQHIVYCSNDLLGDLFGVPSFSVKEHRKIYTM
IYRNLVV
;
_entity_poly.pdbx_seq_one_letter_code_can   
;GSETLVRPKPELLKLLKSVGAQKDTYTMKEVLFYLGQYIMTKRLYDEKQQHIVYCSNDLLGDLFGVPSFSVKEHRKIYTM
IYRNLVV
;
_entity_poly.pdbx_strand_id                 A,B 
_entity_poly.pdbx_target_identifier         ? 
# 
_pdbx_entity_nonpoly.entity_id   2 
_pdbx_entity_nonpoly.name        
;1-{[(5R,6S)-5,6-bis(4-chlorophenyl)-6-methyl-3-(propan-2-yl)-5,6-dihydroimidazo[2,1-b][1,3]thiazol-2-yl]carbonyl}-N,N-dimethyl-L-prolinamide
;
_pdbx_entity_nonpoly.comp_id     VZV 
# 
loop_
_entity_poly_seq.entity_id 
_entity_poly_seq.num 
_entity_poly_seq.mon_id 
_entity_poly_seq.hetero 
1 1  GLY n 
1 2  SER n 
1 3  GLU n 
1 4  THR n 
1 5  LEU n 
1 6  VAL n 
1 7  ARG n 
1 8  PRO n 
1 9  LYS n 
1 10 PRO n 
1 11 GLU n 
1 12 LEU n 
1 13 LEU n 
1 14 LYS n 
1 15 LEU n 
1 16 LEU n 
1 17 LYS n 
1 18 SER n 
1 19 VAL n 
1 20 GLY n 
1 21 ALA n 
1 22 GLN n 
1 23 LYS n 
1 24 ASP n 
1 25 THR n 
1 26 TYR n 
1 27 THR n 
1 28 MET n 
1 29 LYS n 
1 30 GLU n 
1 31 VAL n 
1 32 LEU n 
1 33 PHE n 
1 34 TYR n 
1 35 LEU n 
1 36 GLY n 
1 37 GLN n 
1 38 TYR n 
1 39 ILE n 
1 40 MET n 
1 41 THR n 
1 42 LYS n 
1 43 ARG n 
1 44 LEU n 
1 45 TYR n 
1 46 ASP n 
1 47 GLU n 
1 48 LYS n 
1 49 GLN n 
1 50 GLN n 
1 51 HIS n 
1 52 ILE n 
1 53 VAL n 
1 54 TYR n 
1 55 CYS n 
1 56 SER n 
1 57 ASN n 
1 58 ASP n 
1 59 LEU n 
1 60 LEU n 
1 61 GLY n 
1 62 ASP n 
1 63 LEU n 
1 64 PHE n 
1 65 GLY n 
1 66 VAL n 
1 67 PRO n 
1 68 SER n 
1 69 PHE n 
1 70 SER n 
1 71 VAL n 
1 72 LYS n 
1 73 GLU n 
1 74 HIS n 
1 75 ARG n 
1 76 LYS n 
1 77 ILE n 
1 78 TYR n 
1 79 THR n 
1 80 MET n 
1 81 ILE n 
1 82 TYR n 
1 83 ARG n 
1 84 ASN n 
1 85 LEU n 
1 86 VAL n 
1 87 VAL n 
# 
_entity_src_gen.entity_id                          1 
_entity_src_gen.pdbx_src_id                        1 
_entity_src_gen.pdbx_alt_source_flag               sample 
_entity_src_gen.pdbx_seq_type                      ? 
_entity_src_gen.pdbx_beg_seq_num                   ? 
_entity_src_gen.pdbx_end_seq_num                   ? 
_entity_src_gen.gene_src_common_name               human 
_entity_src_gen.gene_src_genus                     ? 
_entity_src_gen.pdbx_gene_src_gene                 MDM2 
_entity_src_gen.gene_src_species                   ? 
_entity_src_gen.gene_src_strain                    ? 
_entity_src_gen.gene_src_tissue                    ? 
_entity_src_gen.gene_src_tissue_fraction           ? 
_entity_src_gen.gene_src_details                   ? 
_entity_src_gen.pdbx_gene_src_fragment             ? 
_entity_src_gen.pdbx_gene_src_scientific_name      'Homo sapiens' 
_entity_src_gen.pdbx_gene_src_ncbi_taxonomy_id     9606 
_entity_src_gen.pdbx_gene_src_variant              ? 
_entity_src_gen.pdbx_gene_src_cell_line            ? 
_entity_src_gen.pdbx_gene_src_atcc                 ? 
_entity_src_gen.pdbx_gene_src_organ                ? 
_entity_src_gen.pdbx_gene_src_organelle            ? 
_entity_src_gen.pdbx_gene_src_cell                 ? 
_entity_src_gen.pdbx_gene_src_cellular_location    ? 
_entity_src_gen.host_org_common_name               ? 
_entity_src_gen.pdbx_host_org_scientific_name      'Escherichia coli' 
_entity_src_gen.pdbx_host_org_ncbi_taxonomy_id     562 
_entity_src_gen.host_org_genus                     ? 
_entity_src_gen.pdbx_host_org_gene                 ? 
_entity_src_gen.pdbx_host_org_organ                ? 
_entity_src_gen.host_org_species                   ? 
_entity_src_gen.pdbx_host_org_tissue               ? 
_entity_src_gen.pdbx_host_org_tissue_fraction      ? 
_entity_src_gen.pdbx_host_org_strain               BL21 
_entity_src_gen.pdbx_host_org_variant              ? 
_entity_src_gen.pdbx_host_org_cell_line            ? 
_entity_src_gen.pdbx_host_org_atcc                 ? 
_entity_src_gen.pdbx_host_org_culture_collection   ? 
_entity_src_gen.pdbx_host_org_cell                 ? 
_entity_src_gen.pdbx_host_org_organelle            ? 
_entity_src_gen.pdbx_host_org_cellular_location    ? 
_entity_src_gen.pdbx_host_org_vector_type          plasmid 
_entity_src_gen.pdbx_host_org_vector               ? 
_entity_src_gen.host_org_details                   ? 
_entity_src_gen.expression_system_id               ? 
_entity_src_gen.plasmid_name                       pGEX4T3 
_entity_src_gen.plasmid_details                    ? 
_entity_src_gen.pdbx_description                   ? 
# 
loop_
_chem_comp.id 
_chem_comp.type 
_chem_comp.mon_nstd_flag 
_chem_comp.name 
_chem_comp.pdbx_synonyms 
_chem_comp.formula 
_chem_comp.formula_weight 
ALA 'L-peptide linking' y ALANINE ? 'C3 H7 N O2'          89.093  
ARG 'L-peptide linking' y ARGININE ? 'C6 H15 N4 O2 1'      175.209 
ASN 'L-peptide linking' y ASPARAGINE ? 'C4 H8 N2 O3'         132.118 
ASP 'L-peptide linking' y 'ASPARTIC ACID' ? 'C4 H7 N O4'          133.103 
CYS 'L-peptide linking' y CYSTEINE ? 'C3 H7 N O2 S'        121.158 
GLN 'L-peptide linking' y GLUTAMINE ? 'C5 H10 N2 O3'        146.144 
GLU 'L-peptide linking' y 'GLUTAMIC ACID' ? 'C5 H9 N O4'          147.129 
GLY 'peptide linking'   y GLYCINE ? 'C2 H5 N O2'          75.067  
HIS 'L-peptide linking' y HISTIDINE ? 'C6 H10 N3 O2 1'      156.162 
ILE 'L-peptide linking' y ISOLEUCINE ? 'C6 H13 N O2'         131.173 
LEU 'L-peptide linking' y LEUCINE ? 'C6 H13 N O2'         131.173 
LYS 'L-peptide linking' y LYSINE ? 'C6 H15 N2 O2 1'      147.195 
MET 'L-peptide linking' y METHIONINE ? 'C5 H11 N O2 S'       149.211 
PHE 'L-peptide linking' y PHENYLALANINE ? 'C9 H11 N O2'         165.189 
PRO 'L-peptide linking' y PROLINE ? 'C5 H9 N O2'          115.130 
SER 'L-peptide linking' y SERINE ? 'C3 H7 N O3'          105.093 
THR 'L-peptide linking' y THREONINE ? 'C4 H9 N O3'          119.119 
TYR 'L-peptide linking' y TYROSINE ? 'C9 H11 N O3'         181.189 
VAL 'L-peptide linking' y VALINE ? 'C5 H11 N O2'         117.146 
VZV non-polymer         . 
;1-{[(5R,6S)-5,6-bis(4-chlorophenyl)-6-methyl-3-(propan-2-yl)-5,6-dihydroimidazo[2,1-b][1,3]thiazol-2-yl]carbonyl}-N,N-dimethyl-L-prolinamide
;
? 'C29 H32 Cl2 N4 O2 S' 571.561 
# 
loop_
_pdbx_poly_seq_scheme.asym_id 
_pdbx_poly_seq_scheme.entity_id 
_pdbx_poly_seq_scheme.seq_id 
_pdbx_poly_seq_scheme.mon_id 
_pdbx_poly_seq_scheme.ndb_seq_num 
_pdbx_poly_seq_scheme.pdb_seq_num 
_pdbx_poly_seq_scheme.auth_seq_num 
_pdbx_poly_seq_scheme.pdb_mon_id 
_pdbx_poly_seq_scheme.auth_mon_id 
_pdbx_poly_seq_scheme.pdb_strand_id 
_pdbx_poly_seq_scheme.pdb_ins_code 
_pdbx_poly_seq_scheme.hetero 
A 1 1  GLY 1  23  ?   ?   ?   A . n 
A 1 2  SER 2  24  ?   ?   ?   A . n 
A 1 3  GLU 3  25  25  GLU GLU A . n 
A 1 4  THR 4  26  26  THR THR A . n 
A 1 5  LEU 5  27  27  LEU LEU A . n 
A 1 6  VAL 6  28  28  VAL VAL A . n 
A 1 7  ARG 7  29  29  ARG ARG A . n 
A 1 8  PRO 8  30  30  PRO PRO A . n 
A 1 9  LYS 9  31  31  LYS LYS A . n 
A 1 10 PRO 10 32  32  PRO PRO A . n 
A 1 11 GLU 11 33  33  GLU GLU A . n 
A 1 12 LEU 12 34  34  LEU LEU A . n 
A 1 13 LEU 13 35  35  LEU LEU A . n 
A 1 14 LYS 14 36  36  LYS LYS A . n 
A 1 15 LEU 15 37  37  LEU LEU A . n 
A 1 16 LEU 16 38  38  LEU LEU A . n 
A 1 17 LYS 17 39  39  LYS LYS A . n 
A 1 18 SER 18 40  40  SER SER A . n 
A 1 19 VAL 19 41  41  VAL VAL A . n 
A 1 20 GLY 20 42  42  GLY GLY A . n 
A 1 21 ALA 21 43  43  ALA ALA A . n 
A 1 22 GLN 22 44  44  GLN GLN A . n 
A 1 23 LYS 23 45  45  LYS LYS A . n 
A 1 24 ASP 24 46  46  ASP ASP A . n 
A 1 25 THR 25 47  47  THR THR A . n 
A 1 26 TYR 26 48  48  TYR TYR A . n 
A 1 27 THR 27 49  49  THR THR A . n 
A 1 28 MET 28 50  50  MET MET A . n 
A 1 29 LYS 29 51  51  LYS LYS A . n 
A 1 30 GLU 30 52  52  GLU GLU A . n 
A 1 31 VAL 31 53  53  VAL VAL A . n 
A 1 32 LEU 32 54  54  LEU LEU A . n 
A 1 33 PHE 33 55  55  PHE PHE A . n 
A 1 34 TYR 34 56  56  TYR TYR A . n 
A 1 35 LEU 35 57  57  LEU LEU A . n 
A 1 36 GLY 36 58  58  GLY GLY A . n 
A 1 37 GLN 37 59  59  GLN GLN A . n 
A 1 38 TYR 38 60  60  TYR TYR A . n 
A 1 39 ILE 39 61  61  ILE ILE A . n 
A 1 40 MET 40 62  62  MET MET A . n 
A 1 41 THR 41 63  63  THR THR A . n 
A 1 42 LYS 42 64  64  LYS LYS A . n 
A 1 43 ARG 43 65  65  ARG ARG A . n 
A 1 44 LEU 44 66  66  LEU LEU A . n 
A 1 45 TYR 45 67  67  TYR TYR A . n 
A 1 46 ASP 46 68  68  ASP ASP A . n 
A 1 47 GLU 47 69  69  GLU GLU A . n 
A 1 48 LYS 48 70  70  LYS LYS A . n 
A 1 49 GLN 49 71  71  GLN GLN A . n 
A 1 50 GLN 50 72  72  GLN GLN A . n 
A 1 51 HIS 51 73  73  HIS HIS A . n 
A 1 52 ILE 52 74  74  ILE ILE A . n 
A 1 53 VAL 53 75  75  VAL VAL A . n 
A 1 54 TYR 54 76  76  TYR TYR A . n 
A 1 55 CYS 55 77  77  CYS CYS A . n 
A 1 56 SER 56 78  78  SER SER A . n 
A 1 57 ASN 57 79  79  ASN ASN A . n 
A 1 58 ASP 58 80  80  ASP ASP A . n 
A 1 59 LEU 59 81  81  LEU LEU A . n 
A 1 60 LEU 60 82  82  LEU LEU A . n 
A 1 61 GLY 61 83  83  GLY GLY A . n 
A 1 62 ASP 62 84  84  ASP ASP A . n 
A 1 63 LEU 63 85  85  LEU LEU A . n 
A 1 64 PHE 64 86  86  PHE PHE A . n 
A 1 65 GLY 65 87  87  GLY GLY A . n 
A 1 66 VAL 66 88  88  VAL VAL A . n 
A 1 67 PRO 67 89  89  PRO PRO A . n 
A 1 68 SER 68 90  90  SER SER A . n 
A 1 69 PHE 69 91  91  PHE PHE A . n 
A 1 70 SER 70 92  92  SER SER A . n 
A 1 71 VAL 71 93  93  VAL VAL A . n 
A 1 72 LYS 72 94  94  LYS LYS A . n 
A 1 73 GLU 73 95  95  GLU GLU A . n 
A 1 74 HIS 74 96  96  HIS HIS A . n 
A 1 75 ARG 75 97  97  ARG ARG A . n 
A 1 76 LYS 76 98  98  LYS LYS A . n 
A 1 77 ILE 77 99  99  ILE ILE A . n 
A 1 78 TYR 78 100 100 TYR TYR A . n 
A 1 79 THR 79 101 101 THR THR A . n 
A 1 80 MET 80 102 102 MET MET A . n 
A 1 81 ILE 81 103 103 ILE ILE A . n 
A 1 82 TYR 82 104 104 TYR TYR A . n 
A 1 83 ARG 83 105 105 ARG ARG A . n 
A 1 84 ASN 84 106 106 ASN ASN A . n 
A 1 85 LEU 85 107 107 LEU LEU A . n 
A 1 86 VAL 86 108 108 VAL VAL A . n 
A 1 87 VAL 87 109 109 VAL VAL A . n 
B 1 1  GLY 1  23  ?   ?   ?   B . n 
B 1 2  SER 2  24  ?   ?   ?   B . n 
B 1 3  GLU 3  25  25  GLU GLU B . n 
B 1 4  THR 4  26  26  THR THR B . n 
B 1 5  LEU 5  27  27  LEU LEU B . n 
B 1 6  VAL 6  28  28  VAL VAL B . n 
B 1 7  ARG 7  29  29  ARG ARG B . n 
B 1 8  PRO 8  30  30  PRO PRO B . n 
B 1 9  LYS 9  31  31  LYS LYS B . n 
B 1 10 PRO 10 32  32  PRO PRO B . n 
B 1 11 GLU 11 33  33  GLU GLU B . n 
B 1 12 LEU 12 34  34  LEU LEU B . n 
B 1 13 LEU 13 35  35  LEU LEU B . n 
B 1 14 LYS 14 36  36  LYS LYS B . n 
B 1 15 LEU 15 37  37  LEU LEU B . n 
B 1 16 LEU 16 38  38  LEU LEU B . n 
B 1 17 LYS 17 39  39  LYS LYS B . n 
B 1 18 SER 18 40  40  SER SER B . n 
B 1 19 VAL 19 41  41  VAL VAL B . n 
B 1 20 GLY 20 42  42  GLY GLY B . n 
B 1 21 ALA 21 43  43  ALA ALA B . n 
B 1 22 GLN 22 44  44  GLN GLN B . n 
B 1 23 LYS 23 45  45  LYS LYS B . n 
B 1 24 ASP 24 46  46  ASP ASP B . n 
B 1 25 THR 25 47  47  THR THR B . n 
B 1 26 TYR 26 48  48  TYR TYR B . n 
B 1 27 THR 27 49  49  THR THR B . n 
B 1 28 MET 28 50  50  MET MET B . n 
B 1 29 LYS 29 51  51  LYS LYS B . n 
B 1 30 GLU 30 52  52  GLU GLU B . n 
B 1 31 VAL 31 53  53  VAL VAL B . n 
B 1 32 LEU 32 54  54  LEU LEU B . n 
B 1 33 PHE 33 55  55  PHE PHE B . n 
B 1 34 TYR 34 56  56  TYR TYR B . n 
B 1 35 LEU 35 57  57  LEU LEU B . n 
B 1 36 GLY 36 58  58  GLY GLY B . n 
B 1 37 GLN 37 59  59  GLN GLN B . n 
B 1 38 TYR 38 60  60  TYR TYR B . n 
B 1 39 ILE 39 61  61  ILE ILE B . n 
B 1 40 MET 40 62  62  MET MET B . n 
B 1 41 THR 41 63  63  THR THR B . n 
B 1 42 LYS 42 64  64  LYS LYS B . n 
B 1 43 ARG 43 65  65  ARG ARG B . n 
B 1 44 LEU 44 66  66  LEU LEU B . n 
B 1 45 TYR 45 67  67  TYR TYR B . n 
B 1 46 ASP 46 68  68  ASP ASP B . n 
B 1 47 GLU 47 69  69  GLU GLU B . n 
B 1 48 LYS 48 70  70  LYS LYS B . n 
B 1 49 GLN 49 71  71  GLN GLN B . n 
B 1 50 GLN 50 72  72  GLN GLN B . n 
B 1 51 HIS 51 73  73  HIS HIS B . n 
B 1 52 ILE 52 74  74  ILE ILE B . n 
B 1 53 VAL 53 75  75  VAL VAL B . n 
B 1 54 TYR 54 76  76  TYR TYR B . n 
B 1 55 CYS 55 77  77  CYS CYS B . n 
B 1 56 SER 56 78  78  SER SER B . n 
B 1 57 ASN 57 79  79  ASN ASN B . n 
B 1 58 ASP 58 80  80  ASP ASP B . n 
B 1 59 LEU 59 81  81  LEU LEU B . n 
B 1 60 LEU 60 82  82  LEU LEU B . n 
B 1 61 GLY 61 83  83  GLY GLY B . n 
B 1 62 ASP 62 84  84  ASP ASP B . n 
B 1 63 LEU 63 85  85  LEU LEU B . n 
B 1 64 PHE 64 86  86  PHE PHE B . n 
B 1 65 GLY 65 87  87  GLY GLY B . n 
B 1 66 VAL 66 88  88  VAL VAL B . n 
B 1 67 PRO 67 89  89  PRO PRO B . n 
B 1 68 SER 68 90  90  SER SER B . n 
B 1 69 PHE 69 91  91  PHE PHE B . n 
B 1 70 SER 70 92  92  SER SER B . n 
B 1 71 VAL 71 93  93  VAL VAL B . n 
B 1 72 LYS 72 94  94  LYS LYS B . n 
B 1 73 GLU 73 95  95  GLU GLU B . n 
B 1 74 HIS 74 96  96  HIS HIS B . n 
B 1 75 ARG 75 97  97  ARG ARG B . n 
B 1 76 LYS 76 98  98  LYS LYS B . n 
B 1 77 ILE 77 99  99  ILE ILE B . n 
B 1 78 TYR 78 100 100 TYR TYR B . n 
B 1 79 THR 79 101 101 THR THR B . n 
B 1 80 MET 80 102 102 MET MET B . n 
B 1 81 ILE 81 103 103 ILE ILE B . n 
B 1 82 TYR 82 104 104 TYR TYR B . n 
B 1 83 ARG 83 105 105 ARG ARG B . n 
B 1 84 ASN 84 106 106 ASN ASN B . n 
B 1 85 LEU 85 107 107 LEU LEU B . n 
B 1 86 VAL 86 108 108 VAL VAL B . n 
B 1 87 VAL 87 109 109 VAL VAL B . n 
# 
loop_
_pdbx_nonpoly_scheme.asym_id 
_pdbx_nonpoly_scheme.entity_id 
_pdbx_nonpoly_scheme.mon_id 
_pdbx_nonpoly_scheme.ndb_seq_num 
_pdbx_nonpoly_scheme.pdb_seq_num 
_pdbx_nonpoly_scheme.auth_seq_num 
_pdbx_nonpoly_scheme.pdb_mon_id 
_pdbx_nonpoly_scheme.auth_mon_id 
_pdbx_nonpoly_scheme.pdb_strand_id 
_pdbx_nonpoly_scheme.pdb_ins_code 
C 2 VZV 1 200 200 VZV LIG A . 
D 2 VZV 1 201 201 VZV LIG B . 
# 
loop_
_software.name 
_software.classification 
_software.version 
_software.citation_id 
_software.pdbx_ordinal 
HKL-2000 'data collection' .        ? 1 
MOLREP   phasing           .        ? 2 
REFMAC   refinement        5.6.0117 ? 3 
HKL-2000 'data reduction'  .        ? 4 
HKL-2000 'data scaling'    .        ? 5 
# 
_cell.entry_id           3VZV 
_cell.length_a           58.255 
_cell.length_b           66.076 
_cell.length_c           80.419 
_cell.angle_alpha        90.00 
_cell.angle_beta         90.00 
_cell.angle_gamma        90.00 
_cell.Z_PDB              8 
_cell.pdbx_unique_axis   ? 
_cell.length_a_esd       ? 
_cell.length_b_esd       ? 
_cell.length_c_esd       ? 
_cell.angle_alpha_esd    ? 
_cell.angle_beta_esd     ? 
_cell.angle_gamma_esd    ? 
# 
_symmetry.entry_id                         3VZV 
_symmetry.space_group_name_H-M             'P 21 21 21' 
_symmetry.pdbx_full_space_group_name_H-M   ? 
_symmetry.cell_setting                     ? 
_symmetry.Int_Tables_number                19 
_symmetry.space_group_name_Hall            ? 
# 
_exptl.entry_id          3VZV 
_exptl.method            'X-RAY DIFFRACTION' 
_exptl.crystals_number   1 
# 
_exptl_crystal.id                    1 
_exptl_crystal.density_meas          ? 
_exptl_crystal.density_Matthews      3.79 
_exptl_crystal.density_percent_sol   67.56 
_exptl_crystal.description           ? 
_exptl_crystal.F_000                 ? 
_exptl_crystal.preparation           ? 
# 
_exptl_crystal_grow.crystal_id      1 
_exptl_crystal_grow.method          'VAPOR DIFFUSION, SITTING DROP' 
_exptl_crystal_grow.temp            293 
_exptl_crystal_grow.temp_details    ? 
_exptl_crystal_grow.pH              8.1 
_exptl_crystal_grow.pdbx_details    
'2.4M Ammonium sulfate, 5% PEG 200, 0.1M Tris HCl, pH 8.1, VAPOR DIFFUSION, SITTING DROP, temperature 293K' 
_exptl_crystal_grow.pdbx_pH_range   . 
# 
_diffrn.id                     1 
_diffrn.ambient_temp           100 
_diffrn.ambient_temp_details   ? 
_diffrn.crystal_id             1 
# 
_diffrn_detector.diffrn_id              1 
_diffrn_detector.detector               'IMAGE PLATE' 
_diffrn_detector.type                   'RIGAKU RAXIS VII' 
_diffrn_detector.pdbx_collection_date   2005-11-20 
_diffrn_detector.details                'confocal mirrors' 
# 
_diffrn_radiation.diffrn_id                        1 
_diffrn_radiation.wavelength_id                    1 
_diffrn_radiation.pdbx_monochromatic_or_laue_m_l   M 
_diffrn_radiation.monochromator                    graphite 
_diffrn_radiation.pdbx_diffrn_protocol             'SINGLE WAVELENGTH' 
_diffrn_radiation.pdbx_scattering_type             x-ray 
# 
_diffrn_radiation_wavelength.id           1 
_diffrn_radiation_wavelength.wavelength   1.54178 
_diffrn_radiation_wavelength.wt           1.0 
# 
_diffrn_source.diffrn_id                   1 
_diffrn_source.source                      'ROTATING ANODE' 
_diffrn_source.type                        'RIGAKU MICROMAX-007 HF' 
_diffrn_source.pdbx_synchrotron_site       ? 
_diffrn_source.pdbx_synchrotron_beamline   ? 
_diffrn_source.pdbx_wavelength             ? 
_diffrn_source.pdbx_wavelength_list        1.54178 
# 
_reflns.entry_id                     3VZV 
_reflns.observed_criterion_sigma_I   0 
_reflns.observed_criterion_sigma_F   0 
_reflns.d_resolution_low             50 
_reflns.d_resolution_high            2.8 
_reflns.number_obs                   7899 
_reflns.number_all                   ? 
_reflns.percent_possible_obs         97.5 
_reflns.pdbx_Rmerge_I_obs            0.039 
_reflns.pdbx_Rsym_value              ? 
_reflns.pdbx_netI_over_sigmaI        38.3 
_reflns.B_iso_Wilson_estimate        ? 
_reflns.pdbx_redundancy              6.2 
_reflns.R_free_details               ? 
_reflns.limit_h_max                  ? 
_reflns.limit_h_min                  ? 
_reflns.limit_k_max                  ? 
_reflns.limit_k_min                  ? 
_reflns.limit_l_max                  ? 
_reflns.limit_l_min                  ? 
_reflns.observed_criterion_F_max     ? 
_reflns.observed_criterion_F_min     ? 
_reflns.pdbx_chi_squared             ? 
_reflns.pdbx_scaling_rejects         ? 
_reflns.pdbx_ordinal                 1 
_reflns.pdbx_diffrn_id               1 
# 
_reflns_shell.d_res_high                  2.80 
_reflns_shell.d_res_low                   2.85 
_reflns_shell.percent_possible_all        100 
_reflns_shell.Rmerge_I_obs                0.435 
_reflns_shell.pdbx_Rsym_value             ? 
_reflns_shell.meanI_over_sigI_obs         3.4 
_reflns_shell.pdbx_redundancy             6.8 
_reflns_shell.percent_possible_obs        ? 
_reflns_shell.number_unique_all           409 
_reflns_shell.number_measured_all         ? 
_reflns_shell.number_measured_obs         ? 
_reflns_shell.number_unique_obs           ? 
_reflns_shell.pdbx_chi_squared            ? 
_reflns_shell.pdbx_rejects                ? 
_reflns_shell.pdbx_netI_over_sigmaI_obs   ? 
_reflns_shell.number_possible             ? 
_reflns_shell.Rmerge_F_all                ? 
_reflns_shell.Rmerge_F_obs                ? 
_reflns_shell.Rmerge_I_all                ? 
_reflns_shell.meanI_over_sigI_all         ? 
_reflns_shell.pdbx_Rrim_I_all             ? 
_reflns_shell.pdbx_Rpim_I_all             ? 
_reflns_shell.pdbx_ordinal                1 
_reflns_shell.pdbx_diffrn_id              1 
# 
_refine.pdbx_refine_id                           'X-RAY DIFFRACTION' 
_refine.entry_id                                 3VZV 
_refine.pdbx_diffrn_id                           1 
_refine.pdbx_TLS_residual_ADP_flag               ? 
_refine.ls_number_reflns_obs                     7342 
_refine.ls_number_reflns_all                     ? 
_refine.pdbx_ls_sigma_I                          ? 
_refine.pdbx_ls_sigma_F                          ? 
_refine.pdbx_data_cutoff_high_absF               ? 
_refine.pdbx_data_cutoff_low_absF                ? 
_refine.pdbx_data_cutoff_high_rms_absF           ? 
_refine.ls_d_res_low                             30.56 
_refine.ls_d_res_high                            2.80 
_refine.ls_percent_reflns_obs                    95.81 
_refine.ls_R_factor_obs                          0.24965 
_refine.ls_R_factor_all                          ? 
_refine.ls_R_factor_R_work                       0.24784 
_refine.ls_R_factor_R_free                       0.28440 
_refine.ls_R_factor_R_free_error                 ? 
_refine.ls_R_factor_R_free_error_details         ? 
_refine.ls_percent_reflns_R_free                 5.0 
_refine.ls_number_reflns_R_free                  387 
_refine.ls_number_parameters                     ? 
_refine.ls_number_restraints                     ? 
_refine.occupancy_min                            ? 
_refine.occupancy_max                            ? 
_refine.correlation_coeff_Fo_to_Fc               0.864 
_refine.correlation_coeff_Fo_to_Fc_free          0.821 
_refine.B_iso_mean                               28.216 
_refine.aniso_B[1][1]                            0.44 
_refine.aniso_B[2][2]                            0.47 
_refine.aniso_B[3][3]                            -0.91 
_refine.aniso_B[1][2]                            0.00 
_refine.aniso_B[1][3]                            0.00 
_refine.aniso_B[2][3]                            0.00 
_refine.solvent_model_details                    MASK 
_refine.solvent_model_param_ksol                 ? 
_refine.solvent_model_param_bsol                 ? 
_refine.pdbx_solvent_vdw_probe_radii             1.20 
_refine.pdbx_solvent_ion_probe_radii             0.80 
_refine.pdbx_solvent_shrinkage_radii             0.80 
_refine.pdbx_ls_cross_valid_method               THROUGHOUT 
_refine.details                                  'HYDROGENS HAVE BEEN USED IF PRESENT IN THE INPUT' 
_refine.pdbx_starting_model                      ? 
_refine.pdbx_method_to_determine_struct          'MOLECULAR REPLACEMENT' 
_refine.pdbx_isotropic_thermal_model             ? 
_refine.pdbx_stereochemistry_target_values       'MAXIMUM LIKELIHOOD' 
_refine.pdbx_stereochem_target_val_spec_case     ? 
_refine.pdbx_R_Free_selection_details            RANDOM 
_refine.pdbx_overall_ESU_R                       0.743 
_refine.pdbx_overall_ESU_R_Free                  0.370 
_refine.overall_SU_ML                            0.255 
_refine.pdbx_overall_phase_error                 ? 
_refine.overall_SU_B                             13.002 
_refine.overall_SU_R_Cruickshank_DPI             ? 
_refine.pdbx_overall_SU_R_free_Cruickshank_DPI   ? 
_refine.pdbx_overall_SU_R_Blow_DPI               ? 
_refine.pdbx_overall_SU_R_free_Blow_DPI          ? 
_refine.ls_redundancy_reflns_obs                 ? 
_refine.B_iso_min                                ? 
_refine.B_iso_max                                ? 
_refine.overall_SU_R_free                        ? 
_refine.ls_wR_factor_R_free                      ? 
_refine.ls_wR_factor_R_work                      ? 
_refine.overall_FOM_free_R_set                   ? 
_refine.overall_FOM_work_R_set                   ? 
# 
_refine_hist.pdbx_refine_id                   'X-RAY DIFFRACTION' 
_refine_hist.cycle_id                         LAST 
_refine_hist.pdbx_number_atoms_protein        1414 
_refine_hist.pdbx_number_atoms_nucleic_acid   0 
_refine_hist.pdbx_number_atoms_ligand         76 
_refine_hist.number_atoms_solvent             0 
_refine_hist.number_atoms_total               1490 
_refine_hist.d_res_high                       2.80 
_refine_hist.d_res_low                        30.56 
# 
loop_
_refine_ls_restr.type 
_refine_ls_restr.dev_ideal 
_refine_ls_restr.dev_ideal_target 
_refine_ls_restr.weight 
_refine_ls_restr.number 
_refine_ls_restr.pdbx_refine_id 
_refine_ls_restr.pdbx_restraint_function 
r_bond_refined_d             0.017  0.020  ? 1526 'X-RAY DIFFRACTION' ? 
r_bond_other_d               ?      ?      ? ?    'X-RAY DIFFRACTION' ? 
r_angle_refined_deg          2.248  2.060  ? 2070 'X-RAY DIFFRACTION' ? 
r_angle_other_deg            ?      ?      ? ?    'X-RAY DIFFRACTION' ? 
r_dihedral_angle_1_deg       8.533  5.000  ? 168  'X-RAY DIFFRACTION' ? 
r_dihedral_angle_2_deg       42.061 23.548 ? 62   'X-RAY DIFFRACTION' ? 
r_dihedral_angle_3_deg       21.589 15.000 ? 286  'X-RAY DIFFRACTION' ? 
r_dihedral_angle_4_deg       25.047 15.000 ? 8    'X-RAY DIFFRACTION' ? 
r_chiral_restr               0.151  0.200  ? 234  'X-RAY DIFFRACTION' ? 
r_gen_planes_refined         0.013  0.021  ? 1110 'X-RAY DIFFRACTION' ? 
r_gen_planes_other           ?      ?      ? ?    'X-RAY DIFFRACTION' ? 
r_nbd_refined                ?      ?      ? ?    'X-RAY DIFFRACTION' ? 
r_nbd_other                  ?      ?      ? ?    'X-RAY DIFFRACTION' ? 
r_nbtor_refined              ?      ?      ? ?    'X-RAY DIFFRACTION' ? 
r_nbtor_other                ?      ?      ? ?    'X-RAY DIFFRACTION' ? 
r_xyhbond_nbd_refined        ?      ?      ? ?    'X-RAY DIFFRACTION' ? 
r_xyhbond_nbd_other          ?      ?      ? ?    'X-RAY DIFFRACTION' ? 
r_metal_ion_refined          ?      ?      ? ?    'X-RAY DIFFRACTION' ? 
r_metal_ion_other            ?      ?      ? ?    'X-RAY DIFFRACTION' ? 
r_symmetry_vdw_refined       ?      ?      ? ?    'X-RAY DIFFRACTION' ? 
r_symmetry_vdw_other         ?      ?      ? ?    'X-RAY DIFFRACTION' ? 
r_symmetry_hbond_refined     ?      ?      ? ?    'X-RAY DIFFRACTION' ? 
r_symmetry_hbond_other       ?      ?      ? ?    'X-RAY DIFFRACTION' ? 
r_symmetry_metal_ion_refined ?      ?      ? ?    'X-RAY DIFFRACTION' ? 
r_symmetry_metal_ion_other   ?      ?      ? ?    'X-RAY DIFFRACTION' ? 
r_mcbond_it                  ?      ?      ? ?    'X-RAY DIFFRACTION' ? 
r_mcbond_other               ?      ?      ? ?    'X-RAY DIFFRACTION' ? 
r_mcangle_it                 ?      ?      ? ?    'X-RAY DIFFRACTION' ? 
r_scbond_it                  ?      ?      ? ?    'X-RAY DIFFRACTION' ? 
r_scangle_it                 ?      ?      ? ?    'X-RAY DIFFRACTION' ? 
r_rigid_bond_restr           ?      ?      ? ?    'X-RAY DIFFRACTION' ? 
r_sphericity_free            ?      ?      ? ?    'X-RAY DIFFRACTION' ? 
r_sphericity_bonded          ?      ?      ? ?    'X-RAY DIFFRACTION' ? 
# 
_refine_ls_shell.pdbx_refine_id                   'X-RAY DIFFRACTION' 
_refine_ls_shell.pdbx_total_number_of_bins_used   20 
_refine_ls_shell.d_res_high                       2.800 
_refine_ls_shell.d_res_low                        2.872 
_refine_ls_shell.number_reflns_R_work             396 
_refine_ls_shell.R_factor_R_work                  0.331 
_refine_ls_shell.percent_reflns_obs               76.72 
_refine_ls_shell.R_factor_R_free                  0.315 
_refine_ls_shell.R_factor_R_free_error            ? 
_refine_ls_shell.percent_reflns_R_free            ? 
_refine_ls_shell.number_reflns_R_free             16 
_refine_ls_shell.number_reflns_all                ? 
_refine_ls_shell.R_factor_all                     ? 
_refine_ls_shell.redundancy_reflns_obs            ? 
_refine_ls_shell.number_reflns_obs                ? 
# 
_struct.entry_id                  3VZV 
_struct.title                     'Crystal structure of human mdm2 with a dihydroimidazothiazole inhibitor' 
_struct.pdbx_model_details        ? 
_struct.pdbx_CASP_flag            ? 
_struct.pdbx_model_type_details   ? 
# 
_struct_keywords.entry_id        3VZV 
_struct_keywords.pdbx_keywords   'LIGASE/LIGASE INHIBITOR' 
_struct_keywords.text            'Ubiquitin-protein ligase E3 Mdm2, p53, LIGASE-LIGASE INHIBITOR complex' 
# 
loop_
_struct_asym.id 
_struct_asym.pdbx_blank_PDB_chainid_flag 
_struct_asym.pdbx_modified 
_struct_asym.entity_id 
_struct_asym.details 
A N N 1 ? 
B N N 1 ? 
C N N 2 ? 
D N N 2 ? 
# 
_struct_ref.id                         1 
_struct_ref.db_name                    UNP 
_struct_ref.db_code                    MDM2_HUMAN 
_struct_ref.pdbx_db_accession          Q00987 
_struct_ref.entity_id                  1 
_struct_ref.pdbx_seq_one_letter_code   
;ETLVRPKPLLLKLLKSVGAQKDTYTMKEVLFYLGQYIMTKRLYDEKQQHIVYCSNDLLGDLFGVPSFSVKEHRKIYTMIY
RNLVV
;
_struct_ref.pdbx_align_begin           25 
_struct_ref.pdbx_db_isoform            ? 
# 
loop_
_struct_ref_seq.align_id 
_struct_ref_seq.ref_id 
_struct_ref_seq.pdbx_PDB_id_code 
_struct_ref_seq.pdbx_strand_id 
_struct_ref_seq.seq_align_beg 
_struct_ref_seq.pdbx_seq_align_beg_ins_code 
_struct_ref_seq.seq_align_end 
_struct_ref_seq.pdbx_seq_align_end_ins_code 
_struct_ref_seq.pdbx_db_accession 
_struct_ref_seq.db_align_beg 
_struct_ref_seq.pdbx_db_align_beg_ins_code 
_struct_ref_seq.db_align_end 
_struct_ref_seq.pdbx_db_align_end_ins_code 
_struct_ref_seq.pdbx_auth_seq_align_beg 
_struct_ref_seq.pdbx_auth_seq_align_end 
1 1 3VZV A 3 ? 87 ? Q00987 25 ? 109 ? 25 109 
2 1 3VZV B 3 ? 87 ? Q00987 25 ? 109 ? 25 109 
# 
loop_
_struct_ref_seq_dif.align_id 
_struct_ref_seq_dif.pdbx_pdb_id_code 
_struct_ref_seq_dif.mon_id 
_struct_ref_seq_dif.pdbx_pdb_strand_id 
_struct_ref_seq_dif.seq_num 
_struct_ref_seq_dif.pdbx_pdb_ins_code 
_struct_ref_seq_dif.pdbx_seq_db_name 
_struct_ref_seq_dif.pdbx_seq_db_accession_code 
_struct_ref_seq_dif.db_mon_id 
_struct_ref_seq_dif.pdbx_seq_db_seq_num 
_struct_ref_seq_dif.details 
_struct_ref_seq_dif.pdbx_auth_seq_num 
_struct_ref_seq_dif.pdbx_ordinal 
1 3VZV GLY A 1  ? UNP Q00987 ?   ?  'expression tag'      23 1 
1 3VZV SER A 2  ? UNP Q00987 ?   ?  'expression tag'      24 2 
1 3VZV GLU A 11 ? UNP Q00987 LEU 33 'engineered mutation' 33 3 
2 3VZV GLY B 1  ? UNP Q00987 ?   ?  'expression tag'      23 4 
2 3VZV SER B 2  ? UNP Q00987 ?   ?  'expression tag'      24 5 
2 3VZV GLU B 11 ? UNP Q00987 LEU 33 'engineered mutation' 33 6 
# 
loop_
_pdbx_struct_assembly.id 
_pdbx_struct_assembly.details 
_pdbx_struct_assembly.method_details 
_pdbx_struct_assembly.oligomeric_details 
_pdbx_struct_assembly.oligomeric_count 
1 author_and_software_defined_assembly PISA monomeric 1 
2 author_and_software_defined_assembly PISA monomeric 1 
# 
loop_
_pdbx_struct_assembly_gen.assembly_id 
_pdbx_struct_assembly_gen.oper_expression 
_pdbx_struct_assembly_gen.asym_id_list 
1 1 A,C 
2 1 B,D 
# 
_pdbx_struct_oper_list.id                   1 
_pdbx_struct_oper_list.type                 'identity operation' 
_pdbx_struct_oper_list.name                 1_555 
_pdbx_struct_oper_list.symmetry_operation   x,y,z 
_pdbx_struct_oper_list.matrix[1][1]         1.0000000000 
_pdbx_struct_oper_list.matrix[1][2]         0.0000000000 
_pdbx_struct_oper_list.matrix[1][3]         0.0000000000 
_pdbx_struct_oper_list.vector[1]            0.0000000000 
_pdbx_struct_oper_list.matrix[2][1]         0.0000000000 
_pdbx_struct_oper_list.matrix[2][2]         1.0000000000 
_pdbx_struct_oper_list.matrix[2][3]         0.0000000000 
_pdbx_struct_oper_list.vector[2]            0.0000000000 
_pdbx_struct_oper_list.matrix[3][1]         0.0000000000 
_pdbx_struct_oper_list.matrix[3][2]         0.0000000000 
_pdbx_struct_oper_list.matrix[3][3]         1.0000000000 
_pdbx_struct_oper_list.vector[3]            0.0000000000 
# 
_struct_biol.id        1 
_struct_biol.details   ? 
# 
loop_
_struct_conf.conf_type_id 
_struct_conf.id 
_struct_conf.pdbx_PDB_helix_id 
_struct_conf.beg_label_comp_id 
_struct_conf.beg_label_asym_id 
_struct_conf.beg_label_seq_id 
_struct_conf.pdbx_beg_PDB_ins_code 
_struct_conf.end_label_comp_id 
_struct_conf.end_label_asym_id 
_struct_conf.end_label_seq_id 
_struct_conf.pdbx_end_PDB_ins_code 
_struct_conf.beg_auth_comp_id 
_struct_conf.beg_auth_asym_id 
_struct_conf.beg_auth_seq_id 
_struct_conf.end_auth_comp_id 
_struct_conf.end_auth_asym_id 
_struct_conf.end_auth_seq_id 
_struct_conf.pdbx_PDB_helix_class 
_struct_conf.details 
_struct_conf.pdbx_PDB_helix_length 
HELX_P HELX_P1 1 LYS A 9  ? SER A 18 ? LYS A 31 SER A 40  1 ? 10 
HELX_P HELX_P2 2 THR A 27 ? LYS A 42 ? THR A 49 LYS A 64  1 ? 16 
HELX_P HELX_P3 3 ASP A 58 ? GLY A 65 ? ASP A 80 GLY A 87  1 ? 8  
HELX_P HELX_P4 4 GLU A 73 ? ARG A 83 ? GLU A 95 ARG A 105 1 ? 11 
HELX_P HELX_P5 5 LYS B 9  ? SER B 18 ? LYS B 31 SER B 40  1 ? 10 
HELX_P HELX_P6 6 MET B 28 ? LYS B 42 ? MET B 50 LYS B 64  1 ? 15 
HELX_P HELX_P7 7 ASP B 58 ? PHE B 64 ? ASP B 80 PHE B 86  1 ? 7  
HELX_P HELX_P8 8 GLU B 73 ? ARG B 83 ? GLU B 95 ARG B 105 1 ? 11 
# 
_struct_conf_type.id          HELX_P 
_struct_conf_type.criteria    ? 
_struct_conf_type.reference   ? 
# 
loop_
_struct_sheet.id 
_struct_sheet.type 
_struct_sheet.number_strands 
_struct_sheet.details 
A ? 2 ? 
B ? 2 ? 
C ? 3 ? 
D ? 2 ? 
# 
loop_
_struct_sheet_order.sheet_id 
_struct_sheet_order.range_id_1 
_struct_sheet_order.range_id_2 
_struct_sheet_order.offset 
_struct_sheet_order.sense 
A 1 2 ? anti-parallel 
B 1 2 ? anti-parallel 
C 1 2 ? anti-parallel 
C 2 3 ? anti-parallel 
D 1 2 ? anti-parallel 
# 
loop_
_struct_sheet_range.sheet_id 
_struct_sheet_range.id 
_struct_sheet_range.beg_label_comp_id 
_struct_sheet_range.beg_label_asym_id 
_struct_sheet_range.beg_label_seq_id 
_struct_sheet_range.pdbx_beg_PDB_ins_code 
_struct_sheet_range.end_label_comp_id 
_struct_sheet_range.end_label_asym_id 
_struct_sheet_range.end_label_seq_id 
_struct_sheet_range.pdbx_end_PDB_ins_code 
_struct_sheet_range.beg_auth_comp_id 
_struct_sheet_range.beg_auth_asym_id 
_struct_sheet_range.beg_auth_seq_id 
_struct_sheet_range.end_auth_comp_id 
_struct_sheet_range.end_auth_asym_id 
_struct_sheet_range.end_auth_seq_id 
A 1 ARG A 7  ? PRO A 8  ? ARG A 29  PRO A 30  
A 2 LEU A 85 ? VAL A 86 ? LEU A 107 VAL A 108 
B 1 ILE A 52 ? TYR A 54 ? ILE A 74  TYR A 76  
B 2 SER A 68 ? SER A 70 ? SER A 90  SER A 92  
C 1 TYR B 26 ? THR B 27 ? TYR B 48  THR B 49  
C 2 LEU B 5  ? PRO B 8  ? LEU B 27  PRO B 30  
C 3 LEU B 85 ? VAL B 86 ? LEU B 107 VAL B 108 
D 1 ILE B 52 ? TYR B 54 ? ILE B 74  TYR B 76  
D 2 SER B 68 ? SER B 70 ? SER B 90  SER B 92  
# 
loop_
_pdbx_struct_sheet_hbond.sheet_id 
_pdbx_struct_sheet_hbond.range_id_1 
_pdbx_struct_sheet_hbond.range_id_2 
_pdbx_struct_sheet_hbond.range_1_label_atom_id 
_pdbx_struct_sheet_hbond.range_1_label_comp_id 
_pdbx_struct_sheet_hbond.range_1_label_asym_id 
_pdbx_struct_sheet_hbond.range_1_label_seq_id 
_pdbx_struct_sheet_hbond.range_1_PDB_ins_code 
_pdbx_struct_sheet_hbond.range_1_auth_atom_id 
_pdbx_struct_sheet_hbond.range_1_auth_comp_id 
_pdbx_struct_sheet_hbond.range_1_auth_asym_id 
_pdbx_struct_sheet_hbond.range_1_auth_seq_id 
_pdbx_struct_sheet_hbond.range_2_label_atom_id 
_pdbx_struct_sheet_hbond.range_2_label_comp_id 
_pdbx_struct_sheet_hbond.range_2_label_asym_id 
_pdbx_struct_sheet_hbond.range_2_label_seq_id 
_pdbx_struct_sheet_hbond.range_2_PDB_ins_code 
_pdbx_struct_sheet_hbond.range_2_auth_atom_id 
_pdbx_struct_sheet_hbond.range_2_auth_comp_id 
_pdbx_struct_sheet_hbond.range_2_auth_asym_id 
_pdbx_struct_sheet_hbond.range_2_auth_seq_id 
A 1 2 N ARG A 7  ? N ARG A 29 O VAL A 86 ? O VAL A 108 
B 1 2 N VAL A 53 ? N VAL A 75 O PHE A 69 ? O PHE A 91  
C 1 2 O TYR B 26 ? O TYR B 48 N VAL B 6  ? N VAL B 28  
C 2 3 N ARG B 7  ? N ARG B 29 O VAL B 86 ? O VAL B 108 
D 1 2 N VAL B 53 ? N VAL B 75 O PHE B 69 ? O PHE B 91  
# 
loop_
_struct_site.id 
_struct_site.pdbx_evidence_code 
_struct_site.pdbx_auth_asym_id 
_struct_site.pdbx_auth_comp_id 
_struct_site.pdbx_auth_seq_id 
_struct_site.pdbx_auth_ins_code 
_struct_site.pdbx_num_residues 
_struct_site.details 
AC1 Software A VZV 200 ? 9 'BINDING SITE FOR RESIDUE VZV A 200' 
AC2 Software B VZV 201 ? 9 'BINDING SITE FOR RESIDUE VZV B 201' 
# 
loop_
_struct_site_gen.id 
_struct_site_gen.site_id 
_struct_site_gen.pdbx_num_res 
_struct_site_gen.label_comp_id 
_struct_site_gen.label_asym_id 
_struct_site_gen.label_seq_id 
_struct_site_gen.pdbx_auth_ins_code 
_struct_site_gen.auth_comp_id 
_struct_site_gen.auth_asym_id 
_struct_site_gen.auth_seq_id 
_struct_site_gen.label_atom_id 
_struct_site_gen.label_alt_id 
_struct_site_gen.symmetry 
_struct_site_gen.details 
1  AC1 9 LEU A 32 ? LEU A 54  . ? 1_555 ? 
2  AC1 9 GLY A 36 ? GLY A 58  . ? 1_555 ? 
3  AC1 9 MET A 40 ? MET A 62  . ? 1_555 ? 
4  AC1 9 TYR A 45 ? TYR A 67  . ? 1_555 ? 
5  AC1 9 GLN A 50 ? GLN A 72  . ? 1_555 ? 
6  AC1 9 VAL A 71 ? VAL A 93  . ? 1_555 ? 
7  AC1 9 HIS A 74 ? HIS A 96  . ? 1_555 ? 
8  AC1 9 TYR A 78 ? TYR A 100 . ? 1_555 ? 
9  AC1 9 TYR B 82 ? TYR B 104 . ? 2_554 ? 
10 AC2 9 THR A 4  ? THR A 26  . ? 1_555 ? 
11 AC2 9 TYR A 78 ? TYR A 100 . ? 1_555 ? 
12 AC2 9 TYR A 82 ? TYR A 104 . ? 1_555 ? 
13 AC2 9 LEU B 32 ? LEU B 54  . ? 1_555 ? 
14 AC2 9 MET B 40 ? MET B 62  . ? 1_555 ? 
15 AC2 9 GLN B 50 ? GLN B 72  . ? 1_555 ? 
16 AC2 9 VAL B 71 ? VAL B 93  . ? 1_555 ? 
17 AC2 9 HIS B 74 ? HIS B 96  . ? 1_555 ? 
18 AC2 9 ILE B 77 ? ILE B 99  . ? 1_555 ? 
# 
_pdbx_validate_close_contact.id               1 
_pdbx_validate_close_contact.PDB_model_num    1 
_pdbx_validate_close_contact.auth_atom_id_1   OG1 
_pdbx_validate_close_contact.auth_asym_id_1   A 
_pdbx_validate_close_contact.auth_comp_id_1   THR 
_pdbx_validate_close_contact.auth_seq_id_1    49 
_pdbx_validate_close_contact.PDB_ins_code_1   ? 
_pdbx_validate_close_contact.label_alt_id_1   ? 
_pdbx_validate_close_contact.auth_atom_id_2   OE1 
_pdbx_validate_close_contact.auth_asym_id_2   A 
_pdbx_validate_close_contact.auth_comp_id_2   GLU 
_pdbx_validate_close_contact.auth_seq_id_2    52 
_pdbx_validate_close_contact.PDB_ins_code_2   ? 
_pdbx_validate_close_contact.label_alt_id_2   ? 
_pdbx_validate_close_contact.dist             2.09 
# 
_pdbx_validate_rmsd_angle.id                         1 
_pdbx_validate_rmsd_angle.PDB_model_num              1 
_pdbx_validate_rmsd_angle.auth_atom_id_1             C 
_pdbx_validate_rmsd_angle.auth_asym_id_1             B 
_pdbx_validate_rmsd_angle.auth_comp_id_1             LYS 
_pdbx_validate_rmsd_angle.auth_seq_id_1              31 
_pdbx_validate_rmsd_angle.PDB_ins_code_1             ? 
_pdbx_validate_rmsd_angle.label_alt_id_1             ? 
_pdbx_validate_rmsd_angle.auth_atom_id_2             N 
_pdbx_validate_rmsd_angle.auth_asym_id_2             B 
_pdbx_validate_rmsd_angle.auth_comp_id_2             PRO 
_pdbx_validate_rmsd_angle.auth_seq_id_2              32 
_pdbx_validate_rmsd_angle.PDB_ins_code_2             ? 
_pdbx_validate_rmsd_angle.label_alt_id_2             ? 
_pdbx_validate_rmsd_angle.auth_atom_id_3             CA 
_pdbx_validate_rmsd_angle.auth_asym_id_3             B 
_pdbx_validate_rmsd_angle.auth_comp_id_3             PRO 
_pdbx_validate_rmsd_angle.auth_seq_id_3              32 
_pdbx_validate_rmsd_angle.PDB_ins_code_3             ? 
_pdbx_validate_rmsd_angle.label_alt_id_3             ? 
_pdbx_validate_rmsd_angle.angle_value                109.54 
_pdbx_validate_rmsd_angle.angle_target_value         119.30 
_pdbx_validate_rmsd_angle.angle_deviation            -9.76 
_pdbx_validate_rmsd_angle.angle_standard_deviation   1.50 
_pdbx_validate_rmsd_angle.linker_flag                Y 
# 
loop_
_pdbx_validate_torsion.id 
_pdbx_validate_torsion.PDB_model_num 
_pdbx_validate_torsion.auth_comp_id 
_pdbx_validate_torsion.auth_asym_id 
_pdbx_validate_torsion.auth_seq_id 
_pdbx_validate_torsion.PDB_ins_code 
_pdbx_validate_torsion.label_alt_id 
_pdbx_validate_torsion.phi 
_pdbx_validate_torsion.psi 
1  1 LYS A 45 ? ? -102.45 -159.75 
2  1 ASP A 46 ? ? -156.47 1.56    
3  1 LEU A 57 ? ? -39.95  -27.74  
4  1 LEU A 66 ? ? -68.53  39.40   
5  1 LYS B 31 ? ? -44.47  177.29  
6  1 SER B 40 ? ? -51.35  -4.85   
7  1 LYS B 51 ? ? -28.95  -53.52  
8  1 ARG B 65 ? ? 39.33   66.86   
9  1 TYR B 67 ? ? -87.75  -155.26 
10 1 GLN B 72 ? ? -89.94  30.30   
11 1 ASN B 79 ? ? -117.13 76.65   
12 1 ASP B 80 ? ? -174.95 143.22  
13 1 PHE B 91 ? ? 175.20  172.35  
14 1 VAL B 93 ? ? -55.01  -7.06   
15 1 HIS B 96 ? ? 3.72    -57.79  
# 
loop_
_pdbx_unobs_or_zero_occ_residues.id 
_pdbx_unobs_or_zero_occ_residues.PDB_model_num 
_pdbx_unobs_or_zero_occ_residues.polymer_flag 
_pdbx_unobs_or_zero_occ_residues.occupancy_flag 
_pdbx_unobs_or_zero_occ_residues.auth_asym_id 
_pdbx_unobs_or_zero_occ_residues.auth_comp_id 
_pdbx_unobs_or_zero_occ_residues.auth_seq_id 
_pdbx_unobs_or_zero_occ_residues.PDB_ins_code 
_pdbx_unobs_or_zero_occ_residues.label_asym_id 
_pdbx_unobs_or_zero_occ_residues.label_comp_id 
_pdbx_unobs_or_zero_occ_residues.label_seq_id 
1 1 Y 1 A GLY 23 ? A GLY 1 
2 1 Y 1 A SER 24 ? A SER 2 
3 1 Y 1 B GLY 23 ? B GLY 1 
4 1 Y 1 B SER 24 ? B SER 2 
# 
loop_
_chem_comp_atom.comp_id 
_chem_comp_atom.atom_id 
_chem_comp_atom.type_symbol 
_chem_comp_atom.pdbx_aromatic_flag 
_chem_comp_atom.pdbx_stereo_config 
_chem_comp_atom.pdbx_ordinal 
ALA N    N  N N 1   
ALA CA   C  N S 2   
ALA C    C  N N 3   
ALA O    O  N N 4   
ALA CB   C  N N 5   
ALA OXT  O  N N 6   
ALA H    H  N N 7   
ALA H2   H  N N 8   
ALA HA   H  N N 9   
ALA HB1  H  N N 10  
ALA HB2  H  N N 11  
ALA HB3  H  N N 12  
ALA HXT  H  N N 13  
ARG N    N  N N 14  
ARG CA   C  N S 15  
ARG C    C  N N 16  
ARG O    O  N N 17  
ARG CB   C  N N 18  
ARG CG   C  N N 19  
ARG CD   C  N N 20  
ARG NE   N  N N 21  
ARG CZ   C  N N 22  
ARG NH1  N  N N 23  
ARG NH2  N  N N 24  
ARG OXT  O  N N 25  
ARG H    H  N N 26  
ARG H2   H  N N 27  
ARG HA   H  N N 28  
ARG HB2  H  N N 29  
ARG HB3  H  N N 30  
ARG HG2  H  N N 31  
ARG HG3  H  N N 32  
ARG HD2  H  N N 33  
ARG HD3  H  N N 34  
ARG HE   H  N N 35  
ARG HH11 H  N N 36  
ARG HH12 H  N N 37  
ARG HH21 H  N N 38  
ARG HH22 H  N N 39  
ARG HXT  H  N N 40  
ASN N    N  N N 41  
ASN CA   C  N S 42  
ASN C    C  N N 43  
ASN O    O  N N 44  
ASN CB   C  N N 45  
ASN CG   C  N N 46  
ASN OD1  O  N N 47  
ASN ND2  N  N N 48  
ASN OXT  O  N N 49  
ASN H    H  N N 50  
ASN H2   H  N N 51  
ASN HA   H  N N 52  
ASN HB2  H  N N 53  
ASN HB3  H  N N 54  
ASN HD21 H  N N 55  
ASN HD22 H  N N 56  
ASN HXT  H  N N 57  
ASP N    N  N N 58  
ASP CA   C  N S 59  
ASP C    C  N N 60  
ASP O    O  N N 61  
ASP CB   C  N N 62  
ASP CG   C  N N 63  
ASP OD1  O  N N 64  
ASP OD2  O  N N 65  
ASP OXT  O  N N 66  
ASP H    H  N N 67  
ASP H2   H  N N 68  
ASP HA   H  N N 69  
ASP HB2  H  N N 70  
ASP HB3  H  N N 71  
ASP HD2  H  N N 72  
ASP HXT  H  N N 73  
CYS N    N  N N 74  
CYS CA   C  N R 75  
CYS C    C  N N 76  
CYS O    O  N N 77  
CYS CB   C  N N 78  
CYS SG   S  N N 79  
CYS OXT  O  N N 80  
CYS H    H  N N 81  
CYS H2   H  N N 82  
CYS HA   H  N N 83  
CYS HB2  H  N N 84  
CYS HB3  H  N N 85  
CYS HG   H  N N 86  
CYS HXT  H  N N 87  
GLN N    N  N N 88  
GLN CA   C  N S 89  
GLN C    C  N N 90  
GLN O    O  N N 91  
GLN CB   C  N N 92  
GLN CG   C  N N 93  
GLN CD   C  N N 94  
GLN OE1  O  N N 95  
GLN NE2  N  N N 96  
GLN OXT  O  N N 97  
GLN H    H  N N 98  
GLN H2   H  N N 99  
GLN HA   H  N N 100 
GLN HB2  H  N N 101 
GLN HB3  H  N N 102 
GLN HG2  H  N N 103 
GLN HG3  H  N N 104 
GLN HE21 H  N N 105 
GLN HE22 H  N N 106 
GLN HXT  H  N N 107 
GLU N    N  N N 108 
GLU CA   C  N S 109 
GLU C    C  N N 110 
GLU O    O  N N 111 
GLU CB   C  N N 112 
GLU CG   C  N N 113 
GLU CD   C  N N 114 
GLU OE1  O  N N 115 
GLU OE2  O  N N 116 
GLU OXT  O  N N 117 
GLU H    H  N N 118 
GLU H2   H  N N 119 
GLU HA   H  N N 120 
GLU HB2  H  N N 121 
GLU HB3  H  N N 122 
GLU HG2  H  N N 123 
GLU HG3  H  N N 124 
GLU HE2  H  N N 125 
GLU HXT  H  N N 126 
GLY N    N  N N 127 
GLY CA   C  N N 128 
GLY C    C  N N 129 
GLY O    O  N N 130 
GLY OXT  O  N N 131 
GLY H    H  N N 132 
GLY H2   H  N N 133 
GLY HA2  H  N N 134 
GLY HA3  H  N N 135 
GLY HXT  H  N N 136 
HIS N    N  N N 137 
HIS CA   C  N S 138 
HIS C    C  N N 139 
HIS O    O  N N 140 
HIS CB   C  N N 141 
HIS CG   C  Y N 142 
HIS ND1  N  Y N 143 
HIS CD2  C  Y N 144 
HIS CE1  C  Y N 145 
HIS NE2  N  Y N 146 
HIS OXT  O  N N 147 
HIS H    H  N N 148 
HIS H2   H  N N 149 
HIS HA   H  N N 150 
HIS HB2  H  N N 151 
HIS HB3  H  N N 152 
HIS HD1  H  N N 153 
HIS HD2  H  N N 154 
HIS HE1  H  N N 155 
HIS HE2  H  N N 156 
HIS HXT  H  N N 157 
ILE N    N  N N 158 
ILE CA   C  N S 159 
ILE C    C  N N 160 
ILE O    O  N N 161 
ILE CB   C  N S 162 
ILE CG1  C  N N 163 
ILE CG2  C  N N 164 
ILE CD1  C  N N 165 
ILE OXT  O  N N 166 
ILE H    H  N N 167 
ILE H2   H  N N 168 
ILE HA   H  N N 169 
ILE HB   H  N N 170 
ILE HG12 H  N N 171 
ILE HG13 H  N N 172 
ILE HG21 H  N N 173 
ILE HG22 H  N N 174 
ILE HG23 H  N N 175 
ILE HD11 H  N N 176 
ILE HD12 H  N N 177 
ILE HD13 H  N N 178 
ILE HXT  H  N N 179 
LEU N    N  N N 180 
LEU CA   C  N S 181 
LEU C    C  N N 182 
LEU O    O  N N 183 
LEU CB   C  N N 184 
LEU CG   C  N N 185 
LEU CD1  C  N N 186 
LEU CD2  C  N N 187 
LEU OXT  O  N N 188 
LEU H    H  N N 189 
LEU H2   H  N N 190 
LEU HA   H  N N 191 
LEU HB2  H  N N 192 
LEU HB3  H  N N 193 
LEU HG   H  N N 194 
LEU HD11 H  N N 195 
LEU HD12 H  N N 196 
LEU HD13 H  N N 197 
LEU HD21 H  N N 198 
LEU HD22 H  N N 199 
LEU HD23 H  N N 200 
LEU HXT  H  N N 201 
LYS N    N  N N 202 
LYS CA   C  N S 203 
LYS C    C  N N 204 
LYS O    O  N N 205 
LYS CB   C  N N 206 
LYS CG   C  N N 207 
LYS CD   C  N N 208 
LYS CE   C  N N 209 
LYS NZ   N  N N 210 
LYS OXT  O  N N 211 
LYS H    H  N N 212 
LYS H2   H  N N 213 
LYS HA   H  N N 214 
LYS HB2  H  N N 215 
LYS HB3  H  N N 216 
LYS HG2  H  N N 217 
LYS HG3  H  N N 218 
LYS HD2  H  N N 219 
LYS HD3  H  N N 220 
LYS HE2  H  N N 221 
LYS HE3  H  N N 222 
LYS HZ1  H  N N 223 
LYS HZ2  H  N N 224 
LYS HZ3  H  N N 225 
LYS HXT  H  N N 226 
MET N    N  N N 227 
MET CA   C  N S 228 
MET C    C  N N 229 
MET O    O  N N 230 
MET CB   C  N N 231 
MET CG   C  N N 232 
MET SD   S  N N 233 
MET CE   C  N N 234 
MET OXT  O  N N 235 
MET H    H  N N 236 
MET H2   H  N N 237 
MET HA   H  N N 238 
MET HB2  H  N N 239 
MET HB3  H  N N 240 
MET HG2  H  N N 241 
MET HG3  H  N N 242 
MET HE1  H  N N 243 
MET HE2  H  N N 244 
MET HE3  H  N N 245 
MET HXT  H  N N 246 
PHE N    N  N N 247 
PHE CA   C  N S 248 
PHE C    C  N N 249 
PHE O    O  N N 250 
PHE CB   C  N N 251 
PHE CG   C  Y N 252 
PHE CD1  C  Y N 253 
PHE CD2  C  Y N 254 
PHE CE1  C  Y N 255 
PHE CE2  C  Y N 256 
PHE CZ   C  Y N 257 
PHE OXT  O  N N 258 
PHE H    H  N N 259 
PHE H2   H  N N 260 
PHE HA   H  N N 261 
PHE HB2  H  N N 262 
PHE HB3  H  N N 263 
PHE HD1  H  N N 264 
PHE HD2  H  N N 265 
PHE HE1  H  N N 266 
PHE HE2  H  N N 267 
PHE HZ   H  N N 268 
PHE HXT  H  N N 269 
PRO N    N  N N 270 
PRO CA   C  N S 271 
PRO C    C  N N 272 
PRO O    O  N N 273 
PRO CB   C  N N 274 
PRO CG   C  N N 275 
PRO CD   C  N N 276 
PRO OXT  O  N N 277 
PRO H    H  N N 278 
PRO HA   H  N N 279 
PRO HB2  H  N N 280 
PRO HB3  H  N N 281 
PRO HG2  H  N N 282 
PRO HG3  H  N N 283 
PRO HD2  H  N N 284 
PRO HD3  H  N N 285 
PRO HXT  H  N N 286 
SER N    N  N N 287 
SER CA   C  N S 288 
SER C    C  N N 289 
SER O    O  N N 290 
SER CB   C  N N 291 
SER OG   O  N N 292 
SER OXT  O  N N 293 
SER H    H  N N 294 
SER H2   H  N N 295 
SER HA   H  N N 296 
SER HB2  H  N N 297 
SER HB3  H  N N 298 
SER HG   H  N N 299 
SER HXT  H  N N 300 
THR N    N  N N 301 
THR CA   C  N S 302 
THR C    C  N N 303 
THR O    O  N N 304 
THR CB   C  N R 305 
THR OG1  O  N N 306 
THR CG2  C  N N 307 
THR OXT  O  N N 308 
THR H    H  N N 309 
THR H2   H  N N 310 
THR HA   H  N N 311 
THR HB   H  N N 312 
THR HG1  H  N N 313 
THR HG21 H  N N 314 
THR HG22 H  N N 315 
THR HG23 H  N N 316 
THR HXT  H  N N 317 
TYR N    N  N N 318 
TYR CA   C  N S 319 
TYR C    C  N N 320 
TYR O    O  N N 321 
TYR CB   C  N N 322 
TYR CG   C  Y N 323 
TYR CD1  C  Y N 324 
TYR CD2  C  Y N 325 
TYR CE1  C  Y N 326 
TYR CE2  C  Y N 327 
TYR CZ   C  Y N 328 
TYR OH   O  N N 329 
TYR OXT  O  N N 330 
TYR H    H  N N 331 
TYR H2   H  N N 332 
TYR HA   H  N N 333 
TYR HB2  H  N N 334 
TYR HB3  H  N N 335 
TYR HD1  H  N N 336 
TYR HD2  H  N N 337 
TYR HE1  H  N N 338 
TYR HE2  H  N N 339 
TYR HH   H  N N 340 
TYR HXT  H  N N 341 
VAL N    N  N N 342 
VAL CA   C  N S 343 
VAL C    C  N N 344 
VAL O    O  N N 345 
VAL CB   C  N N 346 
VAL CG1  C  N N 347 
VAL CG2  C  N N 348 
VAL OXT  O  N N 349 
VAL H    H  N N 350 
VAL H2   H  N N 351 
VAL HA   H  N N 352 
VAL HB   H  N N 353 
VAL HG11 H  N N 354 
VAL HG12 H  N N 355 
VAL HG13 H  N N 356 
VAL HG21 H  N N 357 
VAL HG22 H  N N 358 
VAL HG23 H  N N 359 
VAL HXT  H  N N 360 
VZV O43  O  N N 361 
VZV C42  C  N N 362 
VZV N5   N  N N 363 
VZV C4   C  N S 364 
VZV C6   C  N N 365 
VZV O10  O  N N 366 
VZV N7   N  N N 367 
VZV C9   C  N N 368 
VZV C8   C  N N 369 
VZV C3   C  N N 370 
VZV C2   C  N N 371 
VZV C1   C  N N 372 
VZV C37  C  N N 373 
VZV C38  C  N N 374 
VZV C39  C  N N 375 
VZV C41  C  N N 376 
VZV C40  C  N N 377 
VZV N35  N  N N 378 
VZV C31  C  N R 379 
VZV C24  C  Y N 380 
VZV C23  C  Y N 381 
VZV C22  C  Y N 382 
VZV C25  C  Y N 383 
VZV C26  C  Y N 384 
VZV C21  C  Y N 385 
VZV CL2  CL N N 386 
VZV S36  S  N N 387 
VZV C34  C  N N 388 
VZV N33  N  N N 389 
VZV C32  C  N S 390 
VZV C44  C  N N 391 
VZV C15  C  Y N 392 
VZV C16  C  Y N 393 
VZV C11  C  Y N 394 
VZV C14  C  Y N 395 
VZV C13  C  Y N 396 
VZV C12  C  Y N 397 
VZV CL1  CL N N 398 
VZV H1   H  N N 399 
VZV H2   H  N N 400 
VZV H3   H  N N 401 
VZV H4   H  N N 402 
VZV H5   H  N N 403 
VZV H6   H  N N 404 
VZV H7   H  N N 405 
VZV H8   H  N N 406 
VZV H9   H  N N 407 
VZV H10  H  N N 408 
VZV H11  H  N N 409 
VZV H12  H  N N 410 
VZV H13  H  N N 411 
VZV H16  H  N N 412 
VZV H17  H  N N 413 
VZV H18  H  N N 414 
VZV H19  H  N N 415 
VZV H20  H  N N 416 
VZV H21  H  N N 417 
VZV H22  H  N N 418 
VZV H23  H  N N 419 
VZV H24  H  N N 420 
VZV H25  H  N N 421 
VZV H26  H  N N 422 
VZV H27  H  N N 423 
VZV H28  H  N N 424 
VZV H29  H  N N 425 
VZV H30  H  N N 426 
VZV H31  H  N N 427 
VZV H32  H  N N 428 
VZV H33  H  N N 429 
VZV H34  H  N N 430 
# 
loop_
_chem_comp_bond.comp_id 
_chem_comp_bond.atom_id_1 
_chem_comp_bond.atom_id_2 
_chem_comp_bond.value_order 
_chem_comp_bond.pdbx_aromatic_flag 
_chem_comp_bond.pdbx_stereo_config 
_chem_comp_bond.pdbx_ordinal 
ALA N   CA   sing N N 1   
ALA N   H    sing N N 2   
ALA N   H2   sing N N 3   
ALA CA  C    sing N N 4   
ALA CA  CB   sing N N 5   
ALA CA  HA   sing N N 6   
ALA C   O    doub N N 7   
ALA C   OXT  sing N N 8   
ALA CB  HB1  sing N N 9   
ALA CB  HB2  sing N N 10  
ALA CB  HB3  sing N N 11  
ALA OXT HXT  sing N N 12  
ARG N   CA   sing N N 13  
ARG N   H    sing N N 14  
ARG N   H2   sing N N 15  
ARG CA  C    sing N N 16  
ARG CA  CB   sing N N 17  
ARG CA  HA   sing N N 18  
ARG C   O    doub N N 19  
ARG C   OXT  sing N N 20  
ARG CB  CG   sing N N 21  
ARG CB  HB2  sing N N 22  
ARG CB  HB3  sing N N 23  
ARG CG  CD   sing N N 24  
ARG CG  HG2  sing N N 25  
ARG CG  HG3  sing N N 26  
ARG CD  NE   sing N N 27  
ARG CD  HD2  sing N N 28  
ARG CD  HD3  sing N N 29  
ARG NE  CZ   sing N N 30  
ARG NE  HE   sing N N 31  
ARG CZ  NH1  sing N N 32  
ARG CZ  NH2  doub N N 33  
ARG NH1 HH11 sing N N 34  
ARG NH1 HH12 sing N N 35  
ARG NH2 HH21 sing N N 36  
ARG NH2 HH22 sing N N 37  
ARG OXT HXT  sing N N 38  
ASN N   CA   sing N N 39  
ASN N   H    sing N N 40  
ASN N   H2   sing N N 41  
ASN CA  C    sing N N 42  
ASN CA  CB   sing N N 43  
ASN CA  HA   sing N N 44  
ASN C   O    doub N N 45  
ASN C   OXT  sing N N 46  
ASN CB  CG   sing N N 47  
ASN CB  HB2  sing N N 48  
ASN CB  HB3  sing N N 49  
ASN CG  OD1  doub N N 50  
ASN CG  ND2  sing N N 51  
ASN ND2 HD21 sing N N 52  
ASN ND2 HD22 sing N N 53  
ASN OXT HXT  sing N N 54  
ASP N   CA   sing N N 55  
ASP N   H    sing N N 56  
ASP N   H2   sing N N 57  
ASP CA  C    sing N N 58  
ASP CA  CB   sing N N 59  
ASP CA  HA   sing N N 60  
ASP C   O    doub N N 61  
ASP C   OXT  sing N N 62  
ASP CB  CG   sing N N 63  
ASP CB  HB2  sing N N 64  
ASP CB  HB3  sing N N 65  
ASP CG  OD1  doub N N 66  
ASP CG  OD2  sing N N 67  
ASP OD2 HD2  sing N N 68  
ASP OXT HXT  sing N N 69  
CYS N   CA   sing N N 70  
CYS N   H    sing N N 71  
CYS N   H2   sing N N 72  
CYS CA  C    sing N N 73  
CYS CA  CB   sing N N 74  
CYS CA  HA   sing N N 75  
CYS C   O    doub N N 76  
CYS C   OXT  sing N N 77  
CYS CB  SG   sing N N 78  
CYS CB  HB2  sing N N 79  
CYS CB  HB3  sing N N 80  
CYS SG  HG   sing N N 81  
CYS OXT HXT  sing N N 82  
GLN N   CA   sing N N 83  
GLN N   H    sing N N 84  
GLN N   H2   sing N N 85  
GLN CA  C    sing N N 86  
GLN CA  CB   sing N N 87  
GLN CA  HA   sing N N 88  
GLN C   O    doub N N 89  
GLN C   OXT  sing N N 90  
GLN CB  CG   sing N N 91  
GLN CB  HB2  sing N N 92  
GLN CB  HB3  sing N N 93  
GLN CG  CD   sing N N 94  
GLN CG  HG2  sing N N 95  
GLN CG  HG3  sing N N 96  
GLN CD  OE1  doub N N 97  
GLN CD  NE2  sing N N 98  
GLN NE2 HE21 sing N N 99  
GLN NE2 HE22 sing N N 100 
GLN OXT HXT  sing N N 101 
GLU N   CA   sing N N 102 
GLU N   H    sing N N 103 
GLU N   H2   sing N N 104 
GLU CA  C    sing N N 105 
GLU CA  CB   sing N N 106 
GLU CA  HA   sing N N 107 
GLU C   O    doub N N 108 
GLU C   OXT  sing N N 109 
GLU CB  CG   sing N N 110 
GLU CB  HB2  sing N N 111 
GLU CB  HB3  sing N N 112 
GLU CG  CD   sing N N 113 
GLU CG  HG2  sing N N 114 
GLU CG  HG3  sing N N 115 
GLU CD  OE1  doub N N 116 
GLU CD  OE2  sing N N 117 
GLU OE2 HE2  sing N N 118 
GLU OXT HXT  sing N N 119 
GLY N   CA   sing N N 120 
GLY N   H    sing N N 121 
GLY N   H2   sing N N 122 
GLY CA  C    sing N N 123 
GLY CA  HA2  sing N N 124 
GLY CA  HA3  sing N N 125 
GLY C   O    doub N N 126 
GLY C   OXT  sing N N 127 
GLY OXT HXT  sing N N 128 
HIS N   CA   sing N N 129 
HIS N   H    sing N N 130 
HIS N   H2   sing N N 131 
HIS CA  C    sing N N 132 
HIS CA  CB   sing N N 133 
HIS CA  HA   sing N N 134 
HIS C   O    doub N N 135 
HIS C   OXT  sing N N 136 
HIS CB  CG   sing N N 137 
HIS CB  HB2  sing N N 138 
HIS CB  HB3  sing N N 139 
HIS CG  ND1  sing Y N 140 
HIS CG  CD2  doub Y N 141 
HIS ND1 CE1  doub Y N 142 
HIS ND1 HD1  sing N N 143 
HIS CD2 NE2  sing Y N 144 
HIS CD2 HD2  sing N N 145 
HIS CE1 NE2  sing Y N 146 
HIS CE1 HE1  sing N N 147 
HIS NE2 HE2  sing N N 148 
HIS OXT HXT  sing N N 149 
ILE N   CA   sing N N 150 
ILE N   H    sing N N 151 
ILE N   H2   sing N N 152 
ILE CA  C    sing N N 153 
ILE CA  CB   sing N N 154 
ILE CA  HA   sing N N 155 
ILE C   O    doub N N 156 
ILE C   OXT  sing N N 157 
ILE CB  CG1  sing N N 158 
ILE CB  CG2  sing N N 159 
ILE CB  HB   sing N N 160 
ILE CG1 CD1  sing N N 161 
ILE CG1 HG12 sing N N 162 
ILE CG1 HG13 sing N N 163 
ILE CG2 HG21 sing N N 164 
ILE CG2 HG22 sing N N 165 
ILE CG2 HG23 sing N N 166 
ILE CD1 HD11 sing N N 167 
ILE CD1 HD12 sing N N 168 
ILE CD1 HD13 sing N N 169 
ILE OXT HXT  sing N N 170 
LEU N   CA   sing N N 171 
LEU N   H    sing N N 172 
LEU N   H2   sing N N 173 
LEU CA  C    sing N N 174 
LEU CA  CB   sing N N 175 
LEU CA  HA   sing N N 176 
LEU C   O    doub N N 177 
LEU C   OXT  sing N N 178 
LEU CB  CG   sing N N 179 
LEU CB  HB2  sing N N 180 
LEU CB  HB3  sing N N 181 
LEU CG  CD1  sing N N 182 
LEU CG  CD2  sing N N 183 
LEU CG  HG   sing N N 184 
LEU CD1 HD11 sing N N 185 
LEU CD1 HD12 sing N N 186 
LEU CD1 HD13 sing N N 187 
LEU CD2 HD21 sing N N 188 
LEU CD2 HD22 sing N N 189 
LEU CD2 HD23 sing N N 190 
LEU OXT HXT  sing N N 191 
LYS N   CA   sing N N 192 
LYS N   H    sing N N 193 
LYS N   H2   sing N N 194 
LYS CA  C    sing N N 195 
LYS CA  CB   sing N N 196 
LYS CA  HA   sing N N 197 
LYS C   O    doub N N 198 
LYS C   OXT  sing N N 199 
LYS CB  CG   sing N N 200 
LYS CB  HB2  sing N N 201 
LYS CB  HB3  sing N N 202 
LYS CG  CD   sing N N 203 
LYS CG  HG2  sing N N 204 
LYS CG  HG3  sing N N 205 
LYS CD  CE   sing N N 206 
LYS CD  HD2  sing N N 207 
LYS CD  HD3  sing N N 208 
LYS CE  NZ   sing N N 209 
LYS CE  HE2  sing N N 210 
LYS CE  HE3  sing N N 211 
LYS NZ  HZ1  sing N N 212 
LYS NZ  HZ2  sing N N 213 
LYS NZ  HZ3  sing N N 214 
LYS OXT HXT  sing N N 215 
MET N   CA   sing N N 216 
MET N   H    sing N N 217 
MET N   H2   sing N N 218 
MET CA  C    sing N N 219 
MET CA  CB   sing N N 220 
MET CA  HA   sing N N 221 
MET C   O    doub N N 222 
MET C   OXT  sing N N 223 
MET CB  CG   sing N N 224 
MET CB  HB2  sing N N 225 
MET CB  HB3  sing N N 226 
MET CG  SD   sing N N 227 
MET CG  HG2  sing N N 228 
MET CG  HG3  sing N N 229 
MET SD  CE   sing N N 230 
MET CE  HE1  sing N N 231 
MET CE  HE2  sing N N 232 
MET CE  HE3  sing N N 233 
MET OXT HXT  sing N N 234 
PHE N   CA   sing N N 235 
PHE N   H    sing N N 236 
PHE N   H2   sing N N 237 
PHE CA  C    sing N N 238 
PHE CA  CB   sing N N 239 
PHE CA  HA   sing N N 240 
PHE C   O    doub N N 241 
PHE C   OXT  sing N N 242 
PHE CB  CG   sing N N 243 
PHE CB  HB2  sing N N 244 
PHE CB  HB3  sing N N 245 
PHE CG  CD1  doub Y N 246 
PHE CG  CD2  sing Y N 247 
PHE CD1 CE1  sing Y N 248 
PHE CD1 HD1  sing N N 249 
PHE CD2 CE2  doub Y N 250 
PHE CD2 HD2  sing N N 251 
PHE CE1 CZ   doub Y N 252 
PHE CE1 HE1  sing N N 253 
PHE CE2 CZ   sing Y N 254 
PHE CE2 HE2  sing N N 255 
PHE CZ  HZ   sing N N 256 
PHE OXT HXT  sing N N 257 
PRO N   CA   sing N N 258 
PRO N   CD   sing N N 259 
PRO N   H    sing N N 260 
PRO CA  C    sing N N 261 
PRO CA  CB   sing N N 262 
PRO CA  HA   sing N N 263 
PRO C   O    doub N N 264 
PRO C   OXT  sing N N 265 
PRO CB  CG   sing N N 266 
PRO CB  HB2  sing N N 267 
PRO CB  HB3  sing N N 268 
PRO CG  CD   sing N N 269 
PRO CG  HG2  sing N N 270 
PRO CG  HG3  sing N N 271 
PRO CD  HD2  sing N N 272 
PRO CD  HD3  sing N N 273 
PRO OXT HXT  sing N N 274 
SER N   CA   sing N N 275 
SER N   H    sing N N 276 
SER N   H2   sing N N 277 
SER CA  C    sing N N 278 
SER CA  CB   sing N N 279 
SER CA  HA   sing N N 280 
SER C   O    doub N N 281 
SER C   OXT  sing N N 282 
SER CB  OG   sing N N 283 
SER CB  HB2  sing N N 284 
SER CB  HB3  sing N N 285 
SER OG  HG   sing N N 286 
SER OXT HXT  sing N N 287 
THR N   CA   sing N N 288 
THR N   H    sing N N 289 
THR N   H2   sing N N 290 
THR CA  C    sing N N 291 
THR CA  CB   sing N N 292 
THR CA  HA   sing N N 293 
THR C   O    doub N N 294 
THR C   OXT  sing N N 295 
THR CB  OG1  sing N N 296 
THR CB  CG2  sing N N 297 
THR CB  HB   sing N N 298 
THR OG1 HG1  sing N N 299 
THR CG2 HG21 sing N N 300 
THR CG2 HG22 sing N N 301 
THR CG2 HG23 sing N N 302 
THR OXT HXT  sing N N 303 
TYR N   CA   sing N N 304 
TYR N   H    sing N N 305 
TYR N   H2   sing N N 306 
TYR CA  C    sing N N 307 
TYR CA  CB   sing N N 308 
TYR CA  HA   sing N N 309 
TYR C   O    doub N N 310 
TYR C   OXT  sing N N 311 
TYR CB  CG   sing N N 312 
TYR CB  HB2  sing N N 313 
TYR CB  HB3  sing N N 314 
TYR CG  CD1  doub Y N 315 
TYR CG  CD2  sing Y N 316 
TYR CD1 CE1  sing Y N 317 
TYR CD1 HD1  sing N N 318 
TYR CD2 CE2  doub Y N 319 
TYR CD2 HD2  sing N N 320 
TYR CE1 CZ   doub Y N 321 
TYR CE1 HE1  sing N N 322 
TYR CE2 CZ   sing Y N 323 
TYR CE2 HE2  sing N N 324 
TYR CZ  OH   sing N N 325 
TYR OH  HH   sing N N 326 
TYR OXT HXT  sing N N 327 
VAL N   CA   sing N N 328 
VAL N   H    sing N N 329 
VAL N   H2   sing N N 330 
VAL CA  C    sing N N 331 
VAL CA  CB   sing N N 332 
VAL CA  HA   sing N N 333 
VAL C   O    doub N N 334 
VAL C   OXT  sing N N 335 
VAL CB  CG1  sing N N 336 
VAL CB  CG2  sing N N 337 
VAL CB  HB   sing N N 338 
VAL CG1 HG11 sing N N 339 
VAL CG1 HG12 sing N N 340 
VAL CG1 HG13 sing N N 341 
VAL CG2 HG21 sing N N 342 
VAL CG2 HG22 sing N N 343 
VAL CG2 HG23 sing N N 344 
VAL OXT HXT  sing N N 345 
VZV O10 C6   doub N N 346 
VZV C6  N7   sing N N 347 
VZV C6  C4   sing N N 348 
VZV C8  N7   sing N N 349 
VZV N7  C9   sing N N 350 
VZV C4  C3   sing N N 351 
VZV C4  N5   sing N N 352 
VZV C3  C2   sing N N 353 
VZV O43 C42  doub N N 354 
VZV N5  C42  sing N N 355 
VZV N5  C1   sing N N 356 
VZV C2  C1   sing N N 357 
VZV C42 C37  sing N N 358 
VZV C37 S36  sing N N 359 
VZV C37 C38  doub N N 360 
VZV S36 C34  sing N N 361 
VZV C41 C39  sing N N 362 
VZV C38 C39  sing N N 363 
VZV C38 N35  sing N N 364 
VZV C40 C39  sing N N 365 
VZV C34 N35  sing N N 366 
VZV C34 N33  doub N N 367 
VZV N35 C31  sing N N 368 
VZV N33 C32  sing N N 369 
VZV C31 C32  sing N N 370 
VZV C31 C24  sing N N 371 
VZV C32 C44  sing N N 372 
VZV C32 C15  sing N N 373 
VZV C25 C24  doub Y N 374 
VZV C25 C26  sing Y N 375 
VZV C24 C23  sing Y N 376 
VZV C26 C21  doub Y N 377 
VZV C15 C14  doub Y N 378 
VZV C15 C16  sing Y N 379 
VZV C14 C13  sing Y N 380 
VZV C23 C22  doub Y N 381 
VZV C21 C22  sing Y N 382 
VZV C21 CL2  sing N N 383 
VZV C16 C11  doub Y N 384 
VZV C13 C12  doub Y N 385 
VZV C11 C12  sing Y N 386 
VZV C12 CL1  sing N N 387 
VZV C4  H1   sing N N 388 
VZV C9  H2   sing N N 389 
VZV C9  H3   sing N N 390 
VZV C9  H4   sing N N 391 
VZV C8  H5   sing N N 392 
VZV C8  H6   sing N N 393 
VZV C8  H7   sing N N 394 
VZV C3  H8   sing N N 395 
VZV C3  H9   sing N N 396 
VZV C2  H10  sing N N 397 
VZV C2  H11  sing N N 398 
VZV C1  H12  sing N N 399 
VZV C1  H13  sing N N 400 
VZV C39 H16  sing N N 401 
VZV C41 H17  sing N N 402 
VZV C41 H18  sing N N 403 
VZV C41 H19  sing N N 404 
VZV C40 H20  sing N N 405 
VZV C40 H21  sing N N 406 
VZV C40 H22  sing N N 407 
VZV C31 H23  sing N N 408 
VZV C23 H24  sing N N 409 
VZV C22 H25  sing N N 410 
VZV C25 H26  sing N N 411 
VZV C26 H27  sing N N 412 
VZV C44 H28  sing N N 413 
VZV C44 H29  sing N N 414 
VZV C44 H30  sing N N 415 
VZV C16 H31  sing N N 416 
VZV C11 H32  sing N N 417 
VZV C14 H33  sing N N 418 
VZV C13 H34  sing N N 419 
# 
_atom_sites.entry_id                    3VZV 
_atom_sites.fract_transf_matrix[1][1]   -0.00053626 
_atom_sites.fract_transf_matrix[1][2]   0.01421240 
_atom_sites.fract_transf_matrix[1][3]   0.00968865 
_atom_sites.fract_transf_matrix[2][1]   -0.01462580 
_atom_sites.fract_transf_matrix[2][2]   -0.00246904 
_atom_sites.fract_transf_matrix[2][3]   0.00281235 
_atom_sites.fract_transf_matrix[3][1]   0.00304625 
_atom_sites.fract_transf_matrix[3][2]   -0.00668430 
_atom_sites.fract_transf_matrix[3][3]   0.00997388 
_atom_sites.fract_transf_vector[1]      0.143044 
_atom_sites.fract_transf_vector[2]      -0.044998 
_atom_sites.fract_transf_vector[3]      -0.143532 
# 
loop_
_atom_type.symbol 
C  
CL 
N  
O  
S  
# 
loop_
_atom_site.group_PDB 
_atom_site.id 
_atom_site.type_symbol 
_atom_site.label_atom_id 
_atom_site.label_alt_id 
_atom_site.label_comp_id 
_atom_site.label_asym_id 
_atom_site.label_entity_id 
_atom_site.label_seq_id 
_atom_site.pdbx_PDB_ins_code 
_atom_site.Cartn_x 
_atom_site.Cartn_y 
_atom_site.Cartn_z 
_atom_site.occupancy 
_atom_site.B_iso_or_equiv 
_atom_site.pdbx_formal_charge 
_atom_site.auth_seq_id 
_atom_site.auth_comp_id 
_atom_site.auth_asym_id 
_atom_site.auth_atom_id 
_atom_site.pdbx_PDB_model_num 
ATOM   1    N  N   . GLU A 1 3  ? 1.553   7.661   12.296  1.00 69.04 ? 25  GLU A N   1 
ATOM   2    C  CA  . GLU A 1 3  ? 1.336   6.185   12.288  1.00 71.20 ? 25  GLU A CA  1 
ATOM   3    C  C   . GLU A 1 3  ? 0.082   5.815   11.452  1.00 68.69 ? 25  GLU A C   1 
ATOM   4    O  O   . GLU A 1 3  ? -0.153  4.634   11.142  1.00 65.18 ? 25  GLU A O   1 
ATOM   5    C  CB  . GLU A 1 3  ? 1.237   5.684   13.728  1.00 72.00 ? 25  GLU A CB  1 
ATOM   6    C  CG  . GLU A 1 3  ? 1.677   4.242   13.951  1.00 76.17 ? 25  GLU A CG  1 
ATOM   7    C  CD  . GLU A 1 3  ? 1.353   3.765   15.365  1.00 75.91 ? 25  GLU A CD  1 
ATOM   8    O  OE1 . GLU A 1 3  ? 2.233   3.188   16.069  1.00 66.54 ? 25  GLU A OE1 1 
ATOM   9    O  OE2 . GLU A 1 3  ? 0.198   4.000   15.778  1.00 74.23 ? 25  GLU A OE2 1 
ATOM   10   N  N   . THR A 1 4  ? -0.718  6.831   11.099  1.00 62.49 ? 26  THR A N   1 
ATOM   11   C  CA  . THR A 1 4  ? -1.666  6.734   9.959   1.00 57.27 ? 26  THR A CA  1 
ATOM   12   C  C   . THR A 1 4  ? -0.868  6.659   8.634   1.00 47.77 ? 26  THR A C   1 
ATOM   13   O  O   . THR A 1 4  ? -1.206  5.892   7.752   1.00 44.02 ? 26  THR A O   1 
ATOM   14   C  CB  . THR A 1 4  ? -2.725  7.904   9.911   1.00 60.09 ? 26  THR A CB  1 
ATOM   15   O  OG1 . THR A 1 4  ? -3.479  7.855   8.687   1.00 56.87 ? 26  THR A OG1 1 
ATOM   16   C  CG2 . THR A 1 4  ? -2.094  9.346   10.058  1.00 55.08 ? 26  THR A CG2 1 
ATOM   17   N  N   . LEU A 1 5  ? 0.210   7.447   8.587   1.00 42.43 ? 27  LEU A N   1 
ATOM   18   C  CA  . LEU A 1 5  ? 1.098   7.732   7.478   1.00 35.44 ? 27  LEU A CA  1 
ATOM   19   C  C   . LEU A 1 5  ? 2.095   6.609   7.081   1.00 31.13 ? 27  LEU A C   1 
ATOM   20   O  O   . LEU A 1 5  ? 2.142   5.544   7.696   1.00 28.98 ? 27  LEU A O   1 
ATOM   21   C  CB  . LEU A 1 5  ? 1.891   8.972   7.903   1.00 36.18 ? 27  LEU A CB  1 
ATOM   22   C  CG  . LEU A 1 5  ? 1.209   9.865   8.966   1.00 38.00 ? 27  LEU A CG  1 
ATOM   23   C  CD1 . LEU A 1 5  ? 2.232   10.512  9.888   1.00 40.85 ? 27  LEU A CD1 1 
ATOM   24   C  CD2 . LEU A 1 5  ? 0.294   10.934  8.380   1.00 36.34 ? 27  LEU A CD2 1 
ATOM   25   N  N   . VAL A 1 6  ? 2.877   6.870   6.037   1.00 27.39 ? 28  VAL A N   1 
ATOM   26   C  CA  . VAL A 1 6  ? 3.806   5.897   5.451   1.00 26.22 ? 28  VAL A CA  1 
ATOM   27   C  C   . VAL A 1 6  ? 5.134   6.577   5.006   1.00 26.31 ? 28  VAL A C   1 
ATOM   28   O  O   . VAL A 1 6  ? 5.145   7.746   4.602   1.00 24.54 ? 28  VAL A O   1 
ATOM   29   C  CB  . VAL A 1 6  ? 3.186   5.138   4.249   1.00 24.82 ? 28  VAL A CB  1 
ATOM   30   C  CG1 . VAL A 1 6  ? 1.910   4.372   4.606   1.00 24.11 ? 28  VAL A CG1 1 
ATOM   31   C  CG2 . VAL A 1 6  ? 2.937   6.085   3.098   1.00 24.31 ? 28  VAL A CG2 1 
ATOM   32   N  N   . ARG A 1 7  ? 6.247   5.844   5.059   1.00 25.46 ? 29  ARG A N   1 
ATOM   33   C  CA  . ARG A 1 7  ? 7.554   6.491   4.966   1.00 25.58 ? 29  ARG A CA  1 
ATOM   34   C  C   . ARG A 1 7  ? 8.238   6.082   3.684   1.00 24.90 ? 29  ARG A C   1 
ATOM   35   O  O   . ARG A 1 7  ? 8.622   4.933   3.538   1.00 24.38 ? 29  ARG A O   1 
ATOM   36   C  CB  . ARG A 1 7  ? 8.416   6.095   6.183   1.00 27.68 ? 29  ARG A CB  1 
ATOM   37   C  CG  . ARG A 1 7  ? 9.711   6.878   6.424   1.00 28.17 ? 29  ARG A CG  1 
ATOM   38   C  CD  . ARG A 1 7  ? 10.514  6.352   7.624   1.00 28.05 ? 29  ARG A CD  1 
ATOM   39   N  NE  . ARG A 1 7  ? 9.691   6.296   8.841   1.00 30.16 ? 29  ARG A NE  1 
ATOM   40   C  CZ  . ARG A 1 7  ? 9.404   7.344   9.635   1.00 32.23 ? 29  ARG A CZ  1 
ATOM   41   N  NH1 . ARG A 1 7  ? 9.899   8.558   9.346   1.00 31.46 ? 29  ARG A NH1 1 
ATOM   42   N  NH2 . ARG A 1 7  ? 8.599   7.195   10.714  1.00 29.59 ? 29  ARG A NH2 1 
ATOM   43   N  N   . PRO A 1 8  ? 8.377   7.017   2.736   1.00 25.05 ? 30  PRO A N   1 
ATOM   44   C  CA  . PRO A 1 8  ? 9.078   6.685   1.492   1.00 24.62 ? 30  PRO A CA  1 
ATOM   45   C  C   . PRO A 1 8  ? 10.555  6.256   1.610   1.00 24.64 ? 30  PRO A C   1 
ATOM   46   O  O   . PRO A 1 8  ? 11.351  6.802   2.401   1.00 24.41 ? 30  PRO A O   1 
ATOM   47   C  CB  . PRO A 1 8  ? 8.912   7.954   0.665   1.00 24.99 ? 30  PRO A CB  1 
ATOM   48   C  CG  . PRO A 1 8  ? 7.623   8.523   1.137   1.00 22.93 ? 30  PRO A CG  1 
ATOM   49   C  CD  . PRO A 1 8  ? 7.605   8.263   2.609   1.00 23.28 ? 30  PRO A CD  1 
ATOM   50   N  N   . LYS A 1 9  ? 10.902  5.241   0.831   1.00 24.85 ? 31  LYS A N   1 
ATOM   51   C  CA  . LYS A 1 9  ? 12.296  4.893   0.724   1.00 28.34 ? 31  LYS A CA  1 
ATOM   52   C  C   . LYS A 1 9  ? 12.983  6.063   0.045   1.00 32.97 ? 31  LYS A C   1 
ATOM   53   O  O   . LYS A 1 9  ? 12.367  6.776   -0.751  1.00 33.69 ? 31  LYS A O   1 
ATOM   54   C  CB  . LYS A 1 9  ? 12.505  3.615   -0.062  1.00 26.77 ? 31  LYS A CB  1 
ATOM   55   C  CG  . LYS A 1 9  ? 12.207  2.349   0.725   1.00 24.45 ? 31  LYS A CG  1 
ATOM   56   C  CD  . LYS A 1 9  ? 12.234  1.162   -0.248  1.00 23.60 ? 31  LYS A CD  1 
ATOM   57   C  CE  . LYS A 1 9  ? 11.519  -0.066  0.292   1.00 22.27 ? 31  LYS A CE  1 
ATOM   58   N  NZ  . LYS A 1 9  ? 12.427  -1.204  0.069   1.00 21.09 ? 31  LYS A NZ  1 
ATOM   59   N  N   . PRO A 1 10 ? 14.268  6.285   0.359   1.00 39.57 ? 32  PRO A N   1 
ATOM   60   C  CA  . PRO A 1 10 ? 14.686  7.673   0.031   1.00 39.40 ? 32  PRO A CA  1 
ATOM   61   C  C   . PRO A 1 10 ? 14.740  8.039   -1.460  1.00 36.01 ? 32  PRO A C   1 
ATOM   62   O  O   . PRO A 1 10 ? 14.702  9.207   -1.778  1.00 39.52 ? 32  PRO A O   1 
ATOM   63   C  CB  . PRO A 1 10 ? 16.021  7.836   0.802   1.00 40.25 ? 32  PRO A CB  1 
ATOM   64   C  CG  . PRO A 1 10 ? 15.886  6.829   1.947   1.00 39.04 ? 32  PRO A CG  1 
ATOM   65   C  CD  . PRO A 1 10 ? 15.210  5.633   1.302   1.00 37.46 ? 32  PRO A CD  1 
ATOM   66   N  N   . GLU A 1 11 ? 14.780  7.076   -2.367  1.00 36.58 ? 33  GLU A N   1 
ATOM   67   C  CA  . GLU A 1 11 ? 14.735  7.394   -3.826  1.00 38.08 ? 33  GLU A CA  1 
ATOM   68   C  C   . GLU A 1 11 ? 13.368  7.917   -4.306  1.00 36.58 ? 33  GLU A C   1 
ATOM   69   O  O   . GLU A 1 11 ? 13.293  8.724   -5.238  1.00 36.49 ? 33  GLU A O   1 
ATOM   70   C  CB  . GLU A 1 11 ? 15.167  6.201   -4.704  1.00 40.84 ? 33  GLU A CB  1 
ATOM   71   C  CG  . GLU A 1 11 ? 16.673  5.958   -4.757  1.00 49.38 ? 33  GLU A CG  1 
ATOM   72   C  CD  . GLU A 1 11 ? 17.401  6.813   -5.804  1.00 55.56 ? 33  GLU A CD  1 
ATOM   73   O  OE1 . GLU A 1 11 ? 17.435  6.403   -7.005  1.00 54.32 ? 33  GLU A OE1 1 
ATOM   74   O  OE2 . GLU A 1 11 ? 17.970  7.880   -5.421  1.00 54.04 ? 33  GLU A OE2 1 
ATOM   75   N  N   . LEU A 1 12 ? 12.291  7.455   -3.673  1.00 33.18 ? 34  LEU A N   1 
ATOM   76   C  CA  . LEU A 1 12 ? 10.958  7.924   -3.998  1.00 29.58 ? 34  LEU A CA  1 
ATOM   77   C  C   . LEU A 1 12 ? 10.703  9.222   -3.275  1.00 29.87 ? 34  LEU A C   1 
ATOM   78   O  O   . LEU A 1 12 ? 10.030  10.105  -3.799  1.00 29.04 ? 34  LEU A O   1 
ATOM   79   C  CB  . LEU A 1 12 ? 9.917   6.905   -3.564  1.00 27.54 ? 34  LEU A CB  1 
ATOM   80   C  CG  . LEU A 1 12 ? 8.518   7.454   -3.360  1.00 26.34 ? 34  LEU A CG  1 
ATOM   81   C  CD1 . LEU A 1 12 ? 7.806   7.549   -4.694  1.00 24.20 ? 34  LEU A CD1 1 
ATOM   82   C  CD2 . LEU A 1 12 ? 7.754   6.595   -2.369  1.00 26.49 ? 34  LEU A CD2 1 
ATOM   83   N  N   . LEU A 1 13 ? 11.228  9.324   -2.060  1.00 29.45 ? 35  LEU A N   1 
ATOM   84   C  CA  . LEU A 1 13 ? 11.152  10.574  -1.310  1.00 31.72 ? 35  LEU A CA  1 
ATOM   85   C  C   . LEU A 1 13 ? 11.922  11.730  -1.946  1.00 33.92 ? 35  LEU A C   1 
ATOM   86   O  O   . LEU A 1 13 ? 11.586  12.888  -1.734  1.00 36.69 ? 35  LEU A O   1 
ATOM   87   C  CB  . LEU A 1 13 ? 11.667  10.396  0.101   1.00 31.52 ? 35  LEU A CB  1 
ATOM   88   C  CG  . LEU A 1 13 ? 11.946  11.669  0.895   1.00 30.00 ? 35  LEU A CG  1 
ATOM   89   C  CD1 . LEU A 1 13 ? 10.648  12.371  1.226   1.00 28.59 ? 35  LEU A CD1 1 
ATOM   90   C  CD2 . LEU A 1 13 ? 12.715  11.276  2.150   1.00 28.64 ? 35  LEU A CD2 1 
ATOM   91   N  N   . LYS A 1 14 ? 12.971  11.428  -2.687  1.00 35.77 ? 36  LYS A N   1 
ATOM   92   C  CA  . LYS A 1 14 ? 13.614  12.471  -3.454  1.00 39.27 ? 36  LYS A CA  1 
ATOM   93   C  C   . LYS A 1 14 ? 12.752  12.802  -4.673  1.00 38.33 ? 36  LYS A C   1 
ATOM   94   O  O   . LYS A 1 14 ? 12.697  13.966  -5.084  1.00 36.92 ? 36  LYS A O   1 
ATOM   95   C  CB  . LYS A 1 14 ? 15.070  12.112  -3.815  1.00 44.21 ? 36  LYS A CB  1 
ATOM   96   C  CG  . LYS A 1 14 ? 16.089  12.391  -2.693  1.00 53.15 ? 36  LYS A CG  1 
ATOM   97   C  CD  . LYS A 1 14 ? 16.335  13.892  -2.418  1.00 60.86 ? 36  LYS A CD  1 
ATOM   98   C  CE  . LYS A 1 14 ? 17.793  14.167  -2.032  1.00 65.49 ? 36  LYS A CE  1 
ATOM   99   N  NZ  . LYS A 1 14 ? 18.009  15.419  -1.246  1.00 65.25 ? 36  LYS A NZ  1 
ATOM   100  N  N   . LEU A 1 15 ? 12.072  11.792  -5.236  1.00 36.85 ? 37  LEU A N   1 
ATOM   101  C  CA  . LEU A 1 15 ? 11.068  12.034  -6.291  1.00 34.96 ? 37  LEU A CA  1 
ATOM   102  C  C   . LEU A 1 15 ? 10.018  13.071  -5.843  1.00 35.54 ? 37  LEU A C   1 
ATOM   103  O  O   . LEU A 1 15 ? 9.769   14.065  -6.573  1.00 33.95 ? 37  LEU A O   1 
ATOM   104  C  CB  . LEU A 1 15 ? 10.382  10.736  -6.690  1.00 32.12 ? 37  LEU A CB  1 
ATOM   105  C  CG  . LEU A 1 15 ? 9.157   10.580  -7.608  1.00 31.53 ? 37  LEU A CG  1 
ATOM   106  C  CD1 . LEU A 1 15 ? 8.197   11.769  -7.656  1.00 31.87 ? 37  LEU A CD1 1 
ATOM   107  C  CD2 . LEU A 1 15 ? 9.581   10.166  -9.001  1.00 28.27 ? 37  LEU A CD2 1 
ATOM   108  N  N   . LEU A 1 16 ? 9.448   12.857  -4.644  1.00 33.52 ? 38  LEU A N   1 
ATOM   109  C  CA  . LEU A 1 16 ? 8.343   13.690  -4.139  1.00 30.82 ? 38  LEU A CA  1 
ATOM   110  C  C   . LEU A 1 16 ? 8.765   15.146  -3.939  1.00 31.62 ? 38  LEU A C   1 
ATOM   111  O  O   . LEU A 1 16 ? 7.963   16.092  -4.128  1.00 29.26 ? 38  LEU A O   1 
ATOM   112  C  CB  . LEU A 1 16 ? 7.752   13.131  -2.849  1.00 28.93 ? 38  LEU A CB  1 
ATOM   113  C  CG  . LEU A 1 16 ? 7.183   11.709  -2.844  1.00 27.56 ? 38  LEU A CG  1 
ATOM   114  C  CD1 . LEU A 1 16 ? 7.065   11.273  -1.403  1.00 29.37 ? 38  LEU A CD1 1 
ATOM   115  C  CD2 . LEU A 1 16 ? 5.855   11.508  -3.517  1.00 26.20 ? 38  LEU A CD2 1 
ATOM   116  N  N   . LYS A 1 17 ? 10.033  15.337  -3.586  1.00 31.45 ? 39  LYS A N   1 
ATOM   117  C  CA  . LYS A 1 17 ? 10.536  16.696  -3.344  1.00 28.96 ? 39  LYS A CA  1 
ATOM   118  C  C   . LYS A 1 17 ? 10.853  17.418  -4.638  1.00 26.56 ? 39  LYS A C   1 
ATOM   119  O  O   . LYS A 1 17 ? 10.779  18.630  -4.695  1.00 27.41 ? 39  LYS A O   1 
ATOM   120  C  CB  . LYS A 1 17 ? 11.685  16.695  -2.337  1.00 26.86 ? 39  LYS A CB  1 
ATOM   121  C  CG  . LYS A 1 17 ? 11.250  16.100  -1.013  1.00 25.86 ? 39  LYS A CG  1 
ATOM   122  C  CD  . LYS A 1 17 ? 12.312  16.238  0.041   1.00 26.97 ? 39  LYS A CD  1 
ATOM   123  C  CE  . LYS A 1 17 ? 11.653  16.166  1.414   1.00 28.00 ? 39  LYS A CE  1 
ATOM   124  N  NZ  . LYS A 1 17 ? 12.591  16.488  2.535   1.00 26.99 ? 39  LYS A NZ  1 
ATOM   125  N  N   . SER A 1 18 ? 11.119  16.692  -5.708  1.00 26.08 ? 40  SER A N   1 
ATOM   126  C  CA  . SER A 1 18 ? 11.295  17.394  -6.989  1.00 26.57 ? 40  SER A CA  1 
ATOM   127  C  C   . SER A 1 18 ? 9.965   17.953  -7.519  1.00 26.78 ? 40  SER A C   1 
ATOM   128  O  O   . SER A 1 18 ? 9.937   18.594  -8.573  1.00 24.72 ? 40  SER A O   1 
ATOM   129  C  CB  . SER A 1 18 ? 12.039  16.542  -8.038  1.00 26.46 ? 40  SER A CB  1 
ATOM   130  O  OG  . SER A 1 18 ? 11.180  16.043  -9.047  1.00 25.31 ? 40  SER A OG  1 
ATOM   131  N  N   . VAL A 1 19 ? 8.872   17.705  -6.782  1.00 27.18 ? 41  VAL A N   1 
ATOM   132  C  CA  . VAL A 1 19 ? 7.609   18.387  -7.038  1.00 26.78 ? 41  VAL A CA  1 
ATOM   133  C  C   . VAL A 1 19 ? 7.059   19.169  -5.818  1.00 30.95 ? 41  VAL A C   1 
ATOM   134  O  O   . VAL A 1 19 ? 5.847   19.429  -5.721  1.00 33.04 ? 41  VAL A O   1 
ATOM   135  C  CB  . VAL A 1 19 ? 6.552   17.459  -7.654  1.00 24.39 ? 41  VAL A CB  1 
ATOM   136  C  CG1 . VAL A 1 19 ? 6.949   17.071  -9.059  1.00 23.98 ? 41  VAL A CG1 1 
ATOM   137  C  CG2 . VAL A 1 19 ? 6.380   16.217  -6.839  1.00 25.98 ? 41  VAL A CG2 1 
ATOM   138  N  N   . GLY A 1 20 ? 7.938   19.544  -4.890  1.00 31.68 ? 42  GLY A N   1 
ATOM   139  C  CA  . GLY A 1 20 ? 7.569   20.509  -3.856  1.00 34.25 ? 42  GLY A CA  1 
ATOM   140  C  C   . GLY A 1 20 ? 7.053   19.952  -2.549  1.00 35.62 ? 42  GLY A C   1 
ATOM   141  O  O   . GLY A 1 20 ? 6.321   20.641  -1.826  1.00 34.59 ? 42  GLY A O   1 
ATOM   142  N  N   . ALA A 1 21 ? 7.419   18.708  -2.246  1.00 36.80 ? 43  ALA A N   1 
ATOM   143  C  CA  . ALA A 1 21 ? 6.922   18.084  -1.018  1.00 39.29 ? 43  ALA A CA  1 
ATOM   144  C  C   . ALA A 1 21 ? 7.887   18.380  0.125   1.00 41.23 ? 43  ALA A C   1 
ATOM   145  O  O   . ALA A 1 21 ? 9.101   18.416  -0.095  1.00 44.82 ? 43  ALA A O   1 
ATOM   146  C  CB  . ALA A 1 21 ? 6.717   16.600  -1.203  1.00 34.93 ? 43  ALA A CB  1 
ATOM   147  N  N   . GLN A 1 22 ? 7.343   18.610  1.320   1.00 40.92 ? 44  GLN A N   1 
ATOM   148  C  CA  . GLN A 1 22 ? 8.128   19.119  2.442   1.00 41.97 ? 44  GLN A CA  1 
ATOM   149  C  C   . GLN A 1 22 ? 8.380   18.074  3.529   1.00 44.62 ? 44  GLN A C   1 
ATOM   150  O  O   . GLN A 1 22 ? 9.206   18.275  4.420   1.00 51.24 ? 44  GLN A O   1 
ATOM   151  C  CB  . GLN A 1 22 ? 7.430   20.301  3.123   1.00 41.89 ? 44  GLN A CB  1 
ATOM   152  C  CG  . GLN A 1 22 ? 6.526   21.170  2.277   1.00 43.84 ? 44  GLN A CG  1 
ATOM   153  C  CD  . GLN A 1 22 ? 7.269   22.054  1.293   1.00 46.19 ? 44  GLN A CD  1 
ATOM   154  O  OE1 . GLN A 1 22 ? 8.488   22.262  1.386   1.00 42.05 ? 44  GLN A OE1 1 
ATOM   155  N  NE2 . GLN A 1 22 ? 6.526   22.563  0.309   1.00 50.49 ? 44  GLN A NE2 1 
ATOM   156  N  N   . LYS A 1 23 ? 7.648   16.976  3.483   1.00 41.71 ? 45  LYS A N   1 
ATOM   157  C  CA  . LYS A 1 23 ? 7.705   16.002  4.546   1.00 39.27 ? 45  LYS A CA  1 
ATOM   158  C  C   . LYS A 1 23 ? 8.537   14.781  4.191   1.00 40.79 ? 45  LYS A C   1 
ATOM   159  O  O   . LYS A 1 23 ? 9.374   14.801  3.285   1.00 42.91 ? 45  LYS A O   1 
ATOM   160  C  CB  . LYS A 1 23 ? 6.307   15.543  4.827   1.00 39.59 ? 45  LYS A CB  1 
ATOM   161  C  CG  . LYS A 1 23 ? 5.448   16.612  5.425   1.00 39.55 ? 45  LYS A CG  1 
ATOM   162  C  CD  . LYS A 1 23 ? 4.166   15.950  5.858   1.00 40.52 ? 45  LYS A CD  1 
ATOM   163  C  CE  . LYS A 1 23 ? 3.260   15.725  4.673   1.00 36.97 ? 45  LYS A CE  1 
ATOM   164  N  NZ  . LYS A 1 23 ? 1.947   15.369  5.278   1.00 41.12 ? 45  LYS A NZ  1 
ATOM   165  N  N   . ASP A 1 24 ? 8.298   13.704  4.915   1.00 37.33 ? 46  ASP A N   1 
ATOM   166  C  CA  . ASP A 1 24 ? 9.014   12.478  4.679   1.00 39.56 ? 46  ASP A CA  1 
ATOM   167  C  C   . ASP A 1 24 ? 8.145   11.353  5.211   1.00 38.96 ? 46  ASP A C   1 
ATOM   168  O  O   . ASP A 1 24 ? 8.515   10.163  5.167   1.00 39.58 ? 46  ASP A O   1 
ATOM   169  C  CB  . ASP A 1 24 ? 10.378  12.503  5.347   1.00 47.63 ? 46  ASP A CB  1 
ATOM   170  C  CG  . ASP A 1 24 ? 10.388  13.326  6.608   1.00 57.92 ? 46  ASP A CG  1 
ATOM   171  O  OD1 . ASP A 1 24 ? 9.302   13.836  7.028   1.00 63.95 ? 46  ASP A OD1 1 
ATOM   172  O  OD2 . ASP A 1 24 ? 11.503  13.474  7.159   1.00 58.38 ? 46  ASP A OD2 1 
ATOM   173  N  N   . THR A 1 25 ? 6.975   11.727  5.713   1.00 33.65 ? 47  THR A N   1 
ATOM   174  C  CA  . THR A 1 25 ? 5.897   10.770  5.788   1.00 29.09 ? 47  THR A CA  1 
ATOM   175  C  C   . THR A 1 25 ? 4.673   11.446  5.208   1.00 30.98 ? 47  THR A C   1 
ATOM   176  O  O   . THR A 1 25 ? 4.644   12.694  5.119   1.00 31.82 ? 47  THR A O   1 
ATOM   177  C  CB  . THR A 1 25 ? 5.638   10.238  7.204   1.00 26.51 ? 47  THR A CB  1 
ATOM   178  O  OG1 . THR A 1 25 ? 5.022   11.243  8.007   1.00 25.21 ? 47  THR A OG1 1 
ATOM   179  C  CG2 . THR A 1 25 ? 6.903   9.772   7.823   1.00 24.92 ? 47  THR A CG2 1 
ATOM   180  N  N   . TYR A 1 26 ? 3.673   10.631  4.832   1.00 29.05 ? 48  TYR A N   1 
ATOM   181  C  CA  . TYR A 1 26 ? 2.597   11.052  3.956   1.00 25.84 ? 48  TYR A CA  1 
ATOM   182  C  C   . TYR A 1 26 ? 1.417   10.126  4.103   1.00 24.14 ? 48  TYR A C   1 
ATOM   183  O  O   . TYR A 1 26 ? 1.599   8.987   4.444   1.00 23.47 ? 48  TYR A O   1 
ATOM   184  C  CB  . TYR A 1 26 ? 3.107   10.936  2.529   1.00 27.13 ? 48  TYR A CB  1 
ATOM   185  C  CG  . TYR A 1 26 ? 4.160   11.937  2.192   1.00 26.41 ? 48  TYR A CG  1 
ATOM   186  C  CD1 . TYR A 1 26 ? 5.511   11.623  2.295   1.00 25.37 ? 48  TYR A CD1 1 
ATOM   187  C  CD2 . TYR A 1 26 ? 3.796   13.223  1.780   1.00 26.62 ? 48  TYR A CD2 1 
ATOM   188  C  CE1 . TYR A 1 26 ? 6.482   12.580  1.998   1.00 27.58 ? 48  TYR A CE1 1 
ATOM   189  C  CE2 . TYR A 1 26 ? 4.753   14.185  1.469   1.00 27.98 ? 48  TYR A CE2 1 
ATOM   190  C  CZ  . TYR A 1 26 ? 6.098   13.861  1.594   1.00 27.47 ? 48  TYR A CZ  1 
ATOM   191  O  OH  . TYR A 1 26 ? 7.017   14.810  1.299   1.00 25.92 ? 48  TYR A OH  1 
ATOM   192  N  N   . THR A 1 27 ? 0.201   10.612  3.860   1.00 23.53 ? 49  THR A N   1 
ATOM   193  C  CA  . THR A 1 27 ? -0.937  9.721   3.615   1.00 22.74 ? 49  THR A CA  1 
ATOM   194  C  C   . THR A 1 27 ? -0.775  9.173   2.186   1.00 22.29 ? 49  THR A C   1 
ATOM   195  O  O   . THR A 1 27 ? -0.007  9.738   1.386   1.00 21.62 ? 49  THR A O   1 
ATOM   196  C  CB  . THR A 1 27 ? -2.342  10.417  3.765   1.00 23.73 ? 49  THR A CB  1 
ATOM   197  O  OG1 . THR A 1 27 ? -2.383  11.665  3.053   1.00 23.51 ? 49  THR A OG1 1 
ATOM   198  C  CG2 . THR A 1 27 ? -2.787  10.621  5.235   1.00 21.37 ? 49  THR A CG2 1 
ATOM   199  N  N   . MET A 1 28 ? -1.472  8.082   1.853   1.00 21.41 ? 50  MET A N   1 
ATOM   200  C  CA  . MET A 1 28 ? -1.418  7.557   0.487   1.00 20.47 ? 50  MET A CA  1 
ATOM   201  C  C   . MET A 1 28 ? -1.807  8.680   -0.486  1.00 21.96 ? 50  MET A C   1 
ATOM   202  O  O   . MET A 1 28 ? -1.091  8.914   -1.461  1.00 20.71 ? 50  MET A O   1 
ATOM   203  C  CB  . MET A 1 28 ? -2.317  6.335   0.346   1.00 19.99 ? 50  MET A CB  1 
ATOM   204  C  CG  . MET A 1 28 ? -2.051  5.399   -0.842  1.00 20.36 ? 50  MET A CG  1 
ATOM   205  S  SD  . MET A 1 28 ? -0.422  4.585   -0.951  1.00 19.57 ? 50  MET A SD  1 
ATOM   206  C  CE  . MET A 1 28 ? 0.262   5.895   -1.944  1.00 18.87 ? 50  MET A CE  1 
ATOM   207  N  N   . LYS A 1 29 ? -2.897  9.412   -0.180  1.00 23.50 ? 51  LYS A N   1 
ATOM   208  C  CA  . LYS A 1 29 ? -3.348  10.516  -1.016  1.00 23.44 ? 51  LYS A CA  1 
ATOM   209  C  C   . LYS A 1 29 ? -2.230  11.461  -1.367  1.00 21.82 ? 51  LYS A C   1 
ATOM   210  O  O   . LYS A 1 29 ? -2.060  11.796  -2.544  1.00 22.46 ? 51  LYS A O   1 
ATOM   211  C  CB  . LYS A 1 29 ? -4.514  11.297  -0.403  1.00 27.72 ? 51  LYS A CB  1 
ATOM   212  C  CG  . LYS A 1 29 ? -5.875  10.829  -0.871  1.00 34.69 ? 51  LYS A CG  1 
ATOM   213  C  CD  . LYS A 1 29 ? -6.900  11.976  -0.982  1.00 40.25 ? 51  LYS A CD  1 
ATOM   214  C  CE  . LYS A 1 29 ? -8.317  11.392  -1.236  1.00 46.48 ? 51  LYS A CE  1 
ATOM   215  N  NZ  . LYS A 1 29 ? -9.414  12.012  -0.398  1.00 42.61 ? 51  LYS A NZ  1 
ATOM   216  N  N   . GLU A 1 30 ? -1.449  11.903  -0.397  1.00 21.39 ? 52  GLU A N   1 
ATOM   217  C  CA  . GLU A 1 30 ? -0.356  12.777  -0.799  1.00 21.81 ? 52  GLU A CA  1 
ATOM   218  C  C   . GLU A 1 30 ? 0.525   12.117  -1.828  1.00 21.39 ? 52  GLU A C   1 
ATOM   219  O  O   . GLU A 1 30 ? 0.823   12.735  -2.849  1.00 22.48 ? 52  GLU A O   1 
ATOM   220  C  CB  . GLU A 1 30 ? 0.498   13.173  0.342   1.00 23.39 ? 52  GLU A CB  1 
ATOM   221  C  CG  . GLU A 1 30 ? -0.056  14.348  1.095   1.00 27.26 ? 52  GLU A CG  1 
ATOM   222  C  CD  . GLU A 1 30 ? -0.126  14.002  2.541   1.00 30.13 ? 52  GLU A CD  1 
ATOM   223  O  OE1 . GLU A 1 30 ? -1.070  13.279  2.890   1.00 36.39 ? 52  GLU A OE1 1 
ATOM   224  O  OE2 . GLU A 1 30 ? 0.773   14.372  3.310   1.00 30.83 ? 52  GLU A OE2 1 
ATOM   225  N  N   . VAL A 1 31 ? 0.931   10.869  -1.573  1.00 20.04 ? 53  VAL A N   1 
ATOM   226  C  CA  . VAL A 1 31 ? 1.803   10.148  -2.499  1.00 17.98 ? 53  VAL A CA  1 
ATOM   227  C  C   . VAL A 1 31 ? 1.181   10.109  -3.883  1.00 16.99 ? 53  VAL A C   1 
ATOM   228  O  O   . VAL A 1 31 ? 1.803   10.540  -4.857  1.00 17.56 ? 53  VAL A O   1 
ATOM   229  C  CB  . VAL A 1 31 ? 2.107   8.723   -1.993  1.00 17.81 ? 53  VAL A CB  1 
ATOM   230  C  CG1 . VAL A 1 31 ? 3.127   8.022   -2.861  1.00 17.70 ? 53  VAL A CG1 1 
ATOM   231  C  CG2 . VAL A 1 31 ? 2.632   8.767   -0.577  1.00 18.48 ? 53  VAL A CG2 1 
ATOM   232  N  N   . LEU A 1 32 ? -0.058  9.645   -3.981  1.00 16.05 ? 54  LEU A N   1 
ATOM   233  C  CA  . LEU A 1 32 ? -0.712  9.605   -5.273  1.00 15.62 ? 54  LEU A CA  1 
ATOM   234  C  C   . LEU A 1 32 ? -0.753  10.980  -5.906  1.00 15.48 ? 54  LEU A C   1 
ATOM   235  O  O   . LEU A 1 32 ? -0.661  11.124  -7.108  1.00 15.58 ? 54  LEU A O   1 
ATOM   236  C  CB  . LEU A 1 32 ? -2.107  8.983   -5.166  1.00 15.14 ? 54  LEU A CB  1 
ATOM   237  C  CG  . LEU A 1 32 ? -2.029  7.490   -4.828  1.00 15.05 ? 54  LEU A CG  1 
ATOM   238  C  CD1 . LEU A 1 32 ? -3.328  6.954   -4.272  1.00 14.06 ? 54  LEU A CD1 1 
ATOM   239  C  CD2 . LEU A 1 32 ? -1.571  6.685   -6.056  1.00 14.19 ? 54  LEU A CD2 1 
ATOM   240  N  N   . PHE A 1 33 ? -0.896  12.005  -5.101  1.00 15.21 ? 55  PHE A N   1 
ATOM   241  C  CA  . PHE A 1 33 ? -1.042  13.291  -5.700  1.00 15.05 ? 55  PHE A CA  1 
ATOM   242  C  C   . PHE A 1 33 ? 0.302   13.789  -6.256  1.00 15.40 ? 55  PHE A C   1 
ATOM   243  O  O   . PHE A 1 33 ? 0.372   14.397  -7.313  1.00 15.29 ? 55  PHE A O   1 
ATOM   244  C  CB  . PHE A 1 33 ? -1.653  14.255  -4.679  1.00 14.05 ? 55  PHE A CB  1 
ATOM   245  C  CG  . PHE A 1 33 ? -1.444  15.692  -5.031  1.00 13.22 ? 55  PHE A CG  1 
ATOM   246  C  CD1 . PHE A 1 33 ? -2.314  16.321  -5.916  1.00 12.24 ? 55  PHE A CD1 1 
ATOM   247  C  CD2 . PHE A 1 33 ? -0.329  16.397  -4.529  1.00 12.59 ? 55  PHE A CD2 1 
ATOM   248  C  CE1 . PHE A 1 33 ? -2.110  17.629  -6.272  1.00 11.66 ? 55  PHE A CE1 1 
ATOM   249  C  CE2 . PHE A 1 33 ? -0.116  17.705  -4.895  1.00 11.69 ? 55  PHE A CE2 1 
ATOM   250  C  CZ  . PHE A 1 33 ? -1.010  18.323  -5.755  1.00 11.89 ? 55  PHE A CZ  1 
ATOM   251  N  N   . TYR A 1 34 ? 1.362   13.585  -5.499  1.00 16.86 ? 56  TYR A N   1 
ATOM   252  C  CA  . TYR A 1 34 ? 2.695   13.910  -5.974  1.00 18.28 ? 56  TYR A CA  1 
ATOM   253  C  C   . TYR A 1 34 ? 3.151   13.085  -7.179  1.00 17.85 ? 56  TYR A C   1 
ATOM   254  O  O   . TYR A 1 34 ? 3.513   13.667  -8.208  1.00 18.19 ? 56  TYR A O   1 
ATOM   255  C  CB  . TYR A 1 34 ? 3.699   13.835  -4.850  1.00 19.70 ? 56  TYR A CB  1 
ATOM   256  C  CG  . TYR A 1 34 ? 3.524   14.962  -3.873  1.00 21.55 ? 56  TYR A CG  1 
ATOM   257  C  CD1 . TYR A 1 34 ? 3.802   16.317  -4.252  1.00 22.08 ? 56  TYR A CD1 1 
ATOM   258  C  CD2 . TYR A 1 34 ? 3.083   14.700  -2.570  1.00 22.27 ? 56  TYR A CD2 1 
ATOM   259  C  CE1 . TYR A 1 34 ? 3.646   17.361  -3.345  1.00 23.32 ? 56  TYR A CE1 1 
ATOM   260  C  CE2 . TYR A 1 34 ? 2.920   15.726  -1.651  1.00 24.04 ? 56  TYR A CE2 1 
ATOM   261  C  CZ  . TYR A 1 34 ? 3.199   17.044  -2.038  1.00 25.17 ? 56  TYR A CZ  1 
ATOM   262  O  OH  . TYR A 1 34 ? 3.026   18.019  -1.092  1.00 26.84 ? 56  TYR A OH  1 
ATOM   263  N  N   . LEU A 1 35 ? 3.115   11.762  -7.089  1.00 16.44 ? 57  LEU A N   1 
ATOM   264  C  CA  . LEU A 1 35 ? 3.278   10.952  -8.305  1.00 16.06 ? 57  LEU A CA  1 
ATOM   265  C  C   . LEU A 1 35 ? 2.563   11.498  -9.557  1.00 16.21 ? 57  LEU A C   1 
ATOM   266  O  O   . LEU A 1 35 ? 2.998   11.245  -10.664 1.00 17.50 ? 57  LEU A O   1 
ATOM   267  C  CB  . LEU A 1 35 ? 2.848   9.494   -8.065  1.00 16.27 ? 57  LEU A CB  1 
ATOM   268  C  CG  . LEU A 1 35 ? 3.851   8.707   -7.227  1.00 16.96 ? 57  LEU A CG  1 
ATOM   269  C  CD1 . LEU A 1 35 ? 3.226   7.554   -6.479  1.00 17.19 ? 57  LEU A CD1 1 
ATOM   270  C  CD2 . LEU A 1 35 ? 4.998   8.196   -8.089  1.00 18.06 ? 57  LEU A CD2 1 
ATOM   271  N  N   . GLY A 1 36 ? 1.476   12.237  -9.387  1.00 15.81 ? 58  GLY A N   1 
ATOM   272  C  CA  . GLY A 1 36 ? 0.681   12.743  -10.481 1.00 15.57 ? 58  GLY A CA  1 
ATOM   273  C  C   . GLY A 1 36 ? 1.289   14.053  -10.914 1.00 16.39 ? 58  GLY A C   1 
ATOM   274  O  O   . GLY A 1 36 ? 1.369   14.316  -12.119 1.00 17.42 ? 58  GLY A O   1 
ATOM   275  N  N   . GLN A 1 37 ? 1.736   14.887  -9.968  1.00 16.36 ? 59  GLN A N   1 
ATOM   276  C  CA  . GLN A 1 37 ? 2.544   16.067  -10.341 1.00 16.47 ? 59  GLN A CA  1 
ATOM   277  C  C   . GLN A 1 37 ? 3.530   15.597  -11.368 1.00 17.10 ? 59  GLN A C   1 
ATOM   278  O  O   . GLN A 1 37 ? 3.510   16.012  -12.536 1.00 17.56 ? 59  GLN A O   1 
ATOM   279  C  CB  . GLN A 1 37 ? 3.369   16.624  -9.164  1.00 16.88 ? 59  GLN A CB  1 
ATOM   280  C  CG  . GLN A 1 37 ? 2.620   17.413  -8.062  1.00 17.98 ? 59  GLN A CG  1 
ATOM   281  C  CD  . GLN A 1 37 ? 1.774   18.593  -8.556  1.00 16.15 ? 59  GLN A CD  1 
ATOM   282  O  OE1 . GLN A 1 37 ? 0.806   18.401  -9.275  1.00 15.96 ? 59  GLN A OE1 1 
ATOM   283  N  NE2 . GLN A 1 37 ? 2.119   19.791  -8.136  1.00 14.90 ? 59  GLN A NE2 1 
ATOM   284  N  N   . TYR A 1 38 ? 4.385   14.693  -10.905 1.00 16.96 ? 60  TYR A N   1 
ATOM   285  C  CA  . TYR A 1 38 ? 5.452   14.178  -11.659 1.00 16.91 ? 60  TYR A CA  1 
ATOM   286  C  C   . TYR A 1 38 ? 4.981   13.836  -13.039 1.00 17.96 ? 60  TYR A C   1 
ATOM   287  O  O   . TYR A 1 38 ? 5.474   14.402  -14.027 1.00 19.02 ? 60  TYR A O   1 
ATOM   288  C  CB  . TYR A 1 38 ? 5.902   12.932  -10.994 1.00 18.40 ? 60  TYR A CB  1 
ATOM   289  C  CG  . TYR A 1 38 ? 7.312   12.622  -11.306 1.00 20.72 ? 60  TYR A CG  1 
ATOM   290  C  CD1 . TYR A 1 38 ? 8.343   13.394  -10.756 1.00 20.28 ? 60  TYR A CD1 1 
ATOM   291  C  CD2 . TYR A 1 38 ? 7.637   11.553  -12.159 1.00 21.52 ? 60  TYR A CD2 1 
ATOM   292  C  CE1 . TYR A 1 38 ? 9.659   13.126  -11.041 1.00 22.35 ? 60  TYR A CE1 1 
ATOM   293  C  CE2 . TYR A 1 38 ? 8.973   11.259  -12.445 1.00 23.14 ? 60  TYR A CE2 1 
ATOM   294  C  CZ  . TYR A 1 38 ? 9.975   12.064  -11.896 1.00 23.56 ? 60  TYR A CZ  1 
ATOM   295  O  OH  . TYR A 1 38 ? 11.286  11.808  -12.171 1.00 23.65 ? 60  TYR A OH  1 
ATOM   296  N  N   . ILE A 1 39 ? 4.014   12.933  -13.141 1.00 16.85 ? 61  ILE A N   1 
ATOM   297  C  CA  . ILE A 1 39 ? 3.684   12.410  -14.452 1.00 16.48 ? 61  ILE A CA  1 
ATOM   298  C  C   . ILE A 1 39 ? 3.268   13.532  -15.382 1.00 16.95 ? 61  ILE A C   1 
ATOM   299  O  O   . ILE A 1 39 ? 3.729   13.618  -16.507 1.00 18.07 ? 61  ILE A O   1 
ATOM   300  C  CB  . ILE A 1 39 ? 2.581   11.369  -14.368 1.00 16.53 ? 61  ILE A CB  1 
ATOM   301  C  CG1 . ILE A 1 39 ? 3.072   10.127  -13.646 1.00 16.36 ? 61  ILE A CG1 1 
ATOM   302  C  CG2 . ILE A 1 39 ? 1.989   11.063  -15.743 1.00 16.67 ? 61  ILE A CG2 1 
ATOM   303  C  CD1 . ILE A 1 39 ? 1.916   9.200   -13.297 1.00 17.11 ? 61  ILE A CD1 1 
ATOM   304  N  N   . MET A 1 40 ? 2.391   14.395  -14.907 1.00 16.94 ? 62  MET A N   1 
ATOM   305  C  CA  . MET A 1 40 ? 2.006   15.577  -15.652 1.00 16.77 ? 62  MET A CA  1 
ATOM   306  C  C   . MET A 1 40 ? 3.091   16.692  -15.821 1.00 16.53 ? 62  MET A C   1 
ATOM   307  O  O   . MET A 1 40 ? 3.147   17.307  -16.876 1.00 16.49 ? 62  MET A O   1 
ATOM   308  C  CB  . MET A 1 40 ? 0.742   16.105  -14.998 1.00 17.34 ? 62  MET A CB  1 
ATOM   309  C  CG  . MET A 1 40 ? -0.201  14.975  -14.682 1.00 17.00 ? 62  MET A CG  1 
ATOM   310  S  SD  . MET A 1 40 ? -0.838  14.303  -16.236 1.00 19.03 ? 62  MET A SD  1 
ATOM   311  C  CE  . MET A 1 40 ? -1.770  15.692  -16.875 1.00 18.47 ? 62  MET A CE  1 
ATOM   312  N  N   . THR A 1 41 ? 3.925   16.975  -14.816 1.00 16.12 ? 63  THR A N   1 
ATOM   313  C  CA  . THR A 1 41 ? 5.014   17.907  -15.062 1.00 17.36 ? 63  THR A CA  1 
ATOM   314  C  C   . THR A 1 41 ? 6.135   17.403  -16.012 1.00 19.50 ? 63  THR A C   1 
ATOM   315  O  O   . THR A 1 41 ? 6.627   18.157  -16.875 1.00 19.72 ? 63  THR A O   1 
ATOM   316  C  CB  . THR A 1 41 ? 5.667   18.532  -13.807 1.00 16.94 ? 63  THR A CB  1 
ATOM   317  O  OG1 . THR A 1 41 ? 5.373   17.796  -12.629 1.00 17.08 ? 63  THR A OG1 1 
ATOM   318  C  CG2 . THR A 1 41 ? 5.122   19.863  -13.609 1.00 18.34 ? 63  THR A CG2 1 
ATOM   319  N  N   . LYS A 1 42 ? 6.587   16.166  -15.822 1.00 20.52 ? 64  LYS A N   1 
ATOM   320  C  CA  . LYS A 1 42 ? 7.724   15.677  -16.573 1.00 21.45 ? 64  LYS A CA  1 
ATOM   321  C  C   . LYS A 1 42 ? 7.198   15.109  -17.896 1.00 23.24 ? 64  LYS A C   1 
ATOM   322  O  O   . LYS A 1 42 ? 7.953   14.598  -18.730 1.00 23.13 ? 64  LYS A O   1 
ATOM   323  C  CB  . LYS A 1 42 ? 8.493   14.652  -15.745 1.00 21.84 ? 64  LYS A CB  1 
ATOM   324  C  CG  . LYS A 1 42 ? 9.779   15.134  -15.093 1.00 22.24 ? 64  LYS A CG  1 
ATOM   325  C  CD  . LYS A 1 42 ? 10.959  14.922  -16.052 1.00 26.07 ? 64  LYS A CD  1 
ATOM   326  C  CE  . LYS A 1 42 ? 12.231  14.310  -15.438 1.00 25.69 ? 64  LYS A CE  1 
ATOM   327  N  NZ  . LYS A 1 42 ? 12.552  14.920  -14.122 1.00 28.10 ? 64  LYS A NZ  1 
ATOM   328  N  N   . ARG A 1 43 ? 5.887   15.222  -18.089 1.00 24.63 ? 65  ARG A N   1 
ATOM   329  C  CA  . ARG A 1 43 ? 5.220   14.849  -19.353 1.00 25.14 ? 65  ARG A CA  1 
ATOM   330  C  C   . ARG A 1 43 ? 5.376   13.373  -19.843 1.00 22.13 ? 65  ARG A C   1 
ATOM   331  O  O   . ARG A 1 43 ? 5.368   13.070  -21.042 1.00 21.73 ? 65  ARG A O   1 
ATOM   332  C  CB  . ARG A 1 43 ? 5.569   15.882  -20.429 1.00 29.12 ? 65  ARG A CB  1 
ATOM   333  C  CG  . ARG A 1 43 ? 4.410   16.796  -20.842 1.00 31.65 ? 65  ARG A CG  1 
ATOM   334  C  CD  . ARG A 1 43 ? 4.915   18.014  -21.623 1.00 33.63 ? 65  ARG A CD  1 
ATOM   335  N  NE  . ARG A 1 43 ? 5.355   19.085  -20.722 1.00 35.22 ? 65  ARG A NE  1 
ATOM   336  C  CZ  . ARG A 1 43 ? 6.589   19.560  -20.632 1.00 35.14 ? 65  ARG A CZ  1 
ATOM   337  N  NH1 . ARG A 1 43 ? 7.536   19.079  -21.403 1.00 38.44 ? 65  ARG A NH1 1 
ATOM   338  N  NH2 . ARG A 1 43 ? 6.864   20.539  -19.776 1.00 40.10 ? 65  ARG A NH2 1 
ATOM   339  N  N   . LEU A 1 44 ? 5.428   12.471  -18.887 1.00 19.92 ? 66  LEU A N   1 
ATOM   340  C  CA  . LEU A 1 44 ? 5.619   11.057  -19.124 1.00 19.76 ? 66  LEU A CA  1 
ATOM   341  C  C   . LEU A 1 44 ? 4.498   10.301  -19.799 1.00 21.32 ? 66  LEU A C   1 
ATOM   342  O  O   . LEU A 1 44 ? 4.247   9.182   -19.389 1.00 22.43 ? 66  LEU A O   1 
ATOM   343  C  CB  . LEU A 1 44 ? 5.853   10.375  -17.788 1.00 17.68 ? 66  LEU A CB  1 
ATOM   344  C  CG  . LEU A 1 44 ? 6.912   11.135  -17.007 1.00 17.02 ? 66  LEU A CG  1 
ATOM   345  C  CD1 . LEU A 1 44 ? 7.332   10.308  -15.827 1.00 17.12 ? 66  LEU A CD1 1 
ATOM   346  C  CD2 . LEU A 1 44 ? 8.094   11.373  -17.871 1.00 16.80 ? 66  LEU A CD2 1 
ATOM   347  N  N   . TYR A 1 45 ? 3.818   10.863  -20.791 1.00 21.90 ? 67  TYR A N   1 
ATOM   348  C  CA  . TYR A 1 45 ? 2.765   10.103  -21.457 1.00 25.97 ? 67  TYR A CA  1 
ATOM   349  C  C   . TYR A 1 45 ? 2.568   10.372  -22.959 1.00 31.77 ? 67  TYR A C   1 
ATOM   350  O  O   . TYR A 1 45 ? 2.970   11.391  -23.522 1.00 30.01 ? 67  TYR A O   1 
ATOM   351  C  CB  . TYR A 1 45 ? 1.409   10.283  -20.743 1.00 26.33 ? 67  TYR A CB  1 
ATOM   352  C  CG  . TYR A 1 45 ? 1.027   11.743  -20.583 1.00 26.06 ? 67  TYR A CG  1 
ATOM   353  C  CD1 . TYR A 1 45 ? 0.126   12.371  -21.461 1.00 23.87 ? 67  TYR A CD1 1 
ATOM   354  C  CD2 . TYR A 1 45 ? 1.610   12.517  -19.552 1.00 25.16 ? 67  TYR A CD2 1 
ATOM   355  C  CE1 . TYR A 1 45 ? -0.197  13.719  -21.299 1.00 23.43 ? 67  TYR A CE1 1 
ATOM   356  C  CE2 . TYR A 1 45 ? 1.296   13.851  -19.391 1.00 24.24 ? 67  TYR A CE2 1 
ATOM   357  C  CZ  . TYR A 1 45 ? 0.391   14.454  -20.247 1.00 24.67 ? 67  TYR A CZ  1 
ATOM   358  O  OH  . TYR A 1 45 ? 0.131   15.810  -20.020 1.00 26.64 ? 67  TYR A OH  1 
ATOM   359  N  N   . ASP A 1 46 ? 1.866   9.422   -23.561 1.00 41.93 ? 68  ASP A N   1 
ATOM   360  C  CA  . ASP A 1 46 ? 1.552   9.356   -24.981 1.00 50.05 ? 68  ASP A CA  1 
ATOM   361  C  C   . ASP A 1 46 ? 0.405   10.300  -25.382 1.00 50.04 ? 68  ASP A C   1 
ATOM   362  O  O   . ASP A 1 46 ? -0.620  10.355  -24.714 1.00 50.19 ? 68  ASP A O   1 
ATOM   363  C  CB  . ASP A 1 46 ? 1.105   7.903   -25.250 1.00 55.32 ? 68  ASP A CB  1 
ATOM   364  C  CG  . ASP A 1 46 ? 1.657   7.339   -26.545 1.00 56.59 ? 68  ASP A CG  1 
ATOM   365  O  OD1 . ASP A 1 46 ? 1.218   6.231   -26.948 1.00 53.09 ? 68  ASP A OD1 1 
ATOM   366  O  OD2 . ASP A 1 46 ? 2.533   8.004   -27.147 1.00 60.35 ? 68  ASP A OD2 1 
ATOM   367  N  N   . GLU A 1 47 ? 0.547   11.023  -26.482 1.00 54.49 ? 69  GLU A N   1 
ATOM   368  C  CA  . GLU A 1 47 ? -0.586  11.819  -26.969 1.00 60.39 ? 69  GLU A CA  1 
ATOM   369  C  C   . GLU A 1 47 ? -1.668  10.857  -27.541 1.00 56.01 ? 69  GLU A C   1 
ATOM   370  O  O   . GLU A 1 47 ? -2.863  11.153  -27.529 1.00 51.25 ? 69  GLU A O   1 
ATOM   371  C  CB  . GLU A 1 47 ? -0.113  12.893  -27.988 1.00 70.67 ? 69  GLU A CB  1 
ATOM   372  C  CG  . GLU A 1 47 ? -1.027  14.132  -28.184 1.00 82.60 ? 69  GLU A CG  1 
ATOM   373  C  CD  . GLU A 1 47 ? -0.710  15.334  -27.268 1.00 87.05 ? 69  GLU A CD  1 
ATOM   374  O  OE1 . GLU A 1 47 ? -1.261  16.450  -27.515 1.00 76.76 ? 69  GLU A OE1 1 
ATOM   375  O  OE2 . GLU A 1 47 ? 0.084   15.168  -26.300 1.00 86.20 ? 69  GLU A OE2 1 
ATOM   376  N  N   . LYS A 1 48 ? -1.229  9.681   -27.984 1.00 57.31 ? 70  LYS A N   1 
ATOM   377  C  CA  . LYS A 1 48 ? -2.069  8.690   -28.687 1.00 62.76 ? 70  LYS A CA  1 
ATOM   378  C  C   . LYS A 1 48 ? -2.976  7.917   -27.697 1.00 61.97 ? 70  LYS A C   1 
ATOM   379  O  O   . LYS A 1 48 ? -4.208  7.942   -27.830 1.00 62.91 ? 70  LYS A O   1 
ATOM   380  C  CB  . LYS A 1 48 ? -1.150  7.755   -29.535 1.00 64.05 ? 70  LYS A CB  1 
ATOM   381  C  CG  . LYS A 1 48 ? -1.776  6.713   -30.478 1.00 66.02 ? 70  LYS A CG  1 
ATOM   382  C  CD  . LYS A 1 48 ? -1.578  5.279   -29.953 1.00 67.98 ? 70  LYS A CD  1 
ATOM   383  C  CE  . LYS A 1 48 ? -1.480  4.191   -31.023 1.00 66.86 ? 70  LYS A CE  1 
ATOM   384  N  NZ  . LYS A 1 48 ? -2.600  4.179   -32.000 1.00 64.08 ? 70  LYS A NZ  1 
ATOM   385  N  N   . GLN A 1 49 ? -2.360  7.236   -26.725 1.00 58.04 ? 71  GLN A N   1 
ATOM   386  C  CA  . GLN A 1 49 ? -3.076  6.540   -25.658 1.00 55.26 ? 71  GLN A CA  1 
ATOM   387  C  C   . GLN A 1 49 ? -2.623  7.115   -24.302 1.00 51.51 ? 71  GLN A C   1 
ATOM   388  O  O   . GLN A 1 49 ? -1.455  6.913   -23.867 1.00 46.41 ? 71  GLN A O   1 
ATOM   389  C  CB  . GLN A 1 49 ? -2.824  5.030   -25.741 1.00 61.68 ? 71  GLN A CB  1 
ATOM   390  C  CG  . GLN A 1 49 ? -3.275  4.344   -27.032 1.00 65.15 ? 71  GLN A CG  1 
ATOM   391  C  CD  . GLN A 1 49 ? -4.672  4.762   -27.505 1.00 73.06 ? 71  GLN A CD  1 
ATOM   392  O  OE1 . GLN A 1 49 ? -5.550  5.096   -26.698 1.00 76.01 ? 71  GLN A OE1 1 
ATOM   393  N  NE2 . GLN A 1 49 ? -4.885  4.735   -28.828 1.00 68.76 ? 71  GLN A NE2 1 
ATOM   394  N  N   . GLN A 1 50 ? -3.522  7.864   -23.648 1.00 45.14 ? 72  GLN A N   1 
ATOM   395  C  CA  . GLN A 1 50 ? -3.084  8.684   -22.503 1.00 39.91 ? 72  GLN A CA  1 
ATOM   396  C  C   . GLN A 1 50 ? -3.214  7.936   -21.176 1.00 37.23 ? 72  GLN A C   1 
ATOM   397  O  O   . GLN A 1 50 ? -2.837  8.437   -20.118 1.00 39.72 ? 72  GLN A O   1 
ATOM   398  C  CB  . GLN A 1 50 ? -3.809  10.024  -22.409 1.00 39.00 ? 72  GLN A CB  1 
ATOM   399  C  CG  . GLN A 1 50 ? -4.133  10.713  -23.715 1.00 43.25 ? 72  GLN A CG  1 
ATOM   400  C  CD  . GLN A 1 50 ? -5.127  11.868  -23.536 1.00 45.37 ? 72  GLN A CD  1 
ATOM   401  O  OE1 . GLN A 1 50 ? -4.812  13.029  -23.839 1.00 46.13 ? 72  GLN A OE1 1 
ATOM   402  N  NE2 . GLN A 1 50 ? -6.328  11.556  -23.034 1.00 43.60 ? 72  GLN A NE2 1 
ATOM   403  N  N   . HIS A 1 51 ? -3.738  6.728   -21.220 1.00 33.40 ? 73  HIS A N   1 
ATOM   404  C  CA  . HIS A 1 51 ? -3.808  5.951   -20.014 1.00 29.03 ? 73  HIS A CA  1 
ATOM   405  C  C   . HIS A 1 51 ? -2.511  5.209   -19.768 1.00 25.45 ? 73  HIS A C   1 
ATOM   406  O  O   . HIS A 1 51 ? -2.257  4.782   -18.648 1.00 23.42 ? 73  HIS A O   1 
ATOM   407  C  CB  . HIS A 1 51 ? -5.038  5.045   -20.037 1.00 31.17 ? 73  HIS A CB  1 
ATOM   408  C  CG  . HIS A 1 51 ? -5.075  4.131   -21.214 1.00 35.86 ? 73  HIS A CG  1 
ATOM   409  N  ND1 . HIS A 1 51 ? -5.516  4.535   -22.430 1.00 40.41 ? 73  HIS A ND1 1 
ATOM   410  C  CD2 . HIS A 1 51 ? -4.660  2.807   -21.359 1.00 35.96 ? 73  HIS A CD2 1 
ATOM   411  C  CE1 . HIS A 1 51 ? -5.413  3.508   -23.303 1.00 39.85 ? 73  HIS A CE1 1 
ATOM   412  N  NE2 . HIS A 1 51 ? -4.880  2.454   -22.648 1.00 37.99 ? 73  HIS A NE2 1 
ATOM   413  N  N   . ILE A 1 52 ? -1.652  5.080   -20.785 1.00 23.47 ? 74  ILE A N   1 
ATOM   414  C  CA  . ILE A 1 52 ? -0.295  4.576   -20.555 1.00 20.73 ? 74  ILE A CA  1 
ATOM   415  C  C   . ILE A 1 52 ? 0.689   5.685   -20.237 1.00 19.78 ? 74  ILE A C   1 
ATOM   416  O  O   . ILE A 1 52 ? 0.783   6.696   -20.935 1.00 22.72 ? 74  ILE A O   1 
ATOM   417  C  CB  . ILE A 1 52 ? 0.268   3.682   -21.701 1.00 20.77 ? 74  ILE A CB  1 
ATOM   418  C  CG1 . ILE A 1 52 ? -0.512  2.391   -21.859 1.00 20.31 ? 74  ILE A CG1 1 
ATOM   419  C  CG2 . ILE A 1 52 ? 1.717   3.277   -21.444 1.00 20.99 ? 74  ILE A CG2 1 
ATOM   420  C  CD1 . ILE A 1 52 ? -1.375  2.394   -23.106 1.00 22.60 ? 74  ILE A CD1 1 
ATOM   421  N  N   . VAL A 1 53 ? 1.439   5.451   -19.180 1.00 18.55 ? 75  VAL A N   1 
ATOM   422  C  CA  . VAL A 1 53 ? 2.503   6.294   -18.747 1.00 18.21 ? 75  VAL A CA  1 
ATOM   423  C  C   . VAL A 1 53 ? 3.728   5.551   -19.207 1.00 18.95 ? 75  VAL A C   1 
ATOM   424  O  O   . VAL A 1 53 ? 3.895   4.386   -18.851 1.00 18.72 ? 75  VAL A O   1 
ATOM   425  C  CB  . VAL A 1 53 ? 2.571   6.337   -17.189 1.00 17.23 ? 75  VAL A CB  1 
ATOM   426  C  CG1 . VAL A 1 53 ? 3.798   7.081   -16.703 1.00 16.77 ? 75  VAL A CG1 1 
ATOM   427  C  CG2 . VAL A 1 53 ? 1.329   6.970   -16.598 1.00 16.83 ? 75  VAL A CG2 1 
ATOM   428  N  N   . TYR A 1 54 ? 4.602   6.230   -19.955 1.00 19.93 ? 76  TYR A N   1 
ATOM   429  C  CA  . TYR A 1 54 ? 5.974   5.742   -20.231 1.00 19.24 ? 76  TYR A CA  1 
ATOM   430  C  C   . TYR A 1 54 ? 7.015   6.380   -19.314 1.00 19.17 ? 76  TYR A C   1 
ATOM   431  O  O   . TYR A 1 54 ? 7.326   7.567   -19.457 1.00 19.44 ? 76  TYR A O   1 
ATOM   432  C  CB  . TYR A 1 54 ? 6.346   5.948   -21.717 1.00 19.19 ? 76  TYR A CB  1 
ATOM   433  C  CG  . TYR A 1 54 ? 5.392   5.267   -22.660 1.00 19.39 ? 76  TYR A CG  1 
ATOM   434  C  CD1 . TYR A 1 54 ? 5.526   3.912   -22.961 1.00 20.37 ? 76  TYR A CD1 1 
ATOM   435  C  CD2 . TYR A 1 54 ? 4.324   5.956   -23.211 1.00 20.46 ? 76  TYR A CD2 1 
ATOM   436  C  CE1 . TYR A 1 54 ? 4.631   3.250   -23.788 1.00 20.31 ? 76  TYR A CE1 1 
ATOM   437  C  CE2 . TYR A 1 54 ? 3.422   5.317   -24.051 1.00 22.35 ? 76  TYR A CE2 1 
ATOM   438  C  CZ  . TYR A 1 54 ? 3.574   3.964   -24.338 1.00 21.69 ? 76  TYR A CZ  1 
ATOM   439  O  OH  . TYR A 1 54 ? 2.650   3.346   -25.173 1.00 21.22 ? 76  TYR A OH  1 
ATOM   440  N  N   . CYS A 1 55 ? 7.569   5.581   -18.406 1.00 19.43 ? 77  CYS A N   1 
ATOM   441  C  CA  . CYS A 1 55 ? 8.682   5.990   -17.518 1.00 20.94 ? 77  CYS A CA  1 
ATOM   442  C  C   . CYS A 1 55 ? 10.113  5.408   -17.843 1.00 23.46 ? 77  CYS A C   1 
ATOM   443  O  O   . CYS A 1 55 ? 11.039  5.489   -16.989 1.00 22.62 ? 77  CYS A O   1 
ATOM   444  C  CB  . CYS A 1 55 ? 8.324   5.628   -16.089 1.00 20.67 ? 77  CYS A CB  1 
ATOM   445  S  SG  . CYS A 1 55 ? 7.239   4.179   -15.997 1.00 21.69 ? 77  CYS A SG  1 
ATOM   446  N  N   . SER A 1 56 ? 10.282  4.886   -19.070 1.00 24.09 ? 78  SER A N   1 
ATOM   447  C  CA  . SER A 1 56 ? 11.468  4.161   -19.534 1.00 25.88 ? 78  SER A CA  1 
ATOM   448  C  C   . SER A 1 56 ? 12.851  4.740   -19.196 1.00 27.70 ? 78  SER A C   1 
ATOM   449  O  O   . SER A 1 56 ? 13.760  3.985   -18.849 1.00 29.28 ? 78  SER A O   1 
ATOM   450  C  CB  . SER A 1 56 ? 11.404  3.926   -21.052 1.00 27.66 ? 78  SER A CB  1 
ATOM   451  O  OG  . SER A 1 56 ? 10.579  2.822   -21.421 1.00 30.54 ? 78  SER A OG  1 
ATOM   452  N  N   . ASN A 1 57 ? 13.072  6.037   -19.344 1.00 26.61 ? 79  ASN A N   1 
ATOM   453  C  CA  . ASN A 1 57 ? 14.448  6.483   -19.139 1.00 25.84 ? 79  ASN A CA  1 
ATOM   454  C  C   . ASN A 1 57 ? 14.395  7.523   -18.046 1.00 27.19 ? 79  ASN A C   1 
ATOM   455  O  O   . ASN A 1 57 ? 14.923  8.624   -18.173 1.00 26.92 ? 79  ASN A O   1 
ATOM   456  C  CB  . ASN A 1 57 ? 15.074  7.023   -20.449 1.00 25.25 ? 79  ASN A CB  1 
ATOM   457  C  CG  . ASN A 1 57 ? 15.050  6.009   -21.581 1.00 23.86 ? 79  ASN A CG  1 
ATOM   458  O  OD1 . ASN A 1 57 ? 15.827  5.094   -21.586 1.00 24.61 ? 79  ASN A OD1 1 
ATOM   459  N  ND2 . ASN A 1 57 ? 14.162  6.188   -22.549 1.00 23.84 ? 79  ASN A ND2 1 
ATOM   460  N  N   . ASP A 1 58 ? 13.718  7.168   -16.963 1.00 27.13 ? 80  ASP A N   1 
ATOM   461  C  CA  . ASP A 1 58 ? 13.370  8.135   -15.960 1.00 26.17 ? 80  ASP A CA  1 
ATOM   462  C  C   . ASP A 1 58 ? 13.393  7.494   -14.593 1.00 26.61 ? 80  ASP A C   1 
ATOM   463  O  O   . ASP A 1 58 ? 13.039  6.285   -14.436 1.00 24.84 ? 80  ASP A O   1 
ATOM   464  C  CB  . ASP A 1 58 ? 11.967  8.682   -16.251 1.00 27.65 ? 80  ASP A CB  1 
ATOM   465  C  CG  . ASP A 1 58 ? 11.521  9.733   -15.240 1.00 30.08 ? 80  ASP A CG  1 
ATOM   466  O  OD1 . ASP A 1 58 ? 10.967  10.786  -15.670 1.00 30.66 ? 80  ASP A OD1 1 
ATOM   467  O  OD2 . ASP A 1 58 ? 11.762  9.530   -14.016 1.00 30.47 ? 80  ASP A OD2 1 
ATOM   468  N  N   . LEU A 1 59 ? 13.759  8.333   -13.612 1.00 25.60 ? 81  LEU A N   1 
ATOM   469  C  CA  . LEU A 1 59 ? 13.747  7.958   -12.199 1.00 24.11 ? 81  LEU A CA  1 
ATOM   470  C  C   . LEU A 1 59 ? 12.466  7.238   -11.784 1.00 23.90 ? 81  LEU A C   1 
ATOM   471  O  O   . LEU A 1 59 ? 12.510  6.352   -10.946 1.00 25.47 ? 81  LEU A O   1 
ATOM   472  C  CB  . LEU A 1 59 ? 13.961  9.170   -11.275 1.00 22.30 ? 81  LEU A CB  1 
ATOM   473  C  CG  . LEU A 1 59 ? 13.816  8.761   -9.795  1.00 20.62 ? 81  LEU A CG  1 
ATOM   474  C  CD1 . LEU A 1 59 ? 14.854  7.738   -9.371  1.00 20.87 ? 81  LEU A CD1 1 
ATOM   475  C  CD2 . LEU A 1 59 ? 13.847  9.949   -8.867  1.00 20.58 ? 81  LEU A CD2 1 
ATOM   476  N  N   . LEU A 1 60 ? 11.321  7.630   -12.327 1.00 22.43 ? 82  LEU A N   1 
ATOM   477  C  CA  . LEU A 1 60 ? 10.074  6.931   -11.964 1.00 21.56 ? 82  LEU A CA  1 
ATOM   478  C  C   . LEU A 1 60 ? 10.155  5.451   -12.330 1.00 21.90 ? 82  LEU A C   1 
ATOM   479  O  O   . LEU A 1 60 ? 10.091  4.615   -11.430 1.00 20.97 ? 82  LEU A O   1 
ATOM   480  C  CB  . LEU A 1 60 ? 8.829   7.573   -12.599 1.00 20.82 ? 82  LEU A CB  1 
ATOM   481  C  CG  . LEU A 1 60 ? 7.534   6.896   -12.163 1.00 20.16 ? 82  LEU A CG  1 
ATOM   482  C  CD1 . LEU A 1 60 ? 7.308   7.028   -10.646 1.00 19.84 ? 82  LEU A CD1 1 
ATOM   483  C  CD2 . LEU A 1 60 ? 6.331   7.351   -12.992 1.00 19.16 ? 82  LEU A CD2 1 
ATOM   484  N  N   . GLY A 1 61 ? 10.309  5.145   -13.635 1.00 21.81 ? 83  GLY A N   1 
ATOM   485  C  CA  . GLY A 1 61 ? 10.694  3.794   -14.109 1.00 22.03 ? 83  GLY A CA  1 
ATOM   486  C  C   . GLY A 1 61 ? 11.728  3.019   -13.274 1.00 21.75 ? 83  GLY A C   1 
ATOM   487  O  O   . GLY A 1 61 ? 11.541  1.823   -12.998 1.00 20.45 ? 83  GLY A O   1 
ATOM   488  N  N   . ASP A 1 62 ? 12.800  3.701   -12.858 1.00 21.51 ? 84  ASP A N   1 
ATOM   489  C  CA  . ASP A 1 62 ? 13.771  3.099   -11.967 1.00 22.26 ? 84  ASP A CA  1 
ATOM   490  C  C   . ASP A 1 62 ? 13.095  2.511   -10.763 1.00 23.28 ? 84  ASP A C   1 
ATOM   491  O  O   . ASP A 1 62 ? 13.119  1.302   -10.569 1.00 26.06 ? 84  ASP A O   1 
ATOM   492  C  CB  . ASP A 1 62 ? 14.843  4.087   -11.562 1.00 22.92 ? 84  ASP A CB  1 
ATOM   493  C  CG  . ASP A 1 62 ? 15.703  4.516   -12.747 1.00 25.87 ? 84  ASP A CG  1 
ATOM   494  O  OD1 . ASP A 1 62 ? 15.692  3.816   -13.784 1.00 26.10 ? 84  ASP A OD1 1 
ATOM   495  O  OD2 . ASP A 1 62 ? 16.383  5.573   -12.673 1.00 28.34 ? 84  ASP A OD2 1 
ATOM   496  N  N   . LEU A 1 63 ? 12.418  3.372   -10.021 1.00 23.66 ? 85  LEU A N   1 
ATOM   497  C  CA  . LEU A 1 63 ? 11.707  3.061   -8.773  1.00 22.84 ? 85  LEU A CA  1 
ATOM   498  C  C   . LEU A 1 63 ? 10.648  1.995   -8.844  1.00 21.33 ? 85  LEU A C   1 
ATOM   499  O  O   . LEU A 1 63 ? 10.446  1.267   -7.896  1.00 20.96 ? 85  LEU A O   1 
ATOM   500  C  CB  . LEU A 1 63 ? 10.979  4.317   -8.335  1.00 23.25 ? 85  LEU A CB  1 
ATOM   501  C  CG  . LEU A 1 63 ? 11.881  5.176   -7.517  1.00 24.02 ? 85  LEU A CG  1 
ATOM   502  C  CD1 . LEU A 1 63 ? 11.492  6.594   -7.839  1.00 25.54 ? 85  LEU A CD1 1 
ATOM   503  C  CD2 . LEU A 1 63 ? 11.658  4.805   -6.067  1.00 25.04 ? 85  LEU A CD2 1 
ATOM   504  N  N   . PHE A 1 64 ? 9.920   1.979   -9.940  1.00 20.72 ? 86  PHE A N   1 
ATOM   505  C  CA  . PHE A 1 64 ? 8.824   1.087   -10.087 1.00 22.04 ? 86  PHE A CA  1 
ATOM   506  C  C   . PHE A 1 64 ? 9.322   -0.143  -10.764 1.00 25.36 ? 86  PHE A C   1 
ATOM   507  O  O   . PHE A 1 64 ? 8.566   -1.103  -10.876 1.00 30.22 ? 86  PHE A O   1 
ATOM   508  C  CB  . PHE A 1 64 ? 7.747   1.723   -10.953 1.00 20.08 ? 86  PHE A CB  1 
ATOM   509  C  CG  . PHE A 1 64 ? 6.816   2.598   -10.183 1.00 19.75 ? 86  PHE A CG  1 
ATOM   510  C  CD1 . PHE A 1 64 ? 7.192   3.098   -8.912  1.00 18.41 ? 86  PHE A CD1 1 
ATOM   511  C  CD2 . PHE A 1 64 ? 5.563   2.948   -10.704 1.00 18.89 ? 86  PHE A CD2 1 
ATOM   512  C  CE1 . PHE A 1 64 ? 6.333   3.897   -8.190  1.00 17.59 ? 86  PHE A CE1 1 
ATOM   513  C  CE2 . PHE A 1 64 ? 4.705   3.764   -9.970  1.00 17.86 ? 86  PHE A CE2 1 
ATOM   514  C  CZ  . PHE A 1 64 ? 5.101   4.230   -8.718  1.00 17.46 ? 86  PHE A CZ  1 
ATOM   515  N  N   . GLY A 1 65 ? 10.571  -0.123  -11.239 1.00 25.13 ? 87  GLY A N   1 
ATOM   516  C  CA  . GLY A 1 65 ? 11.104  -1.242  -12.040 1.00 24.15 ? 87  GLY A CA  1 
ATOM   517  C  C   . GLY A 1 65 ? 10.315  -1.612  -13.310 1.00 23.69 ? 87  GLY A C   1 
ATOM   518  O  O   . GLY A 1 65 ? 10.155  -2.791  -13.612 1.00 23.48 ? 87  GLY A O   1 
ATOM   519  N  N   . VAL A 1 66 ? 9.795   -0.628  -14.046 1.00 22.45 ? 88  VAL A N   1 
ATOM   520  C  CA  . VAL A 1 66 ? 9.189   -0.919  -15.345 1.00 21.30 ? 88  VAL A CA  1 
ATOM   521  C  C   . VAL A 1 66 ? 9.499   0.148   -16.376 1.00 21.77 ? 88  VAL A C   1 
ATOM   522  O  O   . VAL A 1 66 ? 9.974   1.273   -16.018 1.00 19.90 ? 88  VAL A O   1 
ATOM   523  C  CB  . VAL A 1 66 ? 7.646   -1.115  -15.300 1.00 21.80 ? 88  VAL A CB  1 
ATOM   524  C  CG1 . VAL A 1 66 ? 7.262   -2.138  -14.228 1.00 21.36 ? 88  VAL A CG1 1 
ATOM   525  C  CG2 . VAL A 1 66 ? 6.893   0.210   -15.094 1.00 21.30 ? 88  VAL A CG2 1 
ATOM   526  N  N   . PRO A 1 67 ? 9.228   -0.197  -17.667 1.00 22.05 ? 89  PRO A N   1 
ATOM   527  C  CA  . PRO A 1 67 ? 9.232   0.791   -18.725 1.00 21.65 ? 89  PRO A CA  1 
ATOM   528  C  C   . PRO A 1 67 ? 7.900   1.550   -18.867 1.00 20.38 ? 89  PRO A C   1 
ATOM   529  O  O   . PRO A 1 67 ? 7.870   2.613   -19.459 1.00 21.89 ? 89  PRO A O   1 
ATOM   530  C  CB  . PRO A 1 67 ? 9.524   -0.064  -19.982 1.00 21.23 ? 89  PRO A CB  1 
ATOM   531  C  CG  . PRO A 1 67 ? 8.869   -1.349  -19.733 1.00 20.84 ? 89  PRO A CG  1 
ATOM   532  C  CD  . PRO A 1 67 ? 9.080   -1.562  -18.235 1.00 22.92 ? 89  PRO A CD  1 
ATOM   533  N  N   . SER A 1 68 ? 6.805   1.009   -18.361 1.00 18.49 ? 90  SER A N   1 
ATOM   534  C  CA  . SER A 1 68 ? 5.552   1.605   -18.660 1.00 17.51 ? 90  SER A CA  1 
ATOM   535  C  C   . SER A 1 68 ? 4.446   0.845   -17.978 1.00 18.05 ? 90  SER A C   1 
ATOM   536  O  O   . SER A 1 68 ? 4.618   -0.305  -17.585 1.00 19.52 ? 90  SER A O   1 
ATOM   537  C  CB  . SER A 1 68 ? 5.353   1.635   -20.176 1.00 17.75 ? 90  SER A CB  1 
ATOM   538  O  OG  . SER A 1 68 ? 4.870   0.417   -20.703 1.00 17.46 ? 90  SER A OG  1 
ATOM   539  N  N   . PHE A 1 69 ? 3.298   1.497   -17.828 1.00 17.70 ? 91  PHE A N   1 
ATOM   540  C  CA  . PHE A 1 69 ? 2.202   0.942   -17.089 1.00 17.09 ? 91  PHE A CA  1 
ATOM   541  C  C   . PHE A 1 69 ? 0.980   1.766   -17.259 1.00 17.15 ? 91  PHE A C   1 
ATOM   542  O  O   . PHE A 1 69 ? 1.053   2.919   -17.540 1.00 18.43 ? 91  PHE A O   1 
ATOM   543  C  CB  . PHE A 1 69 ? 2.540   0.889   -15.631 1.00 17.45 ? 91  PHE A CB  1 
ATOM   544  C  CG  . PHE A 1 69 ? 2.657   2.219   -14.976 1.00 17.93 ? 91  PHE A CG  1 
ATOM   545  C  CD1 . PHE A 1 69 ? 1.550   2.805   -14.366 1.00 18.20 ? 91  PHE A CD1 1 
ATOM   546  C  CD2 . PHE A 1 69 ? 3.885   2.856   -14.884 1.00 18.94 ? 91  PHE A CD2 1 
ATOM   547  C  CE1 . PHE A 1 69 ? 1.653   4.028   -13.709 1.00 17.98 ? 91  PHE A CE1 1 
ATOM   548  C  CE2 . PHE A 1 69 ? 3.995   4.087   -14.219 1.00 20.00 ? 91  PHE A CE2 1 
ATOM   549  C  CZ  . PHE A 1 69 ? 2.872   4.674   -13.627 1.00 18.25 ? 91  PHE A CZ  1 
ATOM   550  N  N   . SER A 1 70 ? -0.155  1.151   -17.069 1.00 17.05 ? 92  SER A N   1 
ATOM   551  C  CA  . SER A 1 70 ? -1.399  1.774   -17.330 1.00 17.56 ? 92  SER A CA  1 
ATOM   552  C  C   . SER A 1 70 ? -2.019  2.218   -15.999 1.00 18.97 ? 92  SER A C   1 
ATOM   553  O  O   . SER A 1 70 ? -2.048  1.447   -15.004 1.00 18.52 ? 92  SER A O   1 
ATOM   554  C  CB  . SER A 1 70 ? -2.321  0.771   -18.034 1.00 17.40 ? 92  SER A CB  1 
ATOM   555  O  OG  . SER A 1 70 ? -3.680  1.203   -18.032 1.00 17.93 ? 92  SER A OG  1 
ATOM   556  N  N   . VAL A 1 71 ? -2.537  3.451   -16.007 1.00 19.74 ? 93  VAL A N   1 
ATOM   557  C  CA  . VAL A 1 71 ? -3.235  4.035   -14.868 1.00 19.23 ? 93  VAL A CA  1 
ATOM   558  C  C   . VAL A 1 71 ? -4.505  3.280   -14.523 1.00 19.81 ? 93  VAL A C   1 
ATOM   559  O  O   . VAL A 1 71 ? -5.058  3.480   -13.464 1.00 20.16 ? 93  VAL A O   1 
ATOM   560  C  CB  . VAL A 1 71 ? -3.540  5.548   -15.051 1.00 18.93 ? 93  VAL A CB  1 
ATOM   561  C  CG1 . VAL A 1 71 ? -2.261  6.358   -15.176 1.00 19.19 ? 93  VAL A CG1 1 
ATOM   562  C  CG2 . VAL A 1 71 ? -4.461  5.805   -16.225 1.00 18.77 ? 93  VAL A CG2 1 
ATOM   563  N  N   . LYS A 1 72 ? -4.979  2.408   -15.403 1.00 21.75 ? 94  LYS A N   1 
ATOM   564  C  CA  . LYS A 1 72 ? -6.189  1.628   -15.101 1.00 22.54 ? 94  LYS A CA  1 
ATOM   565  C  C   . LYS A 1 72 ? -5.853  0.394   -14.256 1.00 22.21 ? 94  LYS A C   1 
ATOM   566  O  O   . LYS A 1 72 ? -6.666  -0.485  -14.077 1.00 24.00 ? 94  LYS A O   1 
ATOM   567  C  CB  . LYS A 1 72 ? -6.878  1.206   -16.406 1.00 25.90 ? 94  LYS A CB  1 
ATOM   568  C  CG  . LYS A 1 72 ? -7.618  2.296   -17.205 1.00 29.39 ? 94  LYS A CG  1 
ATOM   569  C  CD  . LYS A 1 72 ? -8.131  1.667   -18.505 1.00 34.28 ? 94  LYS A CD  1 
ATOM   570  C  CE  . LYS A 1 72 ? -9.363  2.375   -19.072 1.00 38.61 ? 94  LYS A CE  1 
ATOM   571  N  NZ  . LYS A 1 72 ? -8.994  3.730   -19.565 1.00 38.71 ? 94  LYS A NZ  1 
ATOM   572  N  N   . GLU A 1 73 ? -4.654  0.328   -13.709 1.00 22.18 ? 95  GLU A N   1 
ATOM   573  C  CA  . GLU A 1 73 ? -4.160  -0.915  -13.146 1.00 21.16 ? 95  GLU A CA  1 
ATOM   574  C  C   . GLU A 1 73 ? -3.665  -0.770  -11.713 1.00 17.93 ? 95  GLU A C   1 
ATOM   575  O  O   . GLU A 1 73 ? -2.484  -0.850  -11.445 1.00 16.05 ? 95  GLU A O   1 
ATOM   576  C  CB  . GLU A 1 73 ? -3.057  -1.430  -14.040 1.00 24.78 ? 95  GLU A CB  1 
ATOM   577  C  CG  . GLU A 1 73 ? -3.573  -2.347  -15.123 1.00 29.64 ? 95  GLU A CG  1 
ATOM   578  C  CD  . GLU A 1 73 ? -2.459  -3.214  -15.692 1.00 36.69 ? 95  GLU A CD  1 
ATOM   579  O  OE1 . GLU A 1 73 ? -2.767  -4.419  -15.977 1.00 37.45 ? 95  GLU A OE1 1 
ATOM   580  O  OE2 . GLU A 1 73 ? -1.288  -2.694  -15.822 1.00 36.73 ? 95  GLU A OE2 1 
ATOM   581  N  N   . HIS A 1 74 ? -4.611  -0.602  -10.804 1.00 16.76 ? 96  HIS A N   1 
ATOM   582  C  CA  . HIS A 1 74 ? -4.345  -0.101  -9.477  1.00 15.48 ? 96  HIS A CA  1 
ATOM   583  C  C   . HIS A 1 74 ? -3.524  -1.062  -8.638  1.00 14.83 ? 96  HIS A C   1 
ATOM   584  O  O   . HIS A 1 74 ? -2.482  -0.690  -8.070  1.00 14.62 ? 96  HIS A O   1 
ATOM   585  C  CB  . HIS A 1 74 ? -5.676  0.253   -8.831  1.00 15.69 ? 96  HIS A CB  1 
ATOM   586  C  CG  . HIS A 1 74 ? -6.455  1.360   -9.542  1.00 16.20 ? 96  HIS A CG  1 
ATOM   587  N  ND1 . HIS A 1 74 ? -7.470  2.038   -8.942  1.00 16.71 ? 96  HIS A ND1 1 
ATOM   588  C  CD2 . HIS A 1 74 ? -6.340  1.902   -10.813 1.00 16.66 ? 96  HIS A CD2 1 
ATOM   589  C  CE1 . HIS A 1 74 ? -7.985  2.949   -9.785  1.00 15.72 ? 96  HIS A CE1 1 
ATOM   590  N  NE2 . HIS A 1 74 ? -7.309  2.867   -10.933 1.00 16.53 ? 96  HIS A NE2 1 
ATOM   591  N  N   . ARG A 1 75 ? -3.958  -2.311  -8.557  1.00 14.33 ? 97  ARG A N   1 
ATOM   592  C  CA  . ARG A 1 75 ? -3.257  -3.306  -7.796  1.00 14.30 ? 97  ARG A CA  1 
ATOM   593  C  C   . ARG A 1 75 ? -1.800  -3.216  -8.169  1.00 15.11 ? 97  ARG A C   1 
ATOM   594  O  O   . ARG A 1 75 ? -0.925  -3.092  -7.310  1.00 15.71 ? 97  ARG A O   1 
ATOM   595  C  CB  . ARG A 1 75 ? -3.786  -4.710  -8.099  1.00 14.48 ? 97  ARG A CB  1 
ATOM   596  C  CG  . ARG A 1 75 ? -5.234  -4.974  -7.754  1.00 15.58 ? 97  ARG A CG  1 
ATOM   597  C  CD  . ARG A 1 75 ? -5.452  -6.455  -7.601  1.00 17.76 ? 97  ARG A CD  1 
ATOM   598  N  NE  . ARG A 1 75 ? -5.530  -7.098  -8.911  1.00 21.85 ? 97  ARG A NE  1 
ATOM   599  C  CZ  . ARG A 1 75 ? -6.656  -7.221  -9.617  1.00 24.37 ? 97  ARG A CZ  1 
ATOM   600  N  NH1 . ARG A 1 75 ? -7.818  -6.771  -9.086  1.00 26.99 ? 97  ARG A NH1 1 
ATOM   601  N  NH2 . ARG A 1 75 ? -6.639  -7.802  -10.830 1.00 21.94 ? 97  ARG A NH2 1 
ATOM   602  N  N   . LYS A 1 76 ? -1.533  -3.276  -9.464  1.00 16.48 ? 98  LYS A N   1 
ATOM   603  C  CA  . LYS A 1 76 ? -0.171  -3.267  -9.976  1.00 17.70 ? 98  LYS A CA  1 
ATOM   604  C  C   . LYS A 1 76 ? 0.597   -1.982  -9.562  1.00 16.94 ? 98  LYS A C   1 
ATOM   605  O  O   . LYS A 1 76 ? 1.794   -2.030  -9.239  1.00 16.99 ? 98  LYS A O   1 
ATOM   606  C  CB  . LYS A 1 76 ? -0.241  -3.443  -11.489 1.00 20.86 ? 98  LYS A CB  1 
ATOM   607  C  CG  . LYS A 1 76 ? 0.985   -4.078  -12.091 1.00 25.89 ? 98  LYS A CG  1 
ATOM   608  C  CD  . LYS A 1 76 ? 1.842   -3.029  -12.823 1.00 30.39 ? 98  LYS A CD  1 
ATOM   609  C  CE  . LYS A 1 76 ? 2.439   -3.563  -14.142 1.00 34.12 ? 98  LYS A CE  1 
ATOM   610  N  NZ  . LYS A 1 76 ? 2.042   -2.703  -15.302 1.00 33.67 ? 98  LYS A NZ  1 
ATOM   611  N  N   . ILE A 1 77 ? -0.114  -0.848  -9.543  1.00 15.07 ? 99  ILE A N   1 
ATOM   612  C  CA  . ILE A 1 77 ? 0.404   0.422   -9.045  1.00 13.94 ? 99  ILE A CA  1 
ATOM   613  C  C   . ILE A 1 77 ? 0.738   0.361   -7.584  1.00 13.85 ? 99  ILE A C   1 
ATOM   614  O  O   . ILE A 1 77 ? 1.790   0.790   -7.176  1.00 13.97 ? 99  ILE A O   1 
ATOM   615  C  CB  . ILE A 1 77 ? -0.594  1.583   -9.291  1.00 13.29 ? 99  ILE A CB  1 
ATOM   616  C  CG1 . ILE A 1 77 ? -0.738  1.746   -10.811 1.00 12.83 ? 99  ILE A CG1 1 
ATOM   617  C  CG2 . ILE A 1 77 ? -0.201  2.856   -8.543  1.00 12.03 ? 99  ILE A CG2 1 
ATOM   618  C  CD1 . ILE A 1 77 ? -0.613  3.128   -11.348 1.00 12.12 ? 99  ILE A CD1 1 
ATOM   619  N  N   . TYR A 1 78 ? -0.166  -0.132  -6.770  1.00 13.78 ? 100 TYR A N   1 
ATOM   620  C  CA  . TYR A 1 78 ? 0.117   -0.122  -5.357  1.00 13.73 ? 100 TYR A CA  1 
ATOM   621  C  C   . TYR A 1 78 ? 1.240   -1.042  -4.996  1.00 14.44 ? 100 TYR A C   1 
ATOM   622  O  O   . TYR A 1 78 ? 1.994   -0.769  -4.061  1.00 15.60 ? 100 TYR A O   1 
ATOM   623  C  CB  . TYR A 1 78 ? -1.101  -0.509  -4.625  1.00 13.80 ? 100 TYR A CB  1 
ATOM   624  C  CG  . TYR A 1 78 ? -2.071  0.601   -4.573  1.00 14.06 ? 100 TYR A CG  1 
ATOM   625  C  CD1 . TYR A 1 78 ? -3.374  0.459   -5.075  1.00 14.53 ? 100 TYR A CD1 1 
ATOM   626  C  CD2 . TYR A 1 78 ? -1.702  1.802   -4.006  1.00 13.83 ? 100 TYR A CD2 1 
ATOM   627  C  CE1 . TYR A 1 78 ? -4.284  1.514   -4.999  1.00 15.00 ? 100 TYR A CE1 1 
ATOM   628  C  CE2 . TYR A 1 78 ? -2.586  2.851   -3.910  1.00 14.31 ? 100 TYR A CE2 1 
ATOM   629  C  CZ  . TYR A 1 78 ? -3.868  2.719   -4.403  1.00 14.76 ? 100 TYR A CZ  1 
ATOM   630  O  OH  . TYR A 1 78 ? -4.695  3.803   -4.256  1.00 14.84 ? 100 TYR A OH  1 
ATOM   631  N  N   . THR A 1 79 ? 1.373   -2.132  -5.739  1.00 14.41 ? 101 THR A N   1 
ATOM   632  C  CA  . THR A 1 79 ? 2.525   -3.013  -5.566  1.00 14.32 ? 101 THR A CA  1 
ATOM   633  C  C   . THR A 1 79 ? 3.791   -2.197  -5.849  1.00 14.05 ? 101 THR A C   1 
ATOM   634  O  O   . THR A 1 79 ? 4.721   -2.173  -5.047  1.00 14.60 ? 101 THR A O   1 
ATOM   635  C  CB  . THR A 1 79 ? 2.419   -4.262  -6.483  1.00 13.55 ? 101 THR A CB  1 
ATOM   636  O  OG1 . THR A 1 79 ? 1.085   -4.756  -6.412  1.00 13.01 ? 101 THR A OG1 1 
ATOM   637  C  CG2 . THR A 1 79 ? 3.337   -5.335  -6.043  1.00 13.10 ? 101 THR A CG2 1 
ATOM   638  N  N   . MET A 1 80 ? 3.805   -1.486  -6.959  1.00 13.63 ? 102 MET A N   1 
ATOM   639  C  CA  . MET A 1 80 ? 4.978   -0.700  -7.258  1.00 13.85 ? 102 MET A CA  1 
ATOM   640  C  C   . MET A 1 80 ? 5.293   0.352   -6.220  1.00 13.51 ? 102 MET A C   1 
ATOM   641  O  O   . MET A 1 80 ? 6.434   0.437   -5.774  1.00 13.41 ? 102 MET A O   1 
ATOM   642  C  CB  . MET A 1 80 ? 4.879   -0.111  -8.630  1.00 14.59 ? 102 MET A CB  1 
ATOM   643  C  CG  . MET A 1 80 ? 5.138   -1.163  -9.693  1.00 15.54 ? 102 MET A CG  1 
ATOM   644  S  SD  . MET A 1 80 ? 4.864   -0.626  -11.381 1.00 15.13 ? 102 MET A SD  1 
ATOM   645  C  CE  . MET A 1 80 ? 3.289   0.188   -11.178 1.00 15.92 ? 102 MET A CE  1 
ATOM   646  N  N   . ILE A 1 81 ? 4.284   1.107   -5.791  1.00 13.39 ? 103 ILE A N   1 
ATOM   647  C  CA  . ILE A 1 81 ? 4.440   2.062   -4.680  1.00 13.41 ? 103 ILE A CA  1 
ATOM   648  C  C   . ILE A 1 81 ? 4.975   1.402   -3.388  1.00 13.94 ? 103 ILE A C   1 
ATOM   649  O  O   . ILE A 1 81 ? 5.865   1.940   -2.755  1.00 13.46 ? 103 ILE A O   1 
ATOM   650  C  CB  . ILE A 1 81 ? 3.120   2.798   -4.397  1.00 13.13 ? 103 ILE A CB  1 
ATOM   651  C  CG1 . ILE A 1 81 ? 2.751   3.693   -5.571  1.00 13.15 ? 103 ILE A CG1 1 
ATOM   652  C  CG2 . ILE A 1 81 ? 3.185   3.615   -3.114  1.00 12.55 ? 103 ILE A CG2 1 
ATOM   653  C  CD1 . ILE A 1 81 ? 1.370   4.294   -5.464  1.00 13.11 ? 103 ILE A CD1 1 
ATOM   654  N  N   . TYR A 1 82 ? 4.457   0.234   -3.006  1.00 14.68 ? 104 TYR A N   1 
ATOM   655  C  CA  . TYR A 1 82 ? 4.823   -0.358  -1.689  1.00 16.12 ? 104 TYR A CA  1 
ATOM   656  C  C   . TYR A 1 82 ? 6.218   -0.919  -1.581  1.00 16.92 ? 104 TYR A C   1 
ATOM   657  O  O   . TYR A 1 82 ? 6.840   -0.864  -0.522  1.00 16.88 ? 104 TYR A O   1 
ATOM   658  C  CB  . TYR A 1 82 ? 3.880   -1.458  -1.312  1.00 15.99 ? 104 TYR A CB  1 
ATOM   659  C  CG  . TYR A 1 82 ? 2.796   -0.964  -0.446  1.00 16.90 ? 104 TYR A CG  1 
ATOM   660  C  CD1 . TYR A 1 82 ? 2.996   -0.825  0.938   1.00 16.94 ? 104 TYR A CD1 1 
ATOM   661  C  CD2 . TYR A 1 82 ? 1.568   -0.619  -0.973  1.00 16.03 ? 104 TYR A CD2 1 
ATOM   662  C  CE1 . TYR A 1 82 ? 1.990   -0.369  1.757   1.00 15.29 ? 104 TYR A CE1 1 
ATOM   663  C  CE2 . TYR A 1 82 ? 0.574   -0.153  -0.147  1.00 15.83 ? 104 TYR A CE2 1 
ATOM   664  C  CZ  . TYR A 1 82 ? 0.798   -0.041  1.206   1.00 15.29 ? 104 TYR A CZ  1 
ATOM   665  O  OH  . TYR A 1 82 ? -0.226  0.387   2.023   1.00 16.73 ? 104 TYR A OH  1 
ATOM   666  N  N   . ARG A 1 83 ? 6.694   -1.458  -2.694  1.00 17.71 ? 105 ARG A N   1 
ATOM   667  C  CA  . ARG A 1 83 ? 8.072   -1.813  -2.876  1.00 18.87 ? 105 ARG A CA  1 
ATOM   668  C  C   . ARG A 1 83 ? 8.969   -0.634  -2.535  1.00 18.09 ? 105 ARG A C   1 
ATOM   669  O  O   . ARG A 1 83 ? 10.144  -0.809  -2.305  1.00 18.56 ? 105 ARG A O   1 
ATOM   670  C  CB  . ARG A 1 83 ? 8.238   -2.144  -4.332  1.00 22.38 ? 105 ARG A CB  1 
ATOM   671  C  CG  . ARG A 1 83 ? 9.053   -3.362  -4.667  1.00 26.94 ? 105 ARG A CG  1 
ATOM   672  C  CD  . ARG A 1 83 ? 8.915   -3.572  -6.175  1.00 35.56 ? 105 ARG A CD  1 
ATOM   673  N  NE  . ARG A 1 83 ? 7.890   -4.589  -6.491  1.00 45.35 ? 105 ARG A NE  1 
ATOM   674  C  CZ  . ARG A 1 83 ? 7.129   -4.626  -7.598  1.00 45.93 ? 105 ARG A CZ  1 
ATOM   675  N  NH1 . ARG A 1 83 ? 7.220   -3.689  -8.546  1.00 44.96 ? 105 ARG A NH1 1 
ATOM   676  N  NH2 . ARG A 1 83 ? 6.250   -5.609  -7.753  1.00 46.02 ? 105 ARG A NH2 1 
ATOM   677  N  N   . ASN A 1 84 ? 8.417   0.575   -2.511  1.00 18.07 ? 106 ASN A N   1 
ATOM   678  C  CA  . ASN A 1 84 ? 9.180   1.780   -2.168  1.00 17.33 ? 106 ASN A CA  1 
ATOM   679  C  C   . ASN A 1 84 ? 8.802   2.401   -0.865  1.00 18.27 ? 106 ASN A C   1 
ATOM   680  O  O   . ASN A 1 84 ? 9.111   3.596   -0.641  1.00 17.51 ? 106 ASN A O   1 
ATOM   681  C  CB  . ASN A 1 84 ? 8.984   2.813   -3.209  1.00 16.48 ? 106 ASN A CB  1 
ATOM   682  C  CG  . ASN A 1 84 ? 9.675   2.450   -4.453  1.00 18.43 ? 106 ASN A CG  1 
ATOM   683  O  OD1 . ASN A 1 84 ? 10.896  2.483   -4.499  1.00 20.23 ? 106 ASN A OD1 1 
ATOM   684  N  ND2 . ASN A 1 84 ? 8.921   2.043   -5.473  1.00 18.44 ? 106 ASN A ND2 1 
ATOM   685  N  N   . LEU A 1 85 ? 8.131   1.623   -0.018  1.00 17.73 ? 107 LEU A N   1 
ATOM   686  C  CA  . LEU A 1 85 ? 7.755   2.150   1.272   1.00 19.76 ? 107 LEU A CA  1 
ATOM   687  C  C   . LEU A 1 85 ? 8.529   1.495   2.380   1.00 21.42 ? 107 LEU A C   1 
ATOM   688  O  O   . LEU A 1 85 ? 8.542   0.265   2.465   1.00 23.15 ? 107 LEU A O   1 
ATOM   689  C  CB  . LEU A 1 85 ? 6.251   2.001   1.533   1.00 19.06 ? 107 LEU A CB  1 
ATOM   690  C  CG  . LEU A 1 85 ? 5.362   2.994   0.790   1.00 18.24 ? 107 LEU A CG  1 
ATOM   691  C  CD1 . LEU A 1 85 ? 3.917   2.671   1.097   1.00 17.68 ? 107 LEU A CD1 1 
ATOM   692  C  CD2 . LEU A 1 85 ? 5.698   4.459   1.087   1.00 17.33 ? 107 LEU A CD2 1 
ATOM   693  N  N   . VAL A 1 86 ? 9.138   2.316   3.245   1.00 23.31 ? 108 VAL A N   1 
ATOM   694  C  CA  . VAL A 1 86 ? 9.892   1.816   4.401   1.00 25.68 ? 108 VAL A CA  1 
ATOM   695  C  C   . VAL A 1 86 ? 8.941   1.066   5.319   1.00 29.64 ? 108 VAL A C   1 
ATOM   696  O  O   . VAL A 1 86 ? 7.928   1.600   5.800   1.00 29.36 ? 108 VAL A O   1 
ATOM   697  C  CB  . VAL A 1 86 ? 10.726  2.874   5.183   1.00 24.89 ? 108 VAL A CB  1 
ATOM   698  C  CG1 . VAL A 1 86 ? 11.649  2.172   6.168   1.00 23.95 ? 108 VAL A CG1 1 
ATOM   699  C  CG2 . VAL A 1 86 ? 11.592  3.714   4.251   1.00 26.05 ? 108 VAL A CG2 1 
ATOM   700  N  N   . VAL A 1 87 ? 9.304   -0.194  5.525   1.00 33.68 ? 109 VAL A N   1 
ATOM   701  C  CA  . VAL A 1 87 ? 8.474   -1.209  6.179   1.00 37.57 ? 109 VAL A CA  1 
ATOM   702  C  C   . VAL A 1 87 ? 8.465   -1.099  7.727   1.00 40.65 ? 109 VAL A C   1 
ATOM   703  O  O   . VAL A 1 87 ? 9.511   -0.989  8.404   1.00 39.90 ? 109 VAL A O   1 
ATOM   704  C  CB  . VAL A 1 87 ? 8.853   -2.626  5.644   1.00 37.03 ? 109 VAL A CB  1 
ATOM   705  C  CG1 . VAL A 1 87 ? 8.331   -2.788  4.213   1.00 37.03 ? 109 VAL A CG1 1 
ATOM   706  C  CG2 . VAL A 1 87 ? 10.377  -2.820  5.666   1.00 36.87 ? 109 VAL A CG2 1 
ATOM   707  O  OXT . VAL A 1 87 ? 7.379   -1.073  8.327   1.00 39.68 ? 109 VAL A OXT 1 
ATOM   708  N  N   . GLU B 1 3  ? 7.500   0.123   20.063  1.00 38.94 ? 25  GLU B N   1 
ATOM   709  C  CA  . GLU B 1 3  ? 6.696   -0.658  21.054  1.00 42.01 ? 25  GLU B CA  1 
ATOM   710  C  C   . GLU B 1 3  ? 6.947   -2.193  20.998  1.00 41.13 ? 25  GLU B C   1 
ATOM   711  O  O   . GLU B 1 3  ? 7.964   -2.669  20.471  1.00 37.72 ? 25  GLU B O   1 
ATOM   712  C  CB  . GLU B 1 3  ? 5.167   -0.300  21.027  1.00 44.10 ? 25  GLU B CB  1 
ATOM   713  C  CG  . GLU B 1 3  ? 4.579   0.443   19.803  1.00 52.23 ? 25  GLU B CG  1 
ATOM   714  C  CD  . GLU B 1 3  ? 4.620   -0.310  18.426  1.00 57.69 ? 25  GLU B CD  1 
ATOM   715  O  OE1 . GLU B 1 3  ? 5.715   -0.358  17.809  1.00 61.18 ? 25  GLU B OE1 1 
ATOM   716  O  OE2 . GLU B 1 3  ? 3.568   -0.803  17.898  1.00 49.01 ? 25  GLU B OE2 1 
ATOM   717  N  N   . THR B 1 4  ? 5.975   -2.944  21.516  1.00 40.75 ? 26  THR B N   1 
ATOM   718  C  CA  . THR B 1 4  ? 6.135   -4.350  21.884  1.00 39.32 ? 26  THR B CA  1 
ATOM   719  C  C   . THR B 1 4  ? 5.623   -5.397  20.847  1.00 37.46 ? 26  THR B C   1 
ATOM   720  O  O   . THR B 1 4  ? 4.875   -5.072  19.919  1.00 35.30 ? 26  THR B O   1 
ATOM   721  C  CB  . THR B 1 4  ? 5.442   -4.576  23.255  1.00 40.29 ? 26  THR B CB  1 
ATOM   722  O  OG1 . THR B 1 4  ? 4.140   -3.975  23.216  1.00 30.75 ? 26  THR B OG1 1 
ATOM   723  C  CG2 . THR B 1 4  ? 6.329   -3.991  24.476  1.00 35.67 ? 26  THR B CG2 1 
ATOM   724  N  N   . LEU B 1 5  ? 6.016   -6.654  21.049  1.00 33.65 ? 27  LEU B N   1 
ATOM   725  C  CA  . LEU B 1 5  ? 5.832   -7.691  20.041  1.00 31.70 ? 27  LEU B CA  1 
ATOM   726  C  C   . LEU B 1 5  ? 4.752   -8.743  20.276  1.00 30.50 ? 27  LEU B C   1 
ATOM   727  O  O   . LEU B 1 5  ? 4.768   -9.497  21.275  1.00 28.90 ? 27  LEU B O   1 
ATOM   728  C  CB  . LEU B 1 5  ? 7.130   -8.454  19.795  1.00 31.42 ? 27  LEU B CB  1 
ATOM   729  C  CG  . LEU B 1 5  ? 8.193   -7.758  19.004  1.00 31.84 ? 27  LEU B CG  1 
ATOM   730  C  CD1 . LEU B 1 5  ? 8.571   -6.462  19.734  1.00 31.75 ? 27  LEU B CD1 1 
ATOM   731  C  CD2 . LEU B 1 5  ? 9.324   -8.787  18.876  1.00 30.93 ? 27  LEU B CD2 1 
ATOM   732  N  N   . VAL B 1 6  ? 3.877   -8.824  19.272  1.00 27.59 ? 28  VAL B N   1 
ATOM   733  C  CA  . VAL B 1 6  ? 2.900   -9.889  19.100  1.00 24.88 ? 28  VAL B CA  1 
ATOM   734  C  C   . VAL B 1 6  ? 3.479   -11.018 18.232  1.00 24.32 ? 28  VAL B C   1 
ATOM   735  O  O   . VAL B 1 6  ? 4.509   -10.846 17.608  1.00 25.34 ? 28  VAL B O   1 
ATOM   736  C  CB  . VAL B 1 6  ? 1.611   -9.316  18.489  1.00 22.96 ? 28  VAL B CB  1 
ATOM   737  C  CG1 . VAL B 1 6  ? 1.095   -8.146  19.326  1.00 21.79 ? 28  VAL B CG1 1 
ATOM   738  C  CG2 . VAL B 1 6  ? 1.831   -8.884  17.053  1.00 21.60 ? 28  VAL B CG2 1 
ATOM   739  N  N   . ARG B 1 7  ? 2.828   -12.172 18.207  1.00 23.78 ? 29  ARG B N   1 
ATOM   740  C  CA  . ARG B 1 7  ? 3.254   -13.254 17.352  1.00 23.05 ? 29  ARG B CA  1 
ATOM   741  C  C   . ARG B 1 7  ? 2.031   -13.776 16.677  1.00 24.02 ? 29  ARG B C   1 
ATOM   742  O  O   . ARG B 1 7  ? 1.151   -14.330 17.322  1.00 25.16 ? 29  ARG B O   1 
ATOM   743  C  CB  . ARG B 1 7  ? 3.890   -14.381 18.153  1.00 24.69 ? 29  ARG B CB  1 
ATOM   744  C  CG  . ARG B 1 7  ? 3.848   -15.795 17.510  1.00 26.05 ? 29  ARG B CG  1 
ATOM   745  C  CD  . ARG B 1 7  ? 4.588   -16.837 18.365  1.00 27.62 ? 29  ARG B CD  1 
ATOM   746  N  NE  . ARG B 1 7  ? 5.667   -16.221 19.164  1.00 27.77 ? 29  ARG B NE  1 
ATOM   747  C  CZ  . ARG B 1 7  ? 6.967   -16.270 18.859  1.00 28.54 ? 29  ARG B CZ  1 
ATOM   748  N  NH1 . ARG B 1 7  ? 7.391   -16.943 17.787  1.00 26.76 ? 29  ARG B NH1 1 
ATOM   749  N  NH2 . ARG B 1 7  ? 7.852   -15.648 19.641  1.00 29.57 ? 29  ARG B NH2 1 
ATOM   750  N  N   . PRO B 1 8  ? 1.963   -13.584 15.369  1.00 24.09 ? 30  PRO B N   1 
ATOM   751  C  CA  . PRO B 1 8  ? 0.889   -14.089 14.558  1.00 24.87 ? 30  PRO B CA  1 
ATOM   752  C  C   . PRO B 1 8  ? 0.745   -15.589 14.561  1.00 25.90 ? 30  PRO B C   1 
ATOM   753  O  O   . PRO B 1 8  ? 1.739   -16.317 14.517  1.00 27.74 ? 30  PRO B O   1 
ATOM   754  C  CB  . PRO B 1 8  ? 1.286   -13.613 13.159  1.00 24.30 ? 30  PRO B CB  1 
ATOM   755  C  CG  . PRO B 1 8  ? 1.902   -12.273 13.430  1.00 23.28 ? 30  PRO B CG  1 
ATOM   756  C  CD  . PRO B 1 8  ? 2.733   -12.539 14.664  1.00 24.15 ? 30  PRO B CD  1 
ATOM   757  N  N   . LYS B 1 9  ? -0.517  -16.018 14.603  1.00 27.21 ? 31  LYS B N   1 
ATOM   758  C  CA  . LYS B 1 9  ? -0.957  -17.356 14.232  1.00 28.86 ? 31  LYS B CA  1 
ATOM   759  C  C   . LYS B 1 9  ? -0.310  -17.810 12.946  1.00 33.24 ? 31  LYS B C   1 
ATOM   760  O  O   . LYS B 1 9  ? 0.485   -17.063 12.364  1.00 36.18 ? 31  LYS B O   1 
ATOM   761  C  CB  . LYS B 1 9  ? -2.453  -17.361 14.076  1.00 26.35 ? 31  LYS B CB  1 
ATOM   762  C  CG  . LYS B 1 9  ? -3.118  -17.364 15.429  1.00 24.48 ? 31  LYS B CG  1 
ATOM   763  C  CD  . LYS B 1 9  ? -4.613  -17.536 15.260  1.00 25.05 ? 31  LYS B CD  1 
ATOM   764  C  CE  . LYS B 1 9  ? -5.300  -17.788 16.604  1.00 24.89 ? 31  LYS B CE  1 
ATOM   765  N  NZ  . LYS B 1 9  ? -6.765  -17.792 16.425  1.00 22.98 ? 31  LYS B NZ  1 
ATOM   766  N  N   . PRO B 1 10 ? -0.579  -19.050 12.507  1.00 35.54 ? 32  PRO B N   1 
ATOM   767  C  CA  . PRO B 1 10 ? 0.154   -19.299 11.238  1.00 34.96 ? 32  PRO B CA  1 
ATOM   768  C  C   . PRO B 1 10 ? -0.544  -18.839 9.944   1.00 33.76 ? 32  PRO B C   1 
ATOM   769  O  O   . PRO B 1 10 ? 0.133   -18.636 8.923   1.00 35.50 ? 32  PRO B O   1 
ATOM   770  C  CB  . PRO B 1 10 ? 0.422   -20.812 11.275  1.00 32.67 ? 32  PRO B CB  1 
ATOM   771  C  CG  . PRO B 1 10 ? 0.487   -21.083 12.772  1.00 33.10 ? 32  PRO B CG  1 
ATOM   772  C  CD  . PRO B 1 10 ? -0.660  -20.276 13.319  1.00 34.37 ? 32  PRO B CD  1 
ATOM   773  N  N   . GLU B 1 11 ? -1.862  -18.663 9.977   1.00 31.31 ? 33  GLU B N   1 
ATOM   774  C  CA  . GLU B 1 11 ? -2.543  -18.169 8.795   1.00 29.14 ? 33  GLU B CA  1 
ATOM   775  C  C   . GLU B 1 11 ? -2.334  -16.656 8.646   1.00 29.20 ? 33  GLU B C   1 
ATOM   776  O  O   . GLU B 1 11 ? -2.300  -16.126 7.532   1.00 29.09 ? 33  GLU B O   1 
ATOM   777  C  CB  . GLU B 1 11 ? -4.022  -18.574 8.756   1.00 31.12 ? 33  GLU B CB  1 
ATOM   778  C  CG  . GLU B 1 11 ? -4.278  -20.085 8.609   1.00 35.15 ? 33  GLU B CG  1 
ATOM   779  C  CD  . GLU B 1 11 ? -3.516  -20.742 7.443   1.00 37.39 ? 33  GLU B CD  1 
ATOM   780  O  OE1 . GLU B 1 11 ? -3.892  -20.459 6.274   1.00 37.80 ? 33  GLU B OE1 1 
ATOM   781  O  OE2 . GLU B 1 11 ? -2.544  -21.539 7.688   1.00 34.90 ? 33  GLU B OE2 1 
ATOM   782  N  N   . LEU B 1 12 ? -2.151  -15.938 9.750   1.00 27.67 ? 34  LEU B N   1 
ATOM   783  C  CA  . LEU B 1 12 ? -1.913  -14.502 9.627   1.00 23.71 ? 34  LEU B CA  1 
ATOM   784  C  C   . LEU B 1 12 ? -0.463  -14.307 9.259   1.00 24.24 ? 34  LEU B C   1 
ATOM   785  O  O   . LEU B 1 12 ? -0.120  -13.322 8.604   1.00 23.37 ? 34  LEU B O   1 
ATOM   786  C  CB  . LEU B 1 12 ? -2.309  -13.739 10.892  1.00 20.75 ? 34  LEU B CB  1 
ATOM   787  C  CG  . LEU B 1 12 ? -1.989  -12.252 11.005  1.00 19.82 ? 34  LEU B CG  1 
ATOM   788  C  CD1 . LEU B 1 12 ? -2.718  -11.364 10.024  1.00 19.16 ? 34  LEU B CD1 1 
ATOM   789  C  CD2 . LEU B 1 12 ? -2.254  -11.766 12.392  1.00 20.14 ? 34  LEU B CD2 1 
ATOM   790  N  N   . LEU B 1 13 ? 0.393   -15.256 9.626   1.00 24.40 ? 35  LEU B N   1 
ATOM   791  C  CA  . LEU B 1 13 ? 1.777   -15.146 9.179   1.00 25.14 ? 35  LEU B CA  1 
ATOM   792  C  C   . LEU B 1 13 ? 1.918   -15.464 7.674   1.00 26.39 ? 35  LEU B C   1 
ATOM   793  O  O   . LEU B 1 13 ? 2.740   -14.856 7.007   1.00 26.43 ? 35  LEU B O   1 
ATOM   794  C  CB  . LEU B 1 13 ? 2.719   -15.987 10.030  1.00 25.25 ? 35  LEU B CB  1 
ATOM   795  C  CG  . LEU B 1 13 ? 4.216   -15.805 9.741   1.00 25.27 ? 35  LEU B CG  1 
ATOM   796  C  CD1 . LEU B 1 13 ? 4.698   -14.409 10.109  1.00 25.08 ? 35  LEU B CD1 1 
ATOM   797  C  CD2 . LEU B 1 13 ? 5.064   -16.877 10.431  1.00 24.26 ? 35  LEU B CD2 1 
ATOM   798  N  N   . LYS B 1 14 ? 1.099   -16.381 7.143   1.00 27.18 ? 36  LYS B N   1 
ATOM   799  C  CA  . LYS B 1 14 ? 1.043   -16.657 5.705   1.00 27.15 ? 36  LYS B CA  1 
ATOM   800  C  C   . LYS B 1 14 ? 0.743   -15.361 4.933   1.00 23.90 ? 36  LYS B C   1 
ATOM   801  O  O   . LYS B 1 14 ? 1.442   -14.950 3.999   1.00 23.08 ? 36  LYS B O   1 
ATOM   802  C  CB  . LYS B 1 14 ? -0.034  -17.717 5.431   1.00 33.24 ? 36  LYS B CB  1 
ATOM   803  C  CG  . LYS B 1 14 ? 0.168   -18.474 4.118   1.00 43.29 ? 36  LYS B CG  1 
ATOM   804  C  CD  . LYS B 1 14 ? -0.567  -19.811 4.002   1.00 50.08 ? 36  LYS B CD  1 
ATOM   805  C  CE  . LYS B 1 14 ? 0.153   -20.602 2.897   1.00 55.14 ? 36  LYS B CE  1 
ATOM   806  N  NZ  . LYS B 1 14 ? -0.054  -22.075 2.965   1.00 58.77 ? 36  LYS B NZ  1 
ATOM   807  N  N   . LEU B 1 15 ? -0.304  -14.699 5.376   1.00 22.53 ? 37  LEU B N   1 
ATOM   808  C  CA  . LEU B 1 15 ? -0.765  -13.486 4.754   1.00 19.30 ? 37  LEU B CA  1 
ATOM   809  C  C   . LEU B 1 15 ? 0.304   -12.360 4.858   1.00 18.76 ? 37  LEU B C   1 
ATOM   810  O  O   . LEU B 1 15 ? 0.627   -11.725 3.861   1.00 17.78 ? 37  LEU B O   1 
ATOM   811  C  CB  . LEU B 1 15 ? -2.127  -13.137 5.347   1.00 17.18 ? 37  LEU B CB  1 
ATOM   812  C  CG  . LEU B 1 15 ? -2.809  -11.858 4.892   1.00 16.34 ? 37  LEU B CG  1 
ATOM   813  C  CD1 . LEU B 1 15 ? -4.237  -11.833 5.405   1.00 15.59 ? 37  LEU B CD1 1 
ATOM   814  C  CD2 . LEU B 1 15 ? -2.019  -10.620 5.313   1.00 15.65 ? 37  LEU B CD2 1 
ATOM   815  N  N   . LEU B 1 16 ? 0.890   -12.154 6.034   1.00 19.13 ? 38  LEU B N   1 
ATOM   816  C  CA  . LEU B 1 16 ? 1.944   -11.145 6.188   1.00 19.94 ? 38  LEU B CA  1 
ATOM   817  C  C   . LEU B 1 16 ? 3.133   -11.367 5.213   1.00 21.79 ? 38  LEU B C   1 
ATOM   818  O  O   . LEU B 1 16 ? 3.570   -10.446 4.520   1.00 20.44 ? 38  LEU B O   1 
ATOM   819  C  CB  . LEU B 1 16 ? 2.424   -11.081 7.643   1.00 18.76 ? 38  LEU B CB  1 
ATOM   820  C  CG  . LEU B 1 16 ? 1.455   -10.618 8.732   1.00 17.77 ? 38  LEU B CG  1 
ATOM   821  C  CD1 . LEU B 1 16 ? 2.177   -10.477 10.044  1.00 16.57 ? 38  LEU B CD1 1 
ATOM   822  C  CD2 . LEU B 1 16 ? 0.736   -9.294  8.433   1.00 18.02 ? 38  LEU B CD2 1 
ATOM   823  N  N   . LYS B 1 17 ? 3.627   -12.604 5.160   1.00 24.40 ? 39  LYS B N   1 
ATOM   824  C  CA  . LYS B 1 17 ? 4.722   -13.006 4.249   1.00 26.37 ? 39  LYS B CA  1 
ATOM   825  C  C   . LYS B 1 17 ? 4.374   -12.888 2.782   1.00 24.54 ? 39  LYS B C   1 
ATOM   826  O  O   . LYS B 1 17 ? 5.219   -12.403 2.008   1.00 23.76 ? 39  LYS B O   1 
ATOM   827  C  CB  . LYS B 1 17 ? 5.239   -14.411 4.562   1.00 28.94 ? 39  LYS B CB  1 
ATOM   828  C  CG  . LYS B 1 17 ? 6.187   -14.382 5.754   1.00 32.55 ? 39  LYS B CG  1 
ATOM   829  C  CD  . LYS B 1 17 ? 6.570   -15.773 6.209   1.00 38.21 ? 39  LYS B CD  1 
ATOM   830  C  CE  . LYS B 1 17 ? 7.518   -15.651 7.387   1.00 40.92 ? 39  LYS B CE  1 
ATOM   831  N  NZ  . LYS B 1 17 ? 8.243   -16.918 7.614   1.00 42.52 ? 39  LYS B NZ  1 
ATOM   832  N  N   . SER B 1 18 ? 3.148   -13.290 2.414   1.00 21.01 ? 40  SER B N   1 
ATOM   833  C  CA  . SER B 1 18 ? 2.660   -13.042 1.053   1.00 19.95 ? 40  SER B CA  1 
ATOM   834  C  C   . SER B 1 18 ? 2.800   -11.542 0.583   1.00 19.60 ? 40  SER B C   1 
ATOM   835  O  O   . SER B 1 18 ? 2.489   -11.199 -0.554  1.00 19.66 ? 40  SER B O   1 
ATOM   836  C  CB  . SER B 1 18 ? 1.218   -13.568 0.868   1.00 19.30 ? 40  SER B CB  1 
ATOM   837  O  OG  . SER B 1 18 ? 0.287   -12.502 0.624   1.00 18.48 ? 40  SER B OG  1 
ATOM   838  N  N   . VAL B 1 19 ? 3.236   -10.657 1.463   1.00 19.30 ? 41  VAL B N   1 
ATOM   839  C  CA  . VAL B 1 19 ? 3.442   -9.262  1.096   1.00 19.75 ? 41  VAL B CA  1 
ATOM   840  C  C   . VAL B 1 19 ? 4.822   -8.862  1.590   1.00 21.36 ? 41  VAL B C   1 
ATOM   841  O  O   . VAL B 1 19 ? 5.048   -7.707  1.971   1.00 20.23 ? 41  VAL B O   1 
ATOM   842  C  CB  . VAL B 1 19 ? 2.350   -8.265  1.618   1.00 18.78 ? 41  VAL B CB  1 
ATOM   843  C  CG1 . VAL B 1 19 ? 1.106   -8.317  0.757   1.00 17.61 ? 41  VAL B CG1 1 
ATOM   844  C  CG2 . VAL B 1 19 ? 2.000   -8.496  3.081   1.00 18.31 ? 41  VAL B CG2 1 
ATOM   845  N  N   . GLY B 1 20 ? 5.734   -9.839  1.588   1.00 22.65 ? 42  GLY B N   1 
ATOM   846  C  CA  . GLY B 1 20 ? 7.139   -9.566  1.854   1.00 25.68 ? 42  GLY B CA  1 
ATOM   847  C  C   . GLY B 1 20 ? 7.448   -9.198  3.296   1.00 29.95 ? 42  GLY B C   1 
ATOM   848  O  O   . GLY B 1 20 ? 8.166   -8.218  3.595   1.00 32.21 ? 42  GLY B O   1 
ATOM   849  N  N   . ALA B 1 21 ? 6.886   -9.974  4.210   1.00 30.51 ? 43  ALA B N   1 
ATOM   850  C  CA  . ALA B 1 21 ? 7.301   -9.862  5.578   1.00 31.80 ? 43  ALA B CA  1 
ATOM   851  C  C   . ALA B 1 21 ? 8.184   -11.081 5.798   1.00 33.95 ? 43  ALA B C   1 
ATOM   852  O  O   . ALA B 1 21 ? 7.967   -12.136 5.170   1.00 30.86 ? 43  ALA B O   1 
ATOM   853  C  CB  . ALA B 1 21 ? 6.111   -9.832  6.521   1.00 28.01 ? 43  ALA B CB  1 
ATOM   854  N  N   . GLN B 1 22 ? 9.162   -10.917 6.698   1.00 35.68 ? 44  GLN B N   1 
ATOM   855  C  CA  . GLN B 1 22 ? 10.267  -11.852 6.895   1.00 35.13 ? 44  GLN B CA  1 
ATOM   856  C  C   . GLN B 1 22 ? 10.140  -12.669 8.172   1.00 35.86 ? 44  GLN B C   1 
ATOM   857  O  O   . GLN B 1 22 ? 10.124  -13.917 8.130   1.00 35.78 ? 44  GLN B O   1 
ATOM   858  C  CB  . GLN B 1 22 ? 11.538  -11.022 6.947   1.00 37.90 ? 44  GLN B CB  1 
ATOM   859  C  CG  . GLN B 1 22 ? 11.740  -10.126 5.707   1.00 39.38 ? 44  GLN B CG  1 
ATOM   860  C  CD  . GLN B 1 22 ? 12.385  -10.871 4.522   1.00 38.56 ? 44  GLN B CD  1 
ATOM   861  O  OE1 . GLN B 1 22 ? 12.022  -12.021 4.200   1.00 37.55 ? 44  GLN B OE1 1 
ATOM   862  N  NE2 . GLN B 1 22 ? 13.364  -10.225 3.885   1.00 35.14 ? 44  GLN B NE2 1 
ATOM   863  N  N   . LYS B 1 23 ? 10.014  -11.931 9.284   1.00 33.79 ? 45  LYS B N   1 
ATOM   864  C  CA  . LYS B 1 23 ? 10.039  -12.419 10.661  1.00 32.09 ? 45  LYS B CA  1 
ATOM   865  C  C   . LYS B 1 23 ? 8.831   -13.250 11.030  1.00 32.10 ? 45  LYS B C   1 
ATOM   866  O  O   . LYS B 1 23 ? 7.870   -13.321 10.264  1.00 30.13 ? 45  LYS B O   1 
ATOM   867  C  CB  . LYS B 1 23 ? 10.029  -11.216 11.593  1.00 33.28 ? 45  LYS B CB  1 
ATOM   868  C  CG  . LYS B 1 23 ? 10.989  -10.098 11.226  1.00 33.31 ? 45  LYS B CG  1 
ATOM   869  C  CD  . LYS B 1 23 ? 10.853  -8.950  12.213  1.00 33.18 ? 45  LYS B CD  1 
ATOM   870  C  CE  . LYS B 1 23 ? 10.173  -7.731  11.623  1.00 32.75 ? 45  LYS B CE  1 
ATOM   871  N  NZ  . LYS B 1 23 ? 9.557   -6.918  12.707  1.00 34.90 ? 45  LYS B NZ  1 
ATOM   872  N  N   . ASP B 1 24 ? 8.850   -13.856 12.219  1.00 32.97 ? 46  ASP B N   1 
ATOM   873  C  CA  . ASP B 1 24 ? 7.557   -14.243 12.810  1.00 34.52 ? 46  ASP B CA  1 
ATOM   874  C  C   . ASP B 1 24 ? 7.040   -13.523 14.073  1.00 33.21 ? 46  ASP B C   1 
ATOM   875  O  O   . ASP B 1 24 ? 6.082   -13.970 14.680  1.00 35.33 ? 46  ASP B O   1 
ATOM   876  C  CB  . ASP B 1 24 ? 7.273   -15.760 12.858  1.00 34.93 ? 46  ASP B CB  1 
ATOM   877  C  CG  . ASP B 1 24 ? 8.483   -16.584 13.080  1.00 35.52 ? 46  ASP B CG  1 
ATOM   878  O  OD1 . ASP B 1 24 ? 9.333   -16.214 13.914  1.00 35.98 ? 46  ASP B OD1 1 
ATOM   879  O  OD2 . ASP B 1 24 ? 8.568   -17.637 12.418  1.00 38.11 ? 46  ASP B OD2 1 
ATOM   880  N  N   . THR B 1 25 ? 7.614   -12.386 14.423  1.00 30.66 ? 47  THR B N   1 
ATOM   881  C  CA  . THR B 1 25 ? 6.996   -11.522 15.436  1.00 30.33 ? 47  THR B CA  1 
ATOM   882  C  C   . THR B 1 25 ? 7.054   -10.052 14.982  1.00 30.31 ? 47  THR B C   1 
ATOM   883  O  O   . THR B 1 25 ? 8.034   -9.630  14.326  1.00 31.39 ? 47  THR B O   1 
ATOM   884  C  CB  . THR B 1 25 ? 7.686   -11.652 16.810  1.00 29.92 ? 47  THR B CB  1 
ATOM   885  O  OG1 . THR B 1 25 ? 9.066   -11.274 16.702  1.00 30.07 ? 47  THR B OG1 1 
ATOM   886  C  CG2 . THR B 1 25 ? 7.588   -13.068 17.325  1.00 28.75 ? 47  THR B CG2 1 
ATOM   887  N  N   . TYR B 1 26 ? 6.040   -9.262  15.323  1.00 26.61 ? 48  TYR B N   1 
ATOM   888  C  CA  . TYR B 1 26 ? 5.992   -7.929  14.752  1.00 27.52 ? 48  TYR B CA  1 
ATOM   889  C  C   . TYR B 1 26 ? 5.411   -6.929  15.715  1.00 29.12 ? 48  TYR B C   1 
ATOM   890  O  O   . TYR B 1 26 ? 4.691   -7.351  16.607  1.00 29.47 ? 48  TYR B O   1 
ATOM   891  C  CB  . TYR B 1 26 ? 5.119   -7.911  13.508  1.00 25.47 ? 48  TYR B CB  1 
ATOM   892  C  CG  . TYR B 1 26 ? 5.504   -8.866  12.408  1.00 23.87 ? 48  TYR B CG  1 
ATOM   893  C  CD1 . TYR B 1 26 ? 5.185   -10.210 12.501  1.00 22.66 ? 48  TYR B CD1 1 
ATOM   894  C  CD2 . TYR B 1 26 ? 6.155   -8.403  11.231  1.00 23.72 ? 48  TYR B CD2 1 
ATOM   895  C  CE1 . TYR B 1 26 ? 5.496   -11.080 11.472  1.00 22.81 ? 48  TYR B CE1 1 
ATOM   896  C  CE2 . TYR B 1 26 ? 6.485   -9.272  10.203  1.00 21.60 ? 48  TYR B CE2 1 
ATOM   897  C  CZ  . TYR B 1 26 ? 6.143   -10.600 10.339  1.00 22.29 ? 48  TYR B CZ  1 
ATOM   898  O  OH  . TYR B 1 26 ? 6.435   -11.475 9.360   1.00 22.75 ? 48  TYR B OH  1 
ATOM   899  N  N   . THR B 1 27 ? 5.715   -5.625  15.524  1.00 28.20 ? 49  THR B N   1 
ATOM   900  C  CA  . THR B 1 27 ? 4.996   -4.569  16.209  1.00 28.20 ? 49  THR B CA  1 
ATOM   901  C  C   . THR B 1 27 ? 3.657   -4.401  15.475  1.00 30.16 ? 49  THR B C   1 
ATOM   902  O  O   . THR B 1 27 ? 3.558   -4.689  14.271  1.00 29.61 ? 49  THR B O   1 
ATOM   903  C  CB  . THR B 1 27 ? 5.782   -3.223  16.327  1.00 29.36 ? 49  THR B CB  1 
ATOM   904  O  OG1 . THR B 1 27 ? 5.504   -2.351  15.231  1.00 29.90 ? 49  THR B OG1 1 
ATOM   905  C  CG2 . THR B 1 27 ? 7.276   -3.429  16.409  1.00 31.09 ? 49  THR B CG2 1 
ATOM   906  N  N   . MET B 1 28 ? 2.628   -3.958  16.205  1.00 31.00 ? 50  MET B N   1 
ATOM   907  C  CA  . MET B 1 28 ? 1.335   -3.639  15.628  1.00 30.38 ? 50  MET B CA  1 
ATOM   908  C  C   . MET B 1 28 ? 1.514   -2.730  14.446  1.00 30.43 ? 50  MET B C   1 
ATOM   909  O  O   . MET B 1 28 ? 1.138   -3.061  13.334  1.00 28.70 ? 50  MET B O   1 
ATOM   910  C  CB  . MET B 1 28 ? 0.450   -2.954  16.645  1.00 31.04 ? 50  MET B CB  1 
ATOM   911  C  CG  . MET B 1 28 ? -0.377  -3.929  17.462  1.00 34.92 ? 50  MET B CG  1 
ATOM   912  S  SD  . MET B 1 28 ? -1.232  -5.254  16.569  1.00 34.61 ? 50  MET B SD  1 
ATOM   913  C  CE  . MET B 1 28 ? -1.617  -4.422  15.041  1.00 33.86 ? 50  MET B CE  1 
ATOM   914  N  N   . LYS B 1 29 ? 2.101   -1.572  14.710  1.00 33.90 ? 51  LYS B N   1 
ATOM   915  C  CA  . LYS B 1 29 ? 2.531   -0.673  13.666  1.00 35.75 ? 51  LYS B CA  1 
ATOM   916  C  C   . LYS B 1 29 ? 2.891   -1.477  12.388  1.00 34.44 ? 51  LYS B C   1 
ATOM   917  O  O   . LYS B 1 29 ? 2.323   -1.218  11.305  1.00 32.44 ? 51  LYS B O   1 
ATOM   918  C  CB  . LYS B 1 29 ? 3.741   0.114   14.168  1.00 39.59 ? 51  LYS B CB  1 
ATOM   919  C  CG  . LYS B 1 29 ? 3.776   1.573   13.739  1.00 43.03 ? 51  LYS B CG  1 
ATOM   920  C  CD  . LYS B 1 29 ? 5.137   2.195   14.041  1.00 46.96 ? 51  LYS B CD  1 
ATOM   921  C  CE  . LYS B 1 29 ? 6.248   1.601   13.174  1.00 46.29 ? 51  LYS B CE  1 
ATOM   922  N  NZ  . LYS B 1 29 ? 6.368   2.363   11.905  1.00 43.02 ? 51  LYS B NZ  1 
ATOM   923  N  N   . GLU B 1 30 ? 3.772   -2.469  12.543  1.00 29.41 ? 52  GLU B N   1 
ATOM   924  C  CA  . GLU B 1 30 ? 4.187   -3.307  11.431  1.00 29.63 ? 52  GLU B CA  1 
ATOM   925  C  C   . GLU B 1 30 ? 3.070   -4.220  10.854  1.00 27.47 ? 52  GLU B C   1 
ATOM   926  O  O   . GLU B 1 30 ? 2.981   -4.366  9.623   1.00 27.17 ? 52  GLU B O   1 
ATOM   927  C  CB  . GLU B 1 30 ? 5.479   -4.100  11.745  1.00 31.48 ? 52  GLU B CB  1 
ATOM   928  C  CG  . GLU B 1 30 ? 6.783   -3.289  11.803  1.00 34.98 ? 52  GLU B CG  1 
ATOM   929  C  CD  . GLU B 1 30 ? 7.985   -4.106  12.326  1.00 39.12 ? 52  GLU B CD  1 
ATOM   930  O  OE1 . GLU B 1 30 ? 8.042   -4.334  13.567  1.00 37.22 ? 52  GLU B OE1 1 
ATOM   931  O  OE2 . GLU B 1 30 ? 8.867   -4.519  11.503  1.00 36.55 ? 52  GLU B OE2 1 
ATOM   932  N  N   . VAL B 1 31 ? 2.212   -4.806  11.691  1.00 24.45 ? 53  VAL B N   1 
ATOM   933  C  CA  . VAL B 1 31 ? 1.131   -5.671  11.151  1.00 22.21 ? 53  VAL B CA  1 
ATOM   934  C  C   . VAL B 1 31 ? 0.095   -4.878  10.359  1.00 21.42 ? 53  VAL B C   1 
ATOM   935  O  O   . VAL B 1 31 ? -0.408  -5.375  9.367   1.00 20.72 ? 53  VAL B O   1 
ATOM   936  C  CB  . VAL B 1 31 ? 0.464   -6.601  12.209  1.00 21.40 ? 53  VAL B CB  1 
ATOM   937  C  CG1 . VAL B 1 31 ? -0.580  -7.510  11.579  1.00 19.84 ? 53  VAL B CG1 1 
ATOM   938  C  CG2 . VAL B 1 31 ? 1.512   -7.479  12.863  1.00 21.35 ? 53  VAL B CG2 1 
ATOM   939  N  N   . LEU B 1 32 ? -0.196  -3.644  10.774  1.00 21.79 ? 54  LEU B N   1 
ATOM   940  C  CA  . LEU B 1 32 ? -1.197  -2.807  10.092  1.00 22.24 ? 54  LEU B CA  1 
ATOM   941  C  C   . LEU B 1 32 ? -0.674  -2.339  8.764   1.00 22.22 ? 54  LEU B C   1 
ATOM   942  O  O   . LEU B 1 32 ? -1.442  -1.906  7.867   1.00 22.32 ? 54  LEU B O   1 
ATOM   943  C  CB  . LEU B 1 32 ? -1.494  -1.543  10.866  1.00 22.54 ? 54  LEU B CB  1 
ATOM   944  C  CG  . LEU B 1 32 ? -1.805  -1.671  12.335  1.00 25.45 ? 54  LEU B CG  1 
ATOM   945  C  CD1 . LEU B 1 32 ? -1.302  -0.403  13.041  1.00 27.07 ? 54  LEU B CD1 1 
ATOM   946  C  CD2 . LEU B 1 32 ? -3.273  -2.019  12.604  1.00 22.84 ? 54  LEU B CD2 1 
ATOM   947  N  N   . PHE B 1 33 ? 0.644   -2.358  8.675   1.00 21.12 ? 55  PHE B N   1 
ATOM   948  C  CA  . PHE B 1 33 ? 1.303   -1.868  7.527   1.00 19.84 ? 55  PHE B CA  1 
ATOM   949  C  C   . PHE B 1 33 ? 1.186   -2.920  6.415   1.00 19.68 ? 55  PHE B C   1 
ATOM   950  O  O   . PHE B 1 33 ? 0.908   -2.583  5.245   1.00 18.95 ? 55  PHE B O   1 
ATOM   951  C  CB  . PHE B 1 33 ? 2.759   -1.559  7.828   1.00 18.76 ? 55  PHE B CB  1 
ATOM   952  C  CG  . PHE B 1 33 ? 3.511   -1.296  6.603   1.00 18.36 ? 55  PHE B CG  1 
ATOM   953  C  CD1 . PHE B 1 33 ? 3.412   -0.068  6.006   1.00 16.89 ? 55  PHE B CD1 1 
ATOM   954  C  CD2 . PHE B 1 33 ? 4.189   -2.335  5.957   1.00 19.15 ? 55  PHE B CD2 1 
ATOM   955  C  CE1 . PHE B 1 33 ? 4.050   0.175   4.832   1.00 16.83 ? 55  PHE B CE1 1 
ATOM   956  C  CE2 . PHE B 1 33 ? 4.842   -2.104  4.767   1.00 19.11 ? 55  PHE B CE2 1 
ATOM   957  C  CZ  . PHE B 1 33 ? 4.766   -0.833  4.214   1.00 18.53 ? 55  PHE B CZ  1 
ATOM   958  N  N   . TYR B 1 34 ? 1.414   -4.181  6.780   1.00 19.28 ? 56  TYR B N   1 
ATOM   959  C  CA  . TYR B 1 34 ? 1.259   -5.290  5.828   1.00 18.82 ? 56  TYR B CA  1 
ATOM   960  C  C   . TYR B 1 34 ? -0.191  -5.511  5.509   1.00 17.49 ? 56  TYR B C   1 
ATOM   961  O  O   . TYR B 1 34 ? -0.563  -5.643  4.337   1.00 17.59 ? 56  TYR B O   1 
ATOM   962  C  CB  . TYR B 1 34 ? 1.947   -6.580  6.304   1.00 19.75 ? 56  TYR B CB  1 
ATOM   963  C  CG  . TYR B 1 34 ? 3.477   -6.488  6.340   1.00 21.65 ? 56  TYR B CG  1 
ATOM   964  C  CD1 . TYR B 1 34 ? 4.234   -6.573  5.155   1.00 22.82 ? 56  TYR B CD1 1 
ATOM   965  C  CD2 . TYR B 1 34 ? 4.175   -6.289  7.557   1.00 22.42 ? 56  TYR B CD2 1 
ATOM   966  C  CE1 . TYR B 1 34 ? 5.631   -6.513  5.186   1.00 24.16 ? 56  TYR B CE1 1 
ATOM   967  C  CE2 . TYR B 1 34 ? 5.577   -6.203  7.595   1.00 22.63 ? 56  TYR B CE2 1 
ATOM   968  C  CZ  . TYR B 1 34 ? 6.295   -6.321  6.410   1.00 23.84 ? 56  TYR B CZ  1 
ATOM   969  O  OH  . TYR B 1 34 ? 7.651   -6.239  6.378   1.00 22.55 ? 56  TYR B OH  1 
ATOM   970  N  N   . LEU B 1 35 ? -1.014  -5.499  6.552   1.00 17.83 ? 57  LEU B N   1 
ATOM   971  C  CA  . LEU B 1 35 ? -2.480  -5.559  6.414   1.00 17.24 ? 57  LEU B CA  1 
ATOM   972  C  C   . LEU B 1 35 ? -2.941  -4.573  5.373   1.00 16.76 ? 57  LEU B C   1 
ATOM   973  O  O   . LEU B 1 35 ? -3.678  -4.944  4.446   1.00 15.59 ? 57  LEU B O   1 
ATOM   974  C  CB  . LEU B 1 35 ? -3.157  -5.252  7.738   1.00 16.59 ? 57  LEU B CB  1 
ATOM   975  C  CG  . LEU B 1 35 ? -3.309  -6.540  8.518   1.00 16.52 ? 57  LEU B CG  1 
ATOM   976  C  CD1 . LEU B 1 35 ? -4.089  -6.188  9.767   1.00 15.77 ? 57  LEU B CD1 1 
ATOM   977  C  CD2 . LEU B 1 35 ? -3.956  -7.665  7.669   1.00 15.98 ? 57  LEU B CD2 1 
ATOM   978  N  N   . GLY B 1 36 ? -2.458  -3.333  5.531   1.00 16.52 ? 58  GLY B N   1 
ATOM   979  C  CA  . GLY B 1 36 ? -2.640  -2.274  4.537   1.00 16.35 ? 58  GLY B CA  1 
ATOM   980  C  C   . GLY B 1 36 ? -2.160  -2.698  3.158   1.00 16.28 ? 58  GLY B C   1 
ATOM   981  O  O   . GLY B 1 36 ? -2.957  -2.717  2.205   1.00 16.25 ? 58  GLY B O   1 
ATOM   982  N  N   . GLN B 1 37 ? -0.884  -3.075  3.053   1.00 15.27 ? 59  GLN B N   1 
ATOM   983  C  CA  . GLN B 1 37 ? -0.309  -3.452  1.783   1.00 14.77 ? 59  GLN B CA  1 
ATOM   984  C  C   . GLN B 1 37 ? -1.183  -4.481  1.089   1.00 14.38 ? 59  GLN B C   1 
ATOM   985  O  O   . GLN B 1 37 ? -1.441  -4.395  -0.121  1.00 14.27 ? 59  GLN B O   1 
ATOM   986  C  CB  . GLN B 1 37 ? 1.079   -4.042  1.984   1.00 15.77 ? 59  GLN B CB  1 
ATOM   987  C  CG  . GLN B 1 37 ? 1.828   -4.247  0.695   1.00 16.32 ? 59  GLN B CG  1 
ATOM   988  C  CD  . GLN B 1 37 ? 3.285   -4.566  0.897   1.00 17.87 ? 59  GLN B CD  1 
ATOM   989  O  OE1 . GLN B 1 37 ? 3.821   -4.541  2.020   1.00 20.06 ? 59  GLN B OE1 1 
ATOM   990  N  NE2 . GLN B 1 37 ? 3.954   -4.878  -0.198  1.00 18.09 ? 59  GLN B NE2 1 
ATOM   991  N  N   . TYR B 1 38 ? -1.646  -5.457  1.845   1.00 13.59 ? 60  TYR B N   1 
ATOM   992  C  CA  . TYR B 1 38 ? -2.453  -6.521  1.273   1.00 13.38 ? 60  TYR B CA  1 
ATOM   993  C  C   . TYR B 1 38 ? -3.836  -6.023  0.746   1.00 13.76 ? 60  TYR B C   1 
ATOM   994  O  O   . TYR B 1 38 ? -4.252  -6.405  -0.352  1.00 13.56 ? 60  TYR B O   1 
ATOM   995  C  CB  . TYR B 1 38 ? -2.574  -7.573  2.351   1.00 13.04 ? 60  TYR B CB  1 
ATOM   996  C  CG  . TYR B 1 38 ? -3.368  -8.781  2.039   1.00 12.95 ? 60  TYR B CG  1 
ATOM   997  C  CD1 . TYR B 1 38 ? -2.758  -9.969  1.659   1.00 12.49 ? 60  TYR B CD1 1 
ATOM   998  C  CD2 . TYR B 1 38 ? -4.747  -8.778  2.239   1.00 13.98 ? 60  TYR B CD2 1 
ATOM   999  C  CE1 . TYR B 1 38 ? -3.503  -11.099 1.418   1.00 12.81 ? 60  TYR B CE1 1 
ATOM   1000 C  CE2 . TYR B 1 38 ? -5.511  -9.913  1.993   1.00 13.93 ? 60  TYR B CE2 1 
ATOM   1001 C  CZ  . TYR B 1 38 ? -4.872  -11.056 1.582   1.00 13.56 ? 60  TYR B CZ  1 
ATOM   1002 O  OH  . TYR B 1 38 ? -5.664  -12.136 1.373   1.00 14.59 ? 60  TYR B OH  1 
ATOM   1003 N  N   . ILE B 1 39 ? -4.536  -5.172  1.509   1.00 13.20 ? 61  ILE B N   1 
ATOM   1004 C  CA  . ILE B 1 39 ? -5.821  -4.662  1.084   1.00 13.12 ? 61  ILE B CA  1 
ATOM   1005 C  C   . ILE B 1 39 ? -5.635  -3.856  -0.207  1.00 13.36 ? 61  ILE B C   1 
ATOM   1006 O  O   . ILE B 1 39 ? -6.379  -4.031  -1.161  1.00 13.36 ? 61  ILE B O   1 
ATOM   1007 C  CB  . ILE B 1 39 ? -6.458  -3.752  2.175   1.00 13.40 ? 61  ILE B CB  1 
ATOM   1008 C  CG1 . ILE B 1 39 ? -6.953  -4.544  3.398   1.00 13.08 ? 61  ILE B CG1 1 
ATOM   1009 C  CG2 . ILE B 1 39 ? -7.590  -2.864  1.627   1.00 13.22 ? 61  ILE B CG2 1 
ATOM   1010 C  CD1 . ILE B 1 39 ? -6.910  -3.702  4.677   1.00 12.22 ? 61  ILE B CD1 1 
ATOM   1011 N  N   . MET B 1 40 ? -4.652  -2.955  -0.212  1.00 13.45 ? 62  MET B N   1 
ATOM   1012 C  CA  . MET B 1 40 ? -4.318  -2.154  -1.390  1.00 13.39 ? 62  MET B CA  1 
ATOM   1013 C  C   . MET B 1 40 ? -3.984  -3.010  -2.591  1.00 13.51 ? 62  MET B C   1 
ATOM   1014 O  O   . MET B 1 40 ? -4.637  -2.881  -3.608  1.00 14.94 ? 62  MET B O   1 
ATOM   1015 C  CB  . MET B 1 40 ? -3.207  -1.142  -1.092  1.00 13.56 ? 62  MET B CB  1 
ATOM   1016 C  CG  . MET B 1 40 ? -3.641  -0.087  -0.064  1.00 14.02 ? 62  MET B CG  1 
ATOM   1017 S  SD  . MET B 1 40 ? -5.380  0.479   -0.212  1.00 13.67 ? 62  MET B SD  1 
ATOM   1018 C  CE  . MET B 1 40 ? -5.276  1.377   -1.759  1.00 14.88 ? 62  MET B CE  1 
ATOM   1019 N  N   . THR B 1 41 ? -3.020  -3.911  -2.472  1.00 12.98 ? 63  THR B N   1 
ATOM   1020 C  CA  . THR B 1 41 ? -2.552  -4.665  -3.626  1.00 13.06 ? 63  THR B CA  1 
ATOM   1021 C  C   . THR B 1 41 ? -3.507  -5.772  -4.161  1.00 13.78 ? 63  THR B C   1 
ATOM   1022 O  O   . THR B 1 41 ? -3.257  -6.383  -5.200  1.00 14.40 ? 63  THR B O   1 
ATOM   1023 C  CB  . THR B 1 41 ? -1.188  -5.298  -3.318  1.00 12.91 ? 63  THR B CB  1 
ATOM   1024 O  OG1 . THR B 1 41 ? -1.365  -6.313  -2.337  1.00 13.66 ? 63  THR B OG1 1 
ATOM   1025 C  CG2 . THR B 1 41 ? -0.223  -4.299  -2.765  1.00 12.43 ? 63  THR B CG2 1 
ATOM   1026 N  N   . LYS B 1 42 ? -4.589  -6.077  -3.463  1.00 14.58 ? 64  LYS B N   1 
ATOM   1027 C  CA  . LYS B 1 42 ? -5.586  -7.036  -3.985  1.00 14.22 ? 64  LYS B CA  1 
ATOM   1028 C  C   . LYS B 1 42 ? -6.862  -6.282  -4.216  1.00 14.77 ? 64  LYS B C   1 
ATOM   1029 O  O   . LYS B 1 42 ? -7.880  -6.894  -4.435  1.00 14.22 ? 64  LYS B O   1 
ATOM   1030 C  CB  . LYS B 1 42 ? -5.897  -8.104  -2.969  1.00 13.90 ? 64  LYS B CB  1 
ATOM   1031 C  CG  . LYS B 1 42 ? -4.676  -8.714  -2.364  1.00 13.53 ? 64  LYS B CG  1 
ATOM   1032 C  CD  . LYS B 1 42 ? -4.541  -10.083 -2.920  1.00 14.30 ? 64  LYS B CD  1 
ATOM   1033 C  CE  . LYS B 1 42 ? -5.275  -11.093 -2.081  1.00 14.95 ? 64  LYS B CE  1 
ATOM   1034 N  NZ  . LYS B 1 42 ? -4.993  -12.453 -2.638  1.00 16.25 ? 64  LYS B NZ  1 
ATOM   1035 N  N   . ARG B 1 43 ? -6.788  -4.951  -4.148  1.00 16.38 ? 65  ARG B N   1 
ATOM   1036 C  CA  . ARG B 1 43 ? -7.932  -4.053  -4.307  1.00 19.05 ? 65  ARG B CA  1 
ATOM   1037 C  C   . ARG B 1 43 ? -9.111  -4.666  -3.621  1.00 19.81 ? 65  ARG B C   1 
ATOM   1038 O  O   . ARG B 1 43 ? -10.031 -5.082  -4.280  1.00 21.16 ? 65  ARG B O   1 
ATOM   1039 C  CB  . ARG B 1 43 ? -8.280  -3.853  -5.793  1.00 21.69 ? 65  ARG B CB  1 
ATOM   1040 C  CG  . ARG B 1 43 ? -8.911  -2.515  -6.179  1.00 23.64 ? 65  ARG B CG  1 
ATOM   1041 C  CD  . ARG B 1 43 ? -9.530  -2.676  -7.541  1.00 26.70 ? 65  ARG B CD  1 
ATOM   1042 N  NE  . ARG B 1 43 ? -9.636  -1.467  -8.367  1.00 30.59 ? 65  ARG B NE  1 
ATOM   1043 C  CZ  . ARG B 1 43 ? -9.125  -1.348  -9.605  1.00 33.28 ? 65  ARG B CZ  1 
ATOM   1044 N  NH1 . ARG B 1 43 ? -9.336  -0.201  -10.255 1.00 30.96 ? 65  ARG B NH1 1 
ATOM   1045 N  NH2 . ARG B 1 43 ? -8.402  -2.357  -10.198 1.00 32.97 ? 65  ARG B NH2 1 
ATOM   1046 N  N   . LEU B 1 44 ? -9.072  -4.776  -2.298  1.00 20.46 ? 66  LEU B N   1 
ATOM   1047 C  CA  . LEU B 1 44 ? -10.205 -5.285  -1.546  1.00 20.23 ? 66  LEU B CA  1 
ATOM   1048 C  C   . LEU B 1 44 ? -11.110 -4.130  -1.077  1.00 22.92 ? 66  LEU B C   1 
ATOM   1049 O  O   . LEU B 1 44 ? -12.021 -4.350  -0.314  1.00 22.42 ? 66  LEU B O   1 
ATOM   1050 C  CB  . LEU B 1 44 ? -9.719  -6.088  -0.335  1.00 18.27 ? 66  LEU B CB  1 
ATOM   1051 C  CG  . LEU B 1 44 ? -8.977  -7.416  -0.492  1.00 17.45 ? 66  LEU B CG  1 
ATOM   1052 C  CD1 . LEU B 1 44 ? -8.565  -7.978  0.860   1.00 16.36 ? 66  LEU B CD1 1 
ATOM   1053 C  CD2 . LEU B 1 44 ? -9.785  -8.417  -1.272  1.00 15.82 ? 66  LEU B CD2 1 
ATOM   1054 N  N   . TYR B 1 45 ? -10.847 -2.895  -1.481  1.00 25.96 ? 67  TYR B N   1 
ATOM   1055 C  CA  . TYR B 1 45 ? -11.810 -1.865  -1.212  1.00 31.62 ? 67  TYR B CA  1 
ATOM   1056 C  C   . TYR B 1 45 ? -12.863 -1.765  -2.324  1.00 39.45 ? 67  TYR B C   1 
ATOM   1057 O  O   . TYR B 1 45 ? -13.143 -2.752  -3.052  1.00 39.54 ? 67  TYR B O   1 
ATOM   1058 C  CB  . TYR B 1 45 ? -11.122 -0.549  -0.990  1.00 30.96 ? 67  TYR B CB  1 
ATOM   1059 C  CG  . TYR B 1 45 ? -10.163 -0.224  -2.065  1.00 32.87 ? 67  TYR B CG  1 
ATOM   1060 C  CD1 . TYR B 1 45 ? -10.339 0.903   -2.850  1.00 34.97 ? 67  TYR B CD1 1 
ATOM   1061 C  CD2 . TYR B 1 45 ? -9.051  -1.016  -2.294  1.00 31.69 ? 67  TYR B CD2 1 
ATOM   1062 C  CE1 . TYR B 1 45 ? -9.436  1.242   -3.842  1.00 33.32 ? 67  TYR B CE1 1 
ATOM   1063 C  CE2 . TYR B 1 45 ? -8.142  -0.679  -3.281  1.00 31.03 ? 67  TYR B CE2 1 
ATOM   1064 C  CZ  . TYR B 1 45 ? -8.346  0.452   -4.055  1.00 31.45 ? 67  TYR B CZ  1 
ATOM   1065 O  OH  . TYR B 1 45 ? -7.482  0.808   -5.072  1.00 33.08 ? 67  TYR B OH  1 
ATOM   1066 N  N   . ASP B 1 46 ? -13.455 -0.574  -2.441  1.00 44.22 ? 68  ASP B N   1 
ATOM   1067 C  CA  . ASP B 1 46 ? -14.663 -0.367  -3.239  1.00 45.59 ? 68  ASP B CA  1 
ATOM   1068 C  C   . ASP B 1 46 ? -14.631 0.998   -3.925  1.00 49.58 ? 68  ASP B C   1 
ATOM   1069 O  O   . ASP B 1 46 ? -14.106 1.985   -3.361  1.00 50.01 ? 68  ASP B O   1 
ATOM   1070 C  CB  . ASP B 1 46 ? -15.865 -0.459  -2.319  1.00 49.18 ? 68  ASP B CB  1 
ATOM   1071 C  CG  . ASP B 1 46 ? -17.175 -0.369  -3.050  1.00 52.82 ? 68  ASP B CG  1 
ATOM   1072 O  OD1 . ASP B 1 46 ? -17.900 0.625   -2.787  1.00 56.83 ? 68  ASP B OD1 1 
ATOM   1073 O  OD2 . ASP B 1 46 ? -17.481 -1.289  -3.854  1.00 48.53 ? 68  ASP B OD2 1 
ATOM   1074 N  N   . GLU B 1 47 ? -15.194 1.055   -5.131  1.00 49.87 ? 69  GLU B N   1 
ATOM   1075 C  CA  . GLU B 1 47 ? -14.992 2.207   -5.997  1.00 52.36 ? 69  GLU B CA  1 
ATOM   1076 C  C   . GLU B 1 47 ? -15.924 3.388   -5.693  1.00 53.51 ? 69  GLU B C   1 
ATOM   1077 O  O   . GLU B 1 47 ? -15.525 4.530   -5.885  1.00 56.75 ? 69  GLU B O   1 
ATOM   1078 C  CB  . GLU B 1 47 ? -14.932 1.817   -7.500  1.00 51.56 ? 69  GLU B CB  1 
ATOM   1079 C  CG  . GLU B 1 47 ? -14.147 2.780   -8.410  1.00 52.49 ? 69  GLU B CG  1 
ATOM   1080 C  CD  . GLU B 1 47 ? -12.659 2.941   -8.042  1.00 53.69 ? 69  GLU B CD  1 
ATOM   1081 O  OE1 . GLU B 1 47 ? -12.139 2.134   -7.243  1.00 52.73 ? 69  GLU B OE1 1 
ATOM   1082 O  OE2 . GLU B 1 47 ? -11.992 3.874   -8.556  1.00 50.48 ? 69  GLU B OE2 1 
ATOM   1083 N  N   . LYS B 1 48 ? -17.138 3.151   -5.209  1.00 52.78 ? 70  LYS B N   1 
ATOM   1084 C  CA  . LYS B 1 48 ? -17.899 4.300   -4.696  1.00 58.80 ? 70  LYS B CA  1 
ATOM   1085 C  C   . LYS B 1 48 ? -17.360 4.766   -3.320  1.00 60.53 ? 70  LYS B C   1 
ATOM   1086 O  O   . LYS B 1 48 ? -16.842 5.894   -3.216  1.00 53.52 ? 70  LYS B O   1 
ATOM   1087 C  CB  . LYS B 1 48 ? -19.444 4.123   -4.748  1.00 63.32 ? 70  LYS B CB  1 
ATOM   1088 C  CG  . LYS B 1 48 ? -19.995 2.746   -4.353  1.00 70.19 ? 70  LYS B CG  1 
ATOM   1089 C  CD  . LYS B 1 48 ? -20.913 2.172   -5.428  1.00 69.68 ? 70  LYS B CD  1 
ATOM   1090 C  CE  . LYS B 1 48 ? -20.911 0.638   -5.440  1.00 73.94 ? 70  LYS B CE  1 
ATOM   1091 N  NZ  . LYS B 1 48 ? -21.433 -0.010  -6.691  1.00 68.22 ? 70  LYS B NZ  1 
ATOM   1092 N  N   . GLN B 1 49 ? -17.442 3.887   -2.302  1.00 62.93 ? 71  GLN B N   1 
ATOM   1093 C  CA  . GLN B 1 49 ? -17.088 4.223   -0.882  1.00 60.01 ? 71  GLN B CA  1 
ATOM   1094 C  C   . GLN B 1 49 ? -15.820 3.531   -0.290  1.00 56.44 ? 71  GLN B C   1 
ATOM   1095 O  O   . GLN B 1 49 ? -15.858 2.449   0.354   1.00 53.70 ? 71  GLN B O   1 
ATOM   1096 C  CB  . GLN B 1 49 ? -18.315 4.111   0.043   1.00 57.90 ? 71  GLN B CB  1 
ATOM   1097 C  CG  . GLN B 1 49 ? -19.138 2.845   -0.167  1.00 57.90 ? 71  GLN B CG  1 
ATOM   1098 C  CD  . GLN B 1 49 ? -20.329 2.740   0.777   1.00 57.53 ? 71  GLN B CD  1 
ATOM   1099 O  OE1 . GLN B 1 49 ? -20.939 3.745   1.145   1.00 58.20 ? 71  GLN B OE1 1 
ATOM   1100 N  NE2 . GLN B 1 49 ? -20.665 1.518   1.171   1.00 51.38 ? 71  GLN B NE2 1 
ATOM   1101 N  N   . GLN B 1 50 ? -14.713 4.246   -0.489  1.00 52.55 ? 72  GLN B N   1 
ATOM   1102 C  CA  . GLN B 1 50 ? -13.351 3.753   -0.369  1.00 56.20 ? 72  GLN B CA  1 
ATOM   1103 C  C   . GLN B 1 50 ? -12.710 3.881   1.032   1.00 59.55 ? 72  GLN B C   1 
ATOM   1104 O  O   . GLN B 1 50 ? -11.482 4.034   1.191   1.00 62.21 ? 72  GLN B O   1 
ATOM   1105 C  CB  . GLN B 1 50 ? -12.487 4.446   -1.421  1.00 56.41 ? 72  GLN B CB  1 
ATOM   1106 C  CG  . GLN B 1 50 ? -13.073 4.380   -2.813  1.00 56.17 ? 72  GLN B CG  1 
ATOM   1107 C  CD  . GLN B 1 50 ? -12.041 4.626   -3.888  1.00 61.47 ? 72  GLN B CD  1 
ATOM   1108 O  OE1 . GLN B 1 50 ? -11.208 5.537   -3.790  1.00 55.58 ? 72  GLN B OE1 1 
ATOM   1109 N  NE2 . GLN B 1 50 ? -12.093 3.810   -4.945  1.00 63.55 ? 72  GLN B NE2 1 
ATOM   1110 N  N   . HIS B 1 51 ? -13.566 3.811   2.043   1.00 58.54 ? 73  HIS B N   1 
ATOM   1111 C  CA  . HIS B 1 51 ? -13.161 3.666   3.438   1.00 50.67 ? 73  HIS B CA  1 
ATOM   1112 C  C   . HIS B 1 51 ? -13.615 2.272   3.885   1.00 48.82 ? 73  HIS B C   1 
ATOM   1113 O  O   . HIS B 1 51 ? -12.913 1.627   4.641   1.00 50.12 ? 73  HIS B O   1 
ATOM   1114 C  CB  . HIS B 1 51 ? -13.728 4.829   4.306   1.00 47.68 ? 73  HIS B CB  1 
ATOM   1115 C  CG  . HIS B 1 51 ? -15.265 4.907   4.319   1.00 48.11 ? 73  HIS B CG  1 
ATOM   1116 N  ND1 . HIS B 1 51 ? -15.993 5.411   3.282   1.00 44.78 ? 73  HIS B ND1 1 
ATOM   1117 C  CD2 . HIS B 1 51 ? -16.201 4.489   5.283   1.00 48.56 ? 73  HIS B CD2 1 
ATOM   1118 C  CE1 . HIS B 1 51 ? -17.317 5.308   3.565   1.00 45.51 ? 73  HIS B CE1 1 
ATOM   1119 N  NE2 . HIS B 1 51 ? -17.445 4.752   4.790   1.00 44.88 ? 73  HIS B NE2 1 
ATOM   1120 N  N   . ILE B 1 52 ? -14.767 1.780   3.400   1.00 45.16 ? 74  ILE B N   1 
ATOM   1121 C  CA  . ILE B 1 52 ? -15.230 0.416   3.703   1.00 40.70 ? 74  ILE B CA  1 
ATOM   1122 C  C   . ILE B 1 52 ? -14.389 -0.571  2.920   1.00 36.86 ? 74  ILE B C   1 
ATOM   1123 O  O   . ILE B 1 52 ? -14.072 -0.303  1.740   1.00 37.57 ? 74  ILE B O   1 
ATOM   1124 C  CB  . ILE B 1 52 ? -16.661 0.125   3.207   1.00 45.07 ? 74  ILE B CB  1 
ATOM   1125 C  CG1 . ILE B 1 52 ? -17.583 1.379   3.297   1.00 49.56 ? 74  ILE B CG1 1 
ATOM   1126 C  CG2 . ILE B 1 52 ? -17.209 -1.160  3.866   1.00 41.19 ? 74  ILE B CG2 1 
ATOM   1127 C  CD1 . ILE B 1 52 ? -18.342 1.585   4.608   1.00 46.13 ? 74  ILE B CD1 1 
ATOM   1128 N  N   . VAL B 1 53 ? -14.095 -1.711  3.568   1.00 29.55 ? 75  VAL B N   1 
ATOM   1129 C  CA  . VAL B 1 53 ? -13.252 -2.787  3.043   1.00 23.92 ? 75  VAL B CA  1 
ATOM   1130 C  C   . VAL B 1 53 ? -14.060 -4.060  2.926   1.00 21.70 ? 75  VAL B C   1 
ATOM   1131 O  O   . VAL B 1 53 ? -14.613 -4.519  3.898   1.00 20.92 ? 75  VAL B O   1 
ATOM   1132 C  CB  . VAL B 1 53 ? -12.027 -3.043  3.970   1.00 24.51 ? 75  VAL B CB  1 
ATOM   1133 C  CG1 . VAL B 1 53 ? -11.450 -4.466  3.799   1.00 22.27 ? 75  VAL B CG1 1 
ATOM   1134 C  CG2 . VAL B 1 53 ? -10.962 -1.951  3.770   1.00 23.87 ? 75  VAL B CG2 1 
ATOM   1135 N  N   . TYR B 1 54 ? -14.135 -4.611  1.719   1.00 20.55 ? 76  TYR B N   1 
ATOM   1136 C  CA  . TYR B 1 54 ? -14.810 -5.888  1.422   1.00 19.57 ? 76  TYR B CA  1 
ATOM   1137 C  C   . TYR B 1 54 ? -13.749 -6.942  1.311   1.00 19.96 ? 76  TYR B C   1 
ATOM   1138 O  O   . TYR B 1 54 ? -12.917 -6.891  0.408   1.00 19.69 ? 76  TYR B O   1 
ATOM   1139 C  CB  . TYR B 1 54 ? -15.682 -5.834  0.128   1.00 19.03 ? 76  TYR B CB  1 
ATOM   1140 C  CG  . TYR B 1 54 ? -16.803 -4.842  0.257   1.00 18.93 ? 76  TYR B CG  1 
ATOM   1141 C  CD1 . TYR B 1 54 ? -18.047 -5.203  0.814   1.00 19.85 ? 76  TYR B CD1 1 
ATOM   1142 C  CD2 . TYR B 1 54 ? -16.587 -3.511  -0.058  1.00 19.98 ? 76  TYR B CD2 1 
ATOM   1143 C  CE1 . TYR B 1 54 ? -19.046 -4.249  1.025   1.00 20.64 ? 76  TYR B CE1 1 
ATOM   1144 C  CE2 . TYR B 1 54 ? -17.569 -2.548  0.134   1.00 21.59 ? 76  TYR B CE2 1 
ATOM   1145 C  CZ  . TYR B 1 54 ? -18.794 -2.911  0.663   1.00 21.93 ? 76  TYR B CZ  1 
ATOM   1146 O  OH  . TYR B 1 54 ? -19.709 -1.888  0.834   1.00 22.56 ? 76  TYR B OH  1 
ATOM   1147 N  N   . CYS B 1 55 ? -13.780 -7.894  2.247   1.00 20.27 ? 77  CYS B N   1 
ATOM   1148 C  CA  . CYS B 1 55 ? -12.746 -8.940  2.378   1.00 18.74 ? 77  CYS B CA  1 
ATOM   1149 C  C   . CYS B 1 55 ? -13.360 -10.342 2.329   1.00 17.85 ? 77  CYS B C   1 
ATOM   1150 O  O   . CYS B 1 55 ? -12.793 -11.311 2.767   1.00 17.51 ? 77  CYS B O   1 
ATOM   1151 C  CB  . CYS B 1 55 ? -11.920 -8.690  3.656   1.00 19.61 ? 77  CYS B CB  1 
ATOM   1152 S  SG  . CYS B 1 55 ? -12.823 -8.433  5.261   1.00 23.06 ? 77  CYS B SG  1 
ATOM   1153 N  N   . SER B 1 56 ? -14.519 -10.411 1.717   1.00 17.94 ? 78  SER B N   1 
ATOM   1154 C  CA  . SER B 1 56 ? -15.313 -11.601 1.582   1.00 19.64 ? 78  SER B CA  1 
ATOM   1155 C  C   . SER B 1 56 ? -14.792 -12.940 1.029   1.00 20.89 ? 78  SER B C   1 
ATOM   1156 O  O   . SER B 1 56 ? -15.020 -13.999 1.624   1.00 25.07 ? 78  SER B O   1 
ATOM   1157 C  CB  . SER B 1 56 ? -16.589 -11.266 0.842   1.00 19.04 ? 78  SER B CB  1 
ATOM   1158 O  OG  . SER B 1 56 ? -17.555 -11.044 1.809   1.00 20.75 ? 78  SER B OG  1 
ATOM   1159 N  N   . ASN B 1 57 ? -14.237 -13.026 -0.144  1.00 19.48 ? 79  ASN B N   1 
ATOM   1160 C  CA  . ASN B 1 57 ? -14.012 -14.428 -0.492  1.00 17.95 ? 79  ASN B CA  1 
ATOM   1161 C  C   . ASN B 1 57 ? -12.529 -14.437 -0.582  1.00 18.57 ? 79  ASN B C   1 
ATOM   1162 O  O   . ASN B 1 57 ? -11.956 -14.313 -1.652  1.00 18.83 ? 79  ASN B O   1 
ATOM   1163 C  CB  . ASN B 1 57 ? -14.769 -14.818 -1.757  1.00 18.02 ? 79  ASN B CB  1 
ATOM   1164 C  CG  . ASN B 1 57 ? -16.247 -14.335 -1.758  1.00 17.71 ? 79  ASN B CG  1 
ATOM   1165 O  OD1 . ASN B 1 57 ? -17.082 -14.870 -1.046  1.00 16.45 ? 79  ASN B OD1 1 
ATOM   1166 N  ND2 . ASN B 1 57 ? -16.548 -13.299 -2.571  1.00 17.91 ? 79  ASN B ND2 1 
ATOM   1167 N  N   . ASP B 1 58 ? -11.909 -14.440 0.594   1.00 18.08 ? 80  ASP B N   1 
ATOM   1168 C  CA  . ASP B 1 58 ? -10.527 -14.026 0.737   1.00 17.20 ? 80  ASP B CA  1 
ATOM   1169 C  C   . ASP B 1 58 ? -10.056 -14.254 2.166   1.00 17.78 ? 80  ASP B C   1 
ATOM   1170 O  O   . ASP B 1 58 ? -10.790 -14.023 3.160   1.00 17.39 ? 80  ASP B O   1 
ATOM   1171 C  CB  . ASP B 1 58 ? -10.417 -12.525 0.441   1.00 17.09 ? 80  ASP B CB  1 
ATOM   1172 C  CG  . ASP B 1 58 ? -8.985  -12.063 0.240   1.00 16.71 ? 80  ASP B CG  1 
ATOM   1173 O  OD1 . ASP B 1 58 ? -8.674  -11.645 -0.896  1.00 17.02 ? 80  ASP B OD1 1 
ATOM   1174 O  OD2 . ASP B 1 58 ? -8.164  -12.146 1.178   1.00 15.81 ? 80  ASP B OD2 1 
ATOM   1175 N  N   . LEU B 1 59 ? -8.798  -14.654 2.262   1.00 16.82 ? 81  LEU B N   1 
ATOM   1176 C  CA  . LEU B 1 59 ? -8.226  -15.042 3.517   1.00 16.95 ? 81  LEU B CA  1 
ATOM   1177 C  C   . LEU B 1 59 ? -8.462  -13.948 4.548   1.00 16.45 ? 81  LEU B C   1 
ATOM   1178 O  O   . LEU B 1 59 ? -8.878  -14.230 5.662   1.00 15.95 ? 81  LEU B O   1 
ATOM   1179 C  CB  . LEU B 1 59 ? -6.742  -15.291 3.306   1.00 18.30 ? 81  LEU B CB  1 
ATOM   1180 C  CG  . LEU B 1 59 ? -6.030  -16.486 3.934   1.00 19.49 ? 81  LEU B CG  1 
ATOM   1181 C  CD1 . LEU B 1 59 ? -5.883  -17.670 2.943   1.00 19.14 ? 81  LEU B CD1 1 
ATOM   1182 C  CD2 . LEU B 1 59 ? -4.656  -15.943 4.349   1.00 20.16 ? 81  LEU B CD2 1 
ATOM   1183 N  N   . LEU B 1 60 ? -8.232  -12.693 4.174   1.00 15.82 ? 82  LEU B N   1 
ATOM   1184 C  CA  . LEU B 1 60 ? -8.395  -11.603 5.138   1.00 16.24 ? 82  LEU B CA  1 
ATOM   1185 C  C   . LEU B 1 60 ? -9.745  -11.676 5.822   1.00 18.65 ? 82  LEU B C   1 
ATOM   1186 O  O   . LEU B 1 60 ? -9.820  -11.588 7.063   1.00 20.14 ? 82  LEU B O   1 
ATOM   1187 C  CB  . LEU B 1 60 ? -8.261  -10.246 4.496   1.00 15.00 ? 82  LEU B CB  1 
ATOM   1188 C  CG  . LEU B 1 60 ? -8.460  -9.051  5.384   1.00 14.24 ? 82  LEU B CG  1 
ATOM   1189 C  CD1 . LEU B 1 60 ? -7.534  -9.040  6.575   1.00 14.83 ? 82  LEU B CD1 1 
ATOM   1190 C  CD2 . LEU B 1 60 ? -8.145  -7.862  4.544   1.00 14.32 ? 82  LEU B CD2 1 
ATOM   1191 N  N   . GLY B 1 61 ? -10.816 -11.830 5.039   1.00 18.87 ? 83  GLY B N   1 
ATOM   1192 C  CA  . GLY B 1 61 ? -12.149 -11.971 5.619   1.00 18.94 ? 83  GLY B CA  1 
ATOM   1193 C  C   . GLY B 1 61 ? -12.381 -13.267 6.412   1.00 20.80 ? 83  GLY B C   1 
ATOM   1194 O  O   . GLY B 1 61 ? -13.353 -13.312 7.197   1.00 21.15 ? 83  GLY B O   1 
ATOM   1195 N  N   . ASP B 1 62 ? -11.559 -14.326 6.192   1.00 20.58 ? 84  ASP B N   1 
ATOM   1196 C  CA  . ASP B 1 62 ? -11.706 -15.616 6.960   1.00 21.56 ? 84  ASP B CA  1 
ATOM   1197 C  C   . ASP B 1 62 ? -11.242 -15.389 8.398   1.00 21.69 ? 84  ASP B C   1 
ATOM   1198 O  O   . ASP B 1 62 ? -11.936 -15.681 9.375   1.00 20.88 ? 84  ASP B O   1 
ATOM   1199 C  CB  . ASP B 1 62 ? -10.862 -16.781 6.407   1.00 21.54 ? 84  ASP B CB  1 
ATOM   1200 C  CG  . ASP B 1 62 ? -11.354 -17.315 5.047   1.00 23.32 ? 84  ASP B CG  1 
ATOM   1201 O  OD1 . ASP B 1 62 ? -12.173 -16.698 4.327   1.00 22.20 ? 84  ASP B OD1 1 
ATOM   1202 O  OD2 . ASP B 1 62 ? -10.866 -18.402 4.682   1.00 25.69 ? 84  ASP B OD2 1 
ATOM   1203 N  N   . LEU B 1 63 ? -10.062 -14.809 8.518   1.00 21.45 ? 85  LEU B N   1 
ATOM   1204 C  CA  . LEU B 1 63 ? -9.476  -14.800 9.791   1.00 20.68 ? 85  LEU B CA  1 
ATOM   1205 C  C   . LEU B 1 63 ? -9.882  -13.573 10.553  1.00 18.91 ? 85  LEU B C   1 
ATOM   1206 O  O   . LEU B 1 63 ? -9.947  -13.609 11.766  1.00 19.16 ? 85  LEU B O   1 
ATOM   1207 C  CB  . LEU B 1 63 ? -7.969  -15.045 9.701   1.00 22.53 ? 85  LEU B CB  1 
ATOM   1208 C  CG  . LEU B 1 63 ? -7.084  -14.555 8.571   1.00 22.19 ? 85  LEU B CG  1 
ATOM   1209 C  CD1 . LEU B 1 63 ? -6.361  -13.292 9.003   1.00 22.06 ? 85  LEU B CD1 1 
ATOM   1210 C  CD2 . LEU B 1 63 ? -6.069  -15.650 8.270   1.00 22.77 ? 85  LEU B CD2 1 
ATOM   1211 N  N   . PHE B 1 64 ? -10.223 -12.503 9.858   1.00 18.11 ? 86  PHE B N   1 
ATOM   1212 C  CA  . PHE B 1 64 ? -10.960 -11.401 10.517  1.00 17.78 ? 86  PHE B CA  1 
ATOM   1213 C  C   . PHE B 1 64 ? -12.391 -11.661 11.028  1.00 18.04 ? 86  PHE B C   1 
ATOM   1214 O  O   . PHE B 1 64 ? -12.906 -10.850 11.826  1.00 17.03 ? 86  PHE B O   1 
ATOM   1215 C  CB  . PHE B 1 64 ? -10.972 -10.187 9.645   1.00 16.84 ? 86  PHE B CB  1 
ATOM   1216 C  CG  . PHE B 1 64 ? -9.848  -9.287  9.914   1.00 16.47 ? 86  PHE B CG  1 
ATOM   1217 C  CD1 . PHE B 1 64 ? -8.831  -9.698  10.732  1.00 16.18 ? 86  PHE B CD1 1 
ATOM   1218 C  CD2 . PHE B 1 64 ? -9.795  -8.030  9.332   1.00 16.98 ? 86  PHE B CD2 1 
ATOM   1219 C  CE1 . PHE B 1 64 ? -7.773  -8.867  10.987  1.00 16.64 ? 86  PHE B CE1 1 
ATOM   1220 C  CE2 . PHE B 1 64 ? -8.739  -7.184  9.560   1.00 16.70 ? 86  PHE B CE2 1 
ATOM   1221 C  CZ  . PHE B 1 64 ? -7.723  -7.611  10.391  1.00 17.04 ? 86  PHE B CZ  1 
ATOM   1222 N  N   . GLY B 1 65 ? -12.990 -12.780 10.580  1.00 18.60 ? 87  GLY B N   1 
ATOM   1223 C  CA  . GLY B 1 65 ? -14.377 -13.130 10.822  1.00 18.92 ? 87  GLY B CA  1 
ATOM   1224 C  C   . GLY B 1 65 ? -15.500 -12.287 10.186  1.00 20.77 ? 87  GLY B C   1 
ATOM   1225 O  O   . GLY B 1 65 ? -16.634 -12.771 10.163  1.00 20.17 ? 87  GLY B O   1 
ATOM   1226 N  N   . VAL B 1 66 ? -15.243 -11.059 9.685   1.00 20.83 ? 88  VAL B N   1 
ATOM   1227 C  CA  . VAL B 1 66 ? -16.346 -10.259 9.076   1.00 21.65 ? 88  VAL B CA  1 
ATOM   1228 C  C   . VAL B 1 66 ? -16.437 -10.360 7.560   1.00 21.87 ? 88  VAL B C   1 
ATOM   1229 O  O   . VAL B 1 66 ? -15.626 -11.056 7.007   1.00 23.32 ? 88  VAL B O   1 
ATOM   1230 C  CB  . VAL B 1 66 ? -16.437 -8.801  9.540   1.00 21.57 ? 88  VAL B CB  1 
ATOM   1231 C  CG1 . VAL B 1 66 ? -16.938 -8.761  10.968  1.00 22.91 ? 88  VAL B CG1 1 
ATOM   1232 C  CG2 . VAL B 1 66 ? -15.132 -8.046  9.306   1.00 21.95 ? 88  VAL B CG2 1 
ATOM   1233 N  N   . PRO B 1 67 ? -17.464 -9.741  6.905   1.00 22.43 ? 89  PRO B N   1 
ATOM   1234 C  CA  . PRO B 1 67 ? -17.529 -9.731  5.427   1.00 21.70 ? 89  PRO B CA  1 
ATOM   1235 C  C   . PRO B 1 67 ? -16.970 -8.477  4.906   1.00 22.62 ? 89  PRO B C   1 
ATOM   1236 O  O   . PRO B 1 67 ? -16.701 -8.425  3.754   1.00 23.67 ? 89  PRO B O   1 
ATOM   1237 C  CB  . PRO B 1 67 ? -19.028 -9.647  5.138   1.00 21.73 ? 89  PRO B CB  1 
ATOM   1238 C  CG  . PRO B 1 67 ? -19.731 -9.954  6.428   1.00 21.18 ? 89  PRO B CG  1 
ATOM   1239 C  CD  . PRO B 1 67 ? -18.799 -9.460  7.482   1.00 21.84 ? 89  PRO B CD  1 
ATOM   1240 N  N   . SER B 1 68 ? -16.858 -7.453  5.753   1.00 23.32 ? 90  SER B N   1 
ATOM   1241 C  CA  . SER B 1 68 ? -16.334 -6.130  5.395   1.00 23.82 ? 90  SER B CA  1 
ATOM   1242 C  C   . SER B 1 68 ? -15.999 -5.452  6.716   1.00 22.64 ? 90  SER B C   1 
ATOM   1243 O  O   . SER B 1 68 ? -15.995 -6.104  7.725   1.00 23.49 ? 90  SER B O   1 
ATOM   1244 C  CB  . SER B 1 68 ? -17.371 -5.307  4.635   1.00 24.41 ? 90  SER B CB  1 
ATOM   1245 O  OG  . SER B 1 68 ? -18.632 -5.510  5.250   1.00 28.59 ? 90  SER B OG  1 
ATOM   1246 N  N   . PHE B 1 69 ? -15.663 -4.173  6.691   1.00 21.76 ? 91  PHE B N   1 
ATOM   1247 C  CA  . PHE B 1 69 ? -15.449 -3.362  7.895   1.00 24.11 ? 91  PHE B CA  1 
ATOM   1248 C  C   . PHE B 1 69 ? -14.950 -1.944  7.515   1.00 27.61 ? 91  PHE B C   1 
ATOM   1249 O  O   . PHE B 1 69 ? -14.652 -1.669  6.314   1.00 27.18 ? 91  PHE B O   1 
ATOM   1250 C  CB  . PHE B 1 69 ? -14.489 -4.050  8.853   1.00 24.72 ? 91  PHE B CB  1 
ATOM   1251 C  CG  . PHE B 1 69 ? -13.090 -4.306  8.271   1.00 26.42 ? 91  PHE B CG  1 
ATOM   1252 C  CD1 . PHE B 1 69 ? -12.135 -3.253  8.149   1.00 25.04 ? 91  PHE B CD1 1 
ATOM   1253 C  CD2 . PHE B 1 69 ? -12.709 -5.603  7.870   1.00 25.47 ? 91  PHE B CD2 1 
ATOM   1254 C  CE1 . PHE B 1 69 ? -10.869 -3.493  7.621   1.00 26.32 ? 91  PHE B CE1 1 
ATOM   1255 C  CE2 . PHE B 1 69 ? -11.440 -5.844  7.345   1.00 25.17 ? 91  PHE B CE2 1 
ATOM   1256 C  CZ  . PHE B 1 69 ? -10.515 -4.796  7.224   1.00 26.53 ? 91  PHE B CZ  1 
ATOM   1257 N  N   . SER B 1 70 ? -14.856 -1.028  8.487   1.00 30.35 ? 92  SER B N   1 
ATOM   1258 C  CA  . SER B 1 70 ? -14.420 0.327   8.094   1.00 35.67 ? 92  SER B CA  1 
ATOM   1259 C  C   . SER B 1 70 ? -13.000 0.686   8.458   1.00 33.47 ? 92  SER B C   1 
ATOM   1260 O  O   . SER B 1 70 ? -12.678 0.623   9.618   1.00 32.62 ? 92  SER B O   1 
ATOM   1261 C  CB  . SER B 1 70 ? -15.339 1.390   8.677   1.00 39.53 ? 92  SER B CB  1 
ATOM   1262 O  OG  . SER B 1 70 ? -14.689 2.657   8.611   1.00 48.36 ? 92  SER B OG  1 
ATOM   1263 N  N   . VAL B 1 71 ? -12.175 1.131   7.508   1.00 33.35 ? 93  VAL B N   1 
ATOM   1264 C  CA  . VAL B 1 71 ? -10.792 1.543   7.873   1.00 40.04 ? 93  VAL B CA  1 
ATOM   1265 C  C   . VAL B 1 71 ? -10.703 2.621   8.991   1.00 44.21 ? 93  VAL B C   1 
ATOM   1266 O  O   . VAL B 1 71 ? -9.607  2.922   9.504   1.00 41.08 ? 93  VAL B O   1 
ATOM   1267 C  CB  . VAL B 1 71 ? -9.837  1.862   6.661   1.00 39.52 ? 93  VAL B CB  1 
ATOM   1268 C  CG1 . VAL B 1 71 ? -10.049 0.881   5.523   1.00 40.46 ? 93  VAL B CG1 1 
ATOM   1269 C  CG2 . VAL B 1 71 ? -9.939  3.307   6.178   1.00 37.81 ? 93  VAL B CG2 1 
ATOM   1270 N  N   . LYS B 1 72 ? -11.875 3.145   9.377   1.00 48.92 ? 94  LYS B N   1 
ATOM   1271 C  CA  . LYS B 1 72 ? -12.023 4.192   10.403  1.00 50.22 ? 94  LYS B CA  1 
ATOM   1272 C  C   . LYS B 1 72 ? -12.474 3.751   11.830  1.00 50.86 ? 94  LYS B C   1 
ATOM   1273 O  O   . LYS B 1 72 ? -12.626 4.611   12.706  1.00 52.59 ? 94  LYS B O   1 
ATOM   1274 C  CB  . LYS B 1 72 ? -12.924 5.327   9.864   1.00 51.56 ? 94  LYS B CB  1 
ATOM   1275 C  CG  . LYS B 1 72 ? -12.221 6.214   8.828   1.00 53.71 ? 94  LYS B CG  1 
ATOM   1276 C  CD  . LYS B 1 72 ? -13.112 7.322   8.261   1.00 56.00 ? 94  LYS B CD  1 
ATOM   1277 C  CE  . LYS B 1 72 ? -12.663 7.789   6.873   1.00 54.14 ? 94  LYS B CE  1 
ATOM   1278 N  NZ  . LYS B 1 72 ? -13.512 8.924   6.391   1.00 53.55 ? 94  LYS B NZ  1 
ATOM   1279 N  N   . GLU B 1 73 ? -12.673 2.445   12.074  1.00 47.91 ? 95  GLU B N   1 
ATOM   1280 C  CA  . GLU B 1 73 ? -12.955 1.938   13.444  1.00 44.95 ? 95  GLU B CA  1 
ATOM   1281 C  C   . GLU B 1 73 ? -11.849 1.131   14.133  1.00 43.10 ? 95  GLU B C   1 
ATOM   1282 O  O   . GLU B 1 73 ? -12.105 0.146   14.846  1.00 41.25 ? 95  GLU B O   1 
ATOM   1283 C  CB  . GLU B 1 73 ? -14.223 1.133   13.490  1.00 41.21 ? 95  GLU B CB  1 
ATOM   1284 C  CG  . GLU B 1 73 ? -15.364 1.824   12.854  1.00 45.34 ? 95  GLU B CG  1 
ATOM   1285 C  CD  . GLU B 1 73 ? -16.313 0.796   12.361  1.00 51.53 ? 95  GLU B CD  1 
ATOM   1286 O  OE1 . GLU B 1 73 ? -15.959 0.128   11.346  1.00 54.11 ? 95  GLU B OE1 1 
ATOM   1287 O  OE2 . GLU B 1 73 ? -17.372 0.638   13.019  1.00 50.77 ? 95  GLU B OE2 1 
ATOM   1288 N  N   . HIS B 1 74 ? -10.621 1.576   13.915  1.00 42.53 ? 96  HIS B N   1 
ATOM   1289 C  CA  . HIS B 1 74 ? -9.453  1.216   14.731  1.00 40.11 ? 96  HIS B CA  1 
ATOM   1290 C  C   . HIS B 1 74 ? -9.712  0.217   15.813  1.00 37.15 ? 96  HIS B C   1 
ATOM   1291 O  O   . HIS B 1 74 ? -9.133  -0.841  15.831  1.00 37.95 ? 96  HIS B O   1 
ATOM   1292 C  CB  . HIS B 1 74 ? -8.847  2.473   15.306  1.00 38.95 ? 96  HIS B CB  1 
ATOM   1293 C  CG  . HIS B 1 74 ? -8.564  3.536   14.270  1.00 39.47 ? 96  HIS B CG  1 
ATOM   1294 N  ND1 . HIS B 1 74 ? -7.463  3.515   13.501  1.00 39.23 ? 96  HIS B ND1 1 
ATOM   1295 C  CD2 . HIS B 1 74 ? -9.284  4.676   13.896  1.00 43.99 ? 96  HIS B CD2 1 
ATOM   1296 C  CE1 . HIS B 1 74 ? -7.456  4.585   12.675  1.00 40.81 ? 96  HIS B CE1 1 
ATOM   1297 N  NE2 . HIS B 1 74 ? -8.575  5.296   12.914  1.00 46.08 ? 96  HIS B NE2 1 
ATOM   1298 N  N   . ARG B 1 75 ? -10.624 0.517   16.705  1.00 36.96 ? 97  ARG B N   1 
ATOM   1299 C  CA  . ARG B 1 75 ? -10.912 -0.384  17.813  1.00 40.01 ? 97  ARG B CA  1 
ATOM   1300 C  C   . ARG B 1 75 ? -11.244 -1.797  17.363  1.00 35.09 ? 97  ARG B C   1 
ATOM   1301 O  O   . ARG B 1 75 ? -10.801 -2.764  18.006  1.00 35.56 ? 97  ARG B O   1 
ATOM   1302 C  CB  . ARG B 1 75 ? -12.045 0.189   18.730  1.00 49.25 ? 97  ARG B CB  1 
ATOM   1303 C  CG  . ARG B 1 75 ? -13.284 0.923   18.084  1.00 52.69 ? 97  ARG B CG  1 
ATOM   1304 C  CD  . ARG B 1 75 ? -13.890 1.849   19.141  1.00 54.48 ? 97  ARG B CD  1 
ATOM   1305 N  NE  . ARG B 1 75 ? -12.827 2.263   20.100  1.00 52.42 ? 97  ARG B NE  1 
ATOM   1306 C  CZ  . ARG B 1 75 ? -12.794 1.971   21.406  1.00 50.49 ? 97  ARG B CZ  1 
ATOM   1307 N  NH1 . ARG B 1 75 ? -13.794 1.282   21.973  1.00 49.73 ? 97  ARG B NH1 1 
ATOM   1308 N  NH2 . ARG B 1 75 ? -11.765 2.386   22.151  1.00 42.26 ? 97  ARG B NH2 1 
ATOM   1309 N  N   . LYS B 1 76 ? -12.038 -1.904  16.290  1.00 32.09 ? 98  LYS B N   1 
ATOM   1310 C  CA  . LYS B 1 76 ? -12.635 -3.182  15.853  1.00 30.90 ? 98  LYS B CA  1 
ATOM   1311 C  C   . LYS B 1 76 ? -11.567 -3.966  15.119  1.00 29.28 ? 98  LYS B C   1 
ATOM   1312 O  O   . LYS B 1 76 ? -11.472 -5.201  15.213  1.00 26.33 ? 98  LYS B O   1 
ATOM   1313 C  CB  . LYS B 1 76 ? -13.771 -2.926  14.874  1.00 31.90 ? 98  LYS B CB  1 
ATOM   1314 C  CG  . LYS B 1 76 ? -14.991 -2.225  15.443  1.00 34.56 ? 98  LYS B CG  1 
ATOM   1315 C  CD  . LYS B 1 76 ? -16.000 -3.183  16.103  1.00 33.47 ? 98  LYS B CD  1 
ATOM   1316 C  CE  . LYS B 1 76 ? -17.461 -2.723  15.886  1.00 30.69 ? 98  LYS B CE  1 
ATOM   1317 N  NZ  . LYS B 1 76 ? -17.672 -1.264  16.066  1.00 25.63 ? 98  LYS B NZ  1 
ATOM   1318 N  N   . ILE B 1 77 ? -10.774 -3.194  14.375  1.00 27.26 ? 99  ILE B N   1 
ATOM   1319 C  CA  . ILE B 1 77 ? -9.583  -3.648  13.696  1.00 25.55 ? 99  ILE B CA  1 
ATOM   1320 C  C   . ILE B 1 77 ? -8.662  -4.358  14.688  1.00 25.91 ? 99  ILE B C   1 
ATOM   1321 O  O   . ILE B 1 77 ? -8.347  -5.539  14.471  1.00 27.04 ? 99  ILE B O   1 
ATOM   1322 C  CB  . ILE B 1 77 ? -8.945  -2.486  12.907  1.00 25.99 ? 99  ILE B CB  1 
ATOM   1323 C  CG1 . ILE B 1 77 ? -9.840  -2.173  11.686  1.00 27.03 ? 99  ILE B CG1 1 
ATOM   1324 C  CG2 . ILE B 1 77 ? -7.548  -2.819  12.431  1.00 24.93 ? 99  ILE B CG2 1 
ATOM   1325 C  CD1 . ILE B 1 77 ? -9.462  -0.947  10.858  1.00 27.84 ? 99  ILE B CD1 1 
ATOM   1326 N  N   . TYR B 1 78 ? -8.300  -3.692  15.799  1.00 24.89 ? 100 TYR B N   1 
ATOM   1327 C  CA  . TYR B 1 78 ? -7.517  -4.315  16.869  1.00 21.58 ? 100 TYR B CA  1 
ATOM   1328 C  C   . TYR B 1 78 ? -8.151  -5.574  17.445  1.00 21.26 ? 100 TYR B C   1 
ATOM   1329 O  O   . TYR B 1 78 ? -7.448  -6.536  17.768  1.00 20.72 ? 100 TYR B O   1 
ATOM   1330 C  CB  . TYR B 1 78 ? -7.233  -3.333  17.969  1.00 21.29 ? 100 TYR B CB  1 
ATOM   1331 C  CG  . TYR B 1 78 ? -6.162  -2.346  17.615  1.00 22.14 ? 100 TYR B CG  1 
ATOM   1332 C  CD1 . TYR B 1 78 ? -6.459  -0.997  17.456  1.00 22.01 ? 100 TYR B CD1 1 
ATOM   1333 C  CD2 . TYR B 1 78 ? -4.849  -2.743  17.461  1.00 23.25 ? 100 TYR B CD2 1 
ATOM   1334 C  CE1 . TYR B 1 78 ? -5.495  -0.073  17.122  1.00 21.72 ? 100 TYR B CE1 1 
ATOM   1335 C  CE2 . TYR B 1 78 ? -3.860  -1.816  17.150  1.00 24.12 ? 100 TYR B CE2 1 
ATOM   1336 C  CZ  . TYR B 1 78 ? -4.190  -0.481  16.969  1.00 22.73 ? 100 TYR B CZ  1 
ATOM   1337 O  OH  . TYR B 1 78 ? -3.193  0.426   16.636  1.00 22.42 ? 100 TYR B OH  1 
ATOM   1338 N  N   . THR B 1 79 ? -9.470  -5.594  17.555  1.00 20.96 ? 101 THR B N   1 
ATOM   1339 C  CA  . THR B 1 79 ? -10.131 -6.780  18.063  1.00 22.38 ? 101 THR B CA  1 
ATOM   1340 C  C   . THR B 1 79 ? -9.733  -7.931  17.115  1.00 22.58 ? 101 THR B C   1 
ATOM   1341 O  O   . THR B 1 79 ? -9.267  -9.034  17.534  1.00 21.41 ? 101 THR B O   1 
ATOM   1342 C  CB  . THR B 1 79 ? -11.684 -6.649  18.043  1.00 25.36 ? 101 THR B CB  1 
ATOM   1343 O  OG1 . THR B 1 79 ? -12.119 -5.256  18.091  1.00 25.93 ? 101 THR B OG1 1 
ATOM   1344 C  CG2 . THR B 1 79 ? -12.300 -7.481  19.130  1.00 23.25 ? 101 THR B CG2 1 
ATOM   1345 N  N   . MET B 1 80 ? -9.887  -7.637  15.824  1.00 20.76 ? 102 MET B N   1 
ATOM   1346 C  CA  . MET B 1 80 ? -9.873  -8.656  14.839  1.00 20.28 ? 102 MET B CA  1 
ATOM   1347 C  C   . MET B 1 80 ? -8.455  -9.148  14.567  1.00 21.53 ? 102 MET B C   1 
ATOM   1348 O  O   . MET B 1 80 ? -8.233  -10.364 14.331  1.00 21.93 ? 102 MET B O   1 
ATOM   1349 C  CB  . MET B 1 80 ? -10.511 -8.116  13.618  1.00 19.61 ? 102 MET B CB  1 
ATOM   1350 C  CG  . MET B 1 80 ? -12.003 -7.968  13.735  1.00 19.71 ? 102 MET B CG  1 
ATOM   1351 S  SD  . MET B 1 80 ? -12.675 -7.431  12.131  1.00 19.13 ? 102 MET B SD  1 
ATOM   1352 C  CE  . MET B 1 80 ? -12.052 -5.736  11.962  1.00 17.94 ? 102 MET B CE  1 
ATOM   1353 N  N   . ILE B 1 81 ? -7.484  -8.234  14.639  1.00 21.27 ? 103 ILE B N   1 
ATOM   1354 C  CA  . ILE B 1 81 ? -6.067  -8.633  14.636  1.00 20.50 ? 103 ILE B CA  1 
ATOM   1355 C  C   . ILE B 1 81 ? -5.786  -9.508  15.852  1.00 21.17 ? 103 ILE B C   1 
ATOM   1356 O  O   . ILE B 1 81 ? -5.238  -10.606 15.691  1.00 21.67 ? 103 ILE B O   1 
ATOM   1357 C  CB  . ILE B 1 81 ? -5.137  -7.424  14.658  1.00 20.46 ? 103 ILE B CB  1 
ATOM   1358 C  CG1 . ILE B 1 81 ? -5.112  -6.785  13.283  1.00 20.68 ? 103 ILE B CG1 1 
ATOM   1359 C  CG2 . ILE B 1 81 ? -3.732  -7.807  15.103  1.00 21.67 ? 103 ILE B CG2 1 
ATOM   1360 C  CD1 . ILE B 1 81 ? -4.948  -5.282  13.292  1.00 20.50 ? 103 ILE B CD1 1 
ATOM   1361 N  N   . TYR B 1 82 ? -6.184  -9.053  17.053  1.00 20.30 ? 104 TYR B N   1 
ATOM   1362 C  CA  . TYR B 1 82 ? -5.865  -9.819  18.278  1.00 20.15 ? 104 TYR B CA  1 
ATOM   1363 C  C   . TYR B 1 82 ? -6.465  -11.211 18.442  1.00 21.06 ? 104 TYR B C   1 
ATOM   1364 O  O   . TYR B 1 82 ? -5.986  -11.988 19.234  1.00 20.66 ? 104 TYR B O   1 
ATOM   1365 C  CB  . TYR B 1 82 ? -6.131  -9.018  19.523  1.00 18.57 ? 104 TYR B CB  1 
ATOM   1366 C  CG  . TYR B 1 82 ? -4.931  -8.263  19.969  1.00 17.34 ? 104 TYR B CG  1 
ATOM   1367 C  CD1 . TYR B 1 82 ? -4.138  -8.758  20.979  1.00 15.99 ? 104 TYR B CD1 1 
ATOM   1368 C  CD2 . TYR B 1 82 ? -4.590  -7.029  19.360  1.00 17.16 ? 104 TYR B CD2 1 
ATOM   1369 C  CE1 . TYR B 1 82 ? -3.029  -8.061  21.401  1.00 16.48 ? 104 TYR B CE1 1 
ATOM   1370 C  CE2 . TYR B 1 82 ? -3.479  -6.310  19.758  1.00 16.83 ? 104 TYR B CE2 1 
ATOM   1371 C  CZ  . TYR B 1 82 ? -2.692  -6.819  20.796  1.00 17.15 ? 104 TYR B CZ  1 
ATOM   1372 O  OH  . TYR B 1 82 ? -1.551  -6.129  21.234  1.00 17.35 ? 104 TYR B OH  1 
ATOM   1373 N  N   . ARG B 1 83 ? -7.540  -11.518 17.733  1.00 23.22 ? 105 ARG B N   1 
ATOM   1374 C  CA  . ARG B 1 83 ? -8.058  -12.877 17.747  1.00 23.98 ? 105 ARG B CA  1 
ATOM   1375 C  C   . ARG B 1 83 ? -7.049  -13.780 17.024  1.00 24.34 ? 105 ARG B C   1 
ATOM   1376 O  O   . ARG B 1 83 ? -7.116  -14.990 17.126  1.00 24.23 ? 105 ARG B O   1 
ATOM   1377 C  CB  . ARG B 1 83 ? -9.447  -12.922 17.106  1.00 25.91 ? 105 ARG B CB  1 
ATOM   1378 C  CG  . ARG B 1 83 ? -10.482 -12.176 17.928  1.00 31.05 ? 105 ARG B CG  1 
ATOM   1379 C  CD  . ARG B 1 83 ? -11.712 -11.761 17.135  1.00 37.98 ? 105 ARG B CD  1 
ATOM   1380 N  NE  . ARG B 1 83 ? -12.792 -11.285 18.029  1.00 44.19 ? 105 ARG B NE  1 
ATOM   1381 C  CZ  . ARG B 1 83 ? -13.647 -10.287 17.753  1.00 47.36 ? 105 ARG B CZ  1 
ATOM   1382 N  NH1 . ARG B 1 83 ? -13.570 -9.603  16.589  1.00 46.48 ? 105 ARG B NH1 1 
ATOM   1383 N  NH2 . ARG B 1 83 ? -14.579 -9.948  18.657  1.00 45.33 ? 105 ARG B NH2 1 
ATOM   1384 N  N   . ASN B 1 84 ? -6.091  -13.170 16.319  1.00 23.96 ? 106 ASN B N   1 
ATOM   1385 C  CA  . ASN B 1 84 ? -5.216  -13.906 15.403  1.00 22.87 ? 106 ASN B CA  1 
ATOM   1386 C  C   . ASN B 1 84 ? -3.754  -14.024 15.872  1.00 24.74 ? 106 ASN B C   1 
ATOM   1387 O  O   . ASN B 1 84 ? -2.911  -14.603 15.171  1.00 26.88 ? 106 ASN B O   1 
ATOM   1388 C  CB  . ASN B 1 84 ? -5.298  -13.335 13.992  1.00 21.14 ? 106 ASN B CB  1 
ATOM   1389 C  CG  . ASN B 1 84 ? -6.681  -13.489 13.383  1.00 21.65 ? 106 ASN B CG  1 
ATOM   1390 O  OD1 . ASN B 1 84 ? -6.942  -14.431 12.619  1.00 20.63 ? 106 ASN B OD1 1 
ATOM   1391 N  ND2 . ASN B 1 84 ? -7.582  -12.574 13.725  1.00 20.50 ? 106 ASN B ND2 1 
ATOM   1392 N  N   . LEU B 1 85 ? -3.450  -13.509 17.060  1.00 22.83 ? 107 LEU B N   1 
ATOM   1393 C  CA  . LEU B 1 85 ? -2.136  -13.709 17.642  1.00 21.23 ? 107 LEU B CA  1 
ATOM   1394 C  C   . LEU B 1 85 ? -2.152  -15.051 18.336  1.00 21.99 ? 107 LEU B C   1 
ATOM   1395 O  O   . LEU B 1 85 ? -3.172  -15.741 18.351  1.00 22.72 ? 107 LEU B O   1 
ATOM   1396 C  CB  . LEU B 1 85 ? -1.784  -12.586 18.609  1.00 20.23 ? 107 LEU B CB  1 
ATOM   1397 C  CG  . LEU B 1 85 ? -2.178  -11.273 17.965  1.00 19.71 ? 107 LEU B CG  1 
ATOM   1398 C  CD1 . LEU B 1 85 ? -1.854  -10.065 18.829  1.00 18.43 ? 107 LEU B CD1 1 
ATOM   1399 C  CD2 . LEU B 1 85 ? -1.577  -11.205 16.563  1.00 19.70 ? 107 LEU B CD2 1 
ATOM   1400 N  N   . VAL B 1 86 ? -1.001  -15.411 18.890  1.00 21.93 ? 108 VAL B N   1 
ATOM   1401 C  CA  . VAL B 1 86 ? -0.762  -16.685 19.525  1.00 21.20 ? 108 VAL B CA  1 
ATOM   1402 C  C   . VAL B 1 86 ? 0.252   -16.288 20.545  1.00 22.98 ? 108 VAL B C   1 
ATOM   1403 O  O   . VAL B 1 86 ? 0.894   -15.218 20.393  1.00 23.04 ? 108 VAL B O   1 
ATOM   1404 C  CB  . VAL B 1 86 ? -0.145  -17.685 18.545  1.00 19.86 ? 108 VAL B CB  1 
ATOM   1405 C  CG1 . VAL B 1 86 ? 1.340   -17.447 18.347  1.00 19.10 ? 108 VAL B CG1 1 
ATOM   1406 C  CG2 . VAL B 1 86 ? -0.350  -19.068 19.066  1.00 20.46 ? 108 VAL B CG2 1 
ATOM   1407 N  N   . VAL B 1 87 ? 0.417   -17.093 21.586  1.00 24.06 ? 109 VAL B N   1 
ATOM   1408 C  CA  . VAL B 1 87 ? 1.307   -16.670 22.673  1.00 27.95 ? 109 VAL B CA  1 
ATOM   1409 C  C   . VAL B 1 87 ? 2.656   -16.116 22.175  1.00 32.44 ? 109 VAL B C   1 
ATOM   1410 O  O   . VAL B 1 87 ? 3.069   -15.066 22.663  1.00 35.84 ? 109 VAL B O   1 
ATOM   1411 C  CB  . VAL B 1 87 ? 1.580   -17.766 23.704  1.00 27.56 ? 109 VAL B CB  1 
ATOM   1412 C  CG1 . VAL B 1 87 ? 2.061   -17.115 24.998  1.00 25.65 ? 109 VAL B CG1 1 
ATOM   1413 C  CG2 . VAL B 1 87 ? 0.308   -18.585 23.935  1.00 29.74 ? 109 VAL B CG2 1 
ATOM   1414 O  OXT . VAL B 1 87 ? 3.369   -16.651 21.303  1.00 33.34 ? 109 VAL B OXT 1 
HETATM 1415 O  O43 . VZV C 2 .  ? -4.571  12.736  -15.670 1.00 31.25 ? 200 VZV A O43 1 
HETATM 1416 C  C42 . VZV C 2 .  ? -3.986  11.645  -15.711 1.00 29.90 ? 200 VZV A C42 1 
HETATM 1417 N  N5  . VZV C 2 .  ? -3.262  11.247  -16.815 1.00 30.50 ? 200 VZV A N5  1 
HETATM 1418 C  C4  . VZV C 2 .  ? -3.176  12.026  -18.058 1.00 28.64 ? 200 VZV A C4  1 
HETATM 1419 C  C6  . VZV C 2 .  ? -4.625  11.947  -18.713 1.00 31.19 ? 200 VZV A C6  1 
HETATM 1420 O  O10 . VZV C 2 .  ? -4.872  12.784  -19.609 1.00 29.74 ? 200 VZV A O10 1 
HETATM 1421 N  N7  . VZV C 2 .  ? -5.661  11.028  -18.340 1.00 34.63 ? 200 VZV A N7  1 
HETATM 1422 C  C9  . VZV C 2 .  ? -5.625  9.506   -18.528 1.00 31.92 ? 200 VZV A C9  1 
HETATM 1423 C  C8  . VZV C 2 .  ? -6.934  11.568  -17.721 1.00 32.70 ? 200 VZV A C8  1 
HETATM 1424 C  C3  . VZV C 2 .  ? -2.107  11.268  -18.825 1.00 28.29 ? 200 VZV A C3  1 
HETATM 1425 C  C2  . VZV C 2 .  ? -1.430  10.309  -17.829 1.00 28.29 ? 200 VZV A C2  1 
HETATM 1426 C  C1  . VZV C 2 .  ? -2.590  9.925   -16.938 1.00 28.31 ? 200 VZV A C1  1 
HETATM 1427 C  C37 . VZV C 2 .  ? -4.220  10.747  -14.507 1.00 28.46 ? 200 VZV A C37 1 
HETATM 1428 C  C38 . VZV C 2 .  ? -3.853  11.115  -13.056 1.00 25.64 ? 200 VZV A C38 1 
HETATM 1429 C  C39 . VZV C 2 .  ? -2.481  11.703  -12.593 1.00 25.80 ? 200 VZV A C39 1 
HETATM 1430 C  C41 . VZV C 2 .  ? -1.296  11.846  -13.545 1.00 24.82 ? 200 VZV A C41 1 
HETATM 1431 C  C40 . VZV C 2 .  ? -2.748  13.016  -11.841 1.00 28.55 ? 200 VZV A C40 1 
HETATM 1432 N  N35 . VZV C 2 .  ? -4.086  9.783   -12.453 1.00 23.26 ? 200 VZV A N35 1 
HETATM 1433 C  C31 . VZV C 2 .  ? -3.921  9.349   -11.106 1.00 20.89 ? 200 VZV A C31 1 
HETATM 1434 C  C24 . VZV C 2 .  ? -2.597  8.624   -10.944 1.00 19.92 ? 200 VZV A C24 1 
HETATM 1435 C  C23 . VZV C 2 .  ? -1.942  8.826   -9.740  1.00 19.43 ? 200 VZV A C23 1 
HETATM 1436 C  C22 . VZV C 2 .  ? -0.763  8.165   -9.552  1.00 20.16 ? 200 VZV A C22 1 
HETATM 1437 C  C25 . VZV C 2 .  ? -2.072  7.818   -11.970 1.00 19.70 ? 200 VZV A C25 1 
HETATM 1438 C  C26 . VZV C 2 .  ? -0.865  7.156   -11.772 1.00 18.97 ? 200 VZV A C26 1 
HETATM 1439 C  C21 . VZV C 2 .  ? -0.234  7.341   -10.553 1.00 20.05 ? 200 VZV A C21 1 
HETATM 1440 CL CL2 . VZV C 2 .  ? 1.286   6.542   -10.150 1.00 24.96 ? 200 VZV A CL2 1 
HETATM 1441 S  S36 . VZV C 2 .  ? -5.295  9.482   -14.624 1.00 30.88 ? 200 VZV A S36 1 
HETATM 1442 C  C34 . VZV C 2 .  ? -5.139  9.094   -12.964 1.00 23.60 ? 200 VZV A C34 1 
HETATM 1443 N  N33 . VZV C 2 .  ? -5.785  8.371   -12.201 1.00 21.07 ? 200 VZV A N33 1 
HETATM 1444 C  C32 . VZV C 2 .  ? -5.202  8.497   -10.838 1.00 19.66 ? 200 VZV A C32 1 
HETATM 1445 C  C44 . VZV C 2 .  ? -6.160  9.288   -9.920  1.00 19.54 ? 200 VZV A C44 1 
HETATM 1446 C  C15 . VZV C 2 .  ? -4.863  7.128   -10.151 1.00 19.08 ? 200 VZV A C15 1 
HETATM 1447 C  C16 . VZV C 2 .  ? -4.649  7.159   -8.765  1.00 18.73 ? 200 VZV A C16 1 
HETATM 1448 C  C11 . VZV C 2 .  ? -4.318  6.020   -8.062  1.00 18.29 ? 200 VZV A C11 1 
HETATM 1449 C  C14 . VZV C 2 .  ? -4.725  5.911   -10.846 1.00 17.97 ? 200 VZV A C14 1 
HETATM 1450 C  C13 . VZV C 2 .  ? -4.391  4.779   -10.133 1.00 18.07 ? 200 VZV A C13 1 
HETATM 1451 C  C12 . VZV C 2 .  ? -4.191  4.840   -8.751  1.00 18.58 ? 200 VZV A C12 1 
HETATM 1452 CL CL1 . VZV C 2 .  ? -3.795  3.406   -7.802  1.00 19.66 ? 200 VZV A CL1 1 
HETATM 1453 O  O43 . VZV D 2 .  ? -5.643  4.408   1.757   1.00 44.48 ? 201 VZV B O43 1 
HETATM 1454 C  C42 . VZV D 2 .  ? -6.500  3.801   2.437   1.00 46.19 ? 201 VZV B C42 1 
HETATM 1455 N  N5  . VZV D 2 .  ? -7.633  3.224   1.864   1.00 44.82 ? 201 VZV B N5  1 
HETATM 1456 C  C4  . VZV D 2 .  ? -7.999  3.242   0.416   1.00 45.68 ? 201 VZV B C4  1 
HETATM 1457 C  C6  . VZV D 2 .  ? -7.956  4.617   -0.394  1.00 51.30 ? 201 VZV B C6  1 
HETATM 1458 O  O10 . VZV D 2 .  ? -9.130  4.949   -0.713  1.00 48.70 ? 201 VZV B O10 1 
HETATM 1459 N  N7  . VZV D 2 .  ? -6.814  5.425   -0.755  1.00 53.89 ? 201 VZV B N7  1 
HETATM 1460 C  C9  . VZV D 2 .  ? -6.590  6.877   -0.412  1.00 45.48 ? 201 VZV B C9  1 
HETATM 1461 C  C8  . VZV D 2 .  ? -5.691  4.861   -1.563  1.00 45.40 ? 201 VZV B C8  1 
HETATM 1462 C  C3  . VZV D 2 .  ? -9.388  2.547   0.409   1.00 41.94 ? 201 VZV B C3  1 
HETATM 1463 C  C2  . VZV D 2 .  ? -9.444  1.674   1.658   1.00 39.76 ? 201 VZV B C2  1 
HETATM 1464 C  C1  . VZV D 2 .  ? -8.656  2.500   2.658   1.00 41.06 ? 201 VZV B C1  1 
HETATM 1465 C  C37 . VZV D 2 .  ? -6.207  3.769   3.958   1.00 46.17 ? 201 VZV B C37 1 
HETATM 1466 C  C38 . VZV D 2 .  ? -4.852  3.184   4.490   1.00 43.98 ? 201 VZV B C38 1 
HETATM 1467 C  C39 . VZV D 2 .  ? -4.242  1.834   3.924   1.00 43.98 ? 201 VZV B C39 1 
HETATM 1468 C  C41 . VZV D 2 .  ? -5.283  0.730   3.555   1.00 36.08 ? 201 VZV B C41 1 
HETATM 1469 C  C40 . VZV D 2 .  ? -3.075  2.015   2.897   1.00 40.61 ? 201 VZV B C40 1 
HETATM 1470 N  N35 . VZV D 2 .  ? -5.257  2.932   5.875   1.00 43.11 ? 201 VZV B N35 1 
HETATM 1471 C  C31 . VZV D 2 .  ? -4.604  2.250   6.975   1.00 39.04 ? 201 VZV B C31 1 
HETATM 1472 C  C24 . VZV D 2 .  ? -5.127  0.850   7.274   1.00 37.04 ? 201 VZV B C24 1 
HETATM 1473 C  C23 . VZV D 2 .  ? -4.202  -0.145  7.673   1.00 36.01 ? 201 VZV B C23 1 
HETATM 1474 C  C22 . VZV D 2 .  ? -4.722  -1.406  8.000   1.00 31.84 ? 201 VZV B C22 1 
HETATM 1475 C  C25 . VZV D 2 .  ? -6.532  0.619   7.209   1.00 35.58 ? 201 VZV B C25 1 
HETATM 1476 C  C26 . VZV D 2 .  ? -7.028  -0.631  7.556   1.00 31.28 ? 201 VZV B C26 1 
HETATM 1477 C  C21 . VZV D 2 .  ? -6.097  -1.595  7.938   1.00 28.38 ? 201 VZV B C21 1 
HETATM 1478 CL CL2 . VZV D 2 .  ? -6.694  -3.138  8.364   1.00 28.10 ? 201 VZV B CL2 1 
HETATM 1479 S  S36 . VZV D 2 .  ? -7.156  4.478   5.106   1.00 46.46 ? 201 VZV B S36 1 
HETATM 1480 C  C34 . VZV D 2 .  ? -6.183  3.823   6.388   1.00 44.74 ? 201 VZV B C34 1 
HETATM 1481 N  N33 . VZV D 2 .  ? -6.141  3.957   7.656   1.00 39.24 ? 201 VZV B N33 1 
HETATM 1482 C  C32 . VZV D 2 .  ? -4.932  3.225   8.180   1.00 37.26 ? 201 VZV B C32 1 
HETATM 1483 C  C44 . VZV D 2 .  ? -3.760  4.272   8.316   1.00 35.29 ? 201 VZV B C44 1 
HETATM 1484 C  C15 . VZV D 2 .  ? -5.299  2.458   9.541   1.00 35.48 ? 201 VZV B C15 1 
HETATM 1485 C  C16 . VZV D 2 .  ? -4.333  2.110   10.548  1.00 34.34 ? 201 VZV B C16 1 
HETATM 1486 C  C11 . VZV D 2 .  ? -4.716  1.453   11.726  1.00 31.57 ? 201 VZV B C11 1 
HETATM 1487 C  C14 . VZV D 2 .  ? -6.657  2.101   9.772   1.00 34.63 ? 201 VZV B C14 1 
HETATM 1488 C  C13 . VZV D 2 .  ? -7.024  1.428   10.941  1.00 33.46 ? 201 VZV B C13 1 
HETATM 1489 C  C12 . VZV D 2 .  ? -6.054  1.106   11.907  1.00 32.30 ? 201 VZV B C12 1 
HETATM 1490 CL CL1 . VZV D 2 .  ? -6.564  0.269   13.374  1.00 35.17 ? 201 VZV B CL1 1 
# 
